data_1P3T
# 
_entry.id   1P3T 
# 
_audit_conform.dict_name       mmcif_pdbx.dic 
_audit_conform.dict_version    5.376 
_audit_conform.dict_location   http://mmcif.pdb.org/dictionaries/ascii/mmcif_pdbx.dic 
# 
loop_
_database_2.database_id 
_database_2.database_code 
_database_2.pdbx_database_accession 
_database_2.pdbx_DOI 
PDB   1P3T         pdb_00001p3t 10.2210/pdb1p3t/pdb 
RCSB  RCSB018972   ?            ?                   
WWPDB D_1000018972 ?            ?                   
# 
loop_
_pdbx_database_related.db_name 
_pdbx_database_related.db_id 
_pdbx_database_related.details 
_pdbx_database_related.content_type 
PDB 1OYK . unspecified 
PDB 1OYL . unspecified 
PDB 1OZE . unspecified 
PDB 1OZL . unspecified 
PDB 1OZR . unspecified 
PDB 1OZW . unspecified 
PDB 1P3U . unspecified 
PDB 1P3V . unspecified 
# 
_pdbx_database_status.status_code                     REL 
_pdbx_database_status.entry_id                        1P3T 
_pdbx_database_status.recvd_initial_deposition_date   2003-04-18 
_pdbx_database_status.deposit_site                    RCSB 
_pdbx_database_status.process_site                    RCSB 
_pdbx_database_status.SG_entry                        . 
_pdbx_database_status.pdb_format_compatible           Y 
_pdbx_database_status.status_code_mr                  ? 
_pdbx_database_status.status_code_sf                  ? 
_pdbx_database_status.status_code_cs                  ? 
_pdbx_database_status.status_code_nmr_data            ? 
_pdbx_database_status.methods_development_category    ? 
# 
loop_
_audit_author.name 
_audit_author.pdbx_ordinal 
'Friedman, J.' 1 
'Lad, L.'      2 
'Deshmukh, R.' 3 
'Li, H.'       4 
'Wilks, A.'    5 
'Poulos, T.L.' 6 
# 
_citation.id                        primary 
_citation.title                     
'Crystal structures of the NO- and CO-bound heme oxygenase from Neisseriae meningitidis. Implications for O2 activation' 
_citation.journal_abbrev            J.Biol.Chem. 
_citation.journal_volume            278 
_citation.page_first                34654 
_citation.page_last                 34659 
_citation.year                      2003 
_citation.journal_id_ASTM           JBCHA3 
_citation.country                   US 
_citation.journal_id_ISSN           0021-9258 
_citation.journal_id_CSD            0071 
_citation.book_publisher            ? 
_citation.pdbx_database_id_PubMed   12819228 
_citation.pdbx_database_id_DOI      10.1074/jbc.M302985200 
# 
loop_
_citation_author.citation_id 
_citation_author.name 
_citation_author.ordinal 
_citation_author.identifier_ORCID 
primary 'Friedman, J.' 1 ? 
primary 'Lad, L.'      2 ? 
primary 'Deshmukh, R.' 3 ? 
primary 'Li, H.'       4 ? 
primary 'Wilks, A.'    5 ? 
primary 'Poulos, T.L.' 6 ? 
# 
_cell.entry_id           1P3T 
_cell.length_a           63.245 
_cell.length_b           63.245 
_cell.length_c           102.142 
_cell.angle_alpha        90.00 
_cell.angle_beta         90.00 
_cell.angle_gamma        90.00 
_cell.Z_PDB              8 
_cell.pdbx_unique_axis   ? 
# 
_symmetry.entry_id                         1P3T 
_symmetry.space_group_name_H-M             'P 43 21 2' 
_symmetry.cell_setting                     tetragonal 
_symmetry.pdbx_full_space_group_name_H-M   ? 
_symmetry.Int_Tables_number                96 
# 
loop_
_entity.id 
_entity.type 
_entity.src_method 
_entity.pdbx_description 
_entity.formula_weight 
_entity.pdbx_number_of_molecules 
_entity.pdbx_ec 
_entity.pdbx_mutation 
_entity.pdbx_fragment 
_entity.details 
1 polymer     man 'Heme oxygenase 1'                23609.611 1  1.14.99.3 ? ? Heme-complexed 
2 non-polymer syn 'PROTOPORPHYRIN IX CONTAINING FE' 616.487   1  ?         ? ? ?              
3 water       nat water                             18.015    62 ?         ? ? ?              
# 
_entity_name_com.entity_id   1 
_entity_name_com.name        'HO-1; heme oxygenase (decyclizing) 1' 
# 
_entity_name_sys.entity_id   1 
_entity_name_sys.name        E.C.1.14.99.3 
# 
_entity_poly.entity_id                      1 
_entity_poly.type                           'polypeptide(L)' 
_entity_poly.nstd_linkage                   no 
_entity_poly.nstd_monomer                   no 
_entity_poly.pdbx_seq_one_letter_code       
;MSETENQALTFAKRLKADTTAVHDSVDNLVMSVQPFVSKENYIKFLKLQSVFHKAVDHIYKDAELNKAIPELEYMARYDA
VTQDLKDLGEEPYKFDKELPYEAGNKAIGWLYCAEGSNLGAAFLFKHAQKLDYNGEHGARHLAPHPDGRGKHWRAFVEHL
NALNLTPEAEAEAIQGAREAFAFYKVVLRETFGLAADAEAPEGMMPHRH
;
_entity_poly.pdbx_seq_one_letter_code_can   
;MSETENQALTFAKRLKADTTAVHDSVDNLVMSVQPFVSKENYIKFLKLQSVFHKAVDHIYKDAELNKAIPELEYMARYDA
VTQDLKDLGEEPYKFDKELPYEAGNKAIGWLYCAEGSNLGAAFLFKHAQKLDYNGEHGARHLAPHPDGRGKHWRAFVEHL
NALNLTPEAEAEAIQGAREAFAFYKVVLRETFGLAADAEAPEGMMPHRH
;
_entity_poly.pdbx_strand_id                 A 
_entity_poly.pdbx_target_identifier         ? 
# 
loop_
_entity_poly_seq.entity_id 
_entity_poly_seq.num 
_entity_poly_seq.mon_id 
_entity_poly_seq.hetero 
1 1   MET n 
1 2   SER n 
1 3   GLU n 
1 4   THR n 
1 5   GLU n 
1 6   ASN n 
1 7   GLN n 
1 8   ALA n 
1 9   LEU n 
1 10  THR n 
1 11  PHE n 
1 12  ALA n 
1 13  LYS n 
1 14  ARG n 
1 15  LEU n 
1 16  LYS n 
1 17  ALA n 
1 18  ASP n 
1 19  THR n 
1 20  THR n 
1 21  ALA n 
1 22  VAL n 
1 23  HIS n 
1 24  ASP n 
1 25  SER n 
1 26  VAL n 
1 27  ASP n 
1 28  ASN n 
1 29  LEU n 
1 30  VAL n 
1 31  MET n 
1 32  SER n 
1 33  VAL n 
1 34  GLN n 
1 35  PRO n 
1 36  PHE n 
1 37  VAL n 
1 38  SER n 
1 39  LYS n 
1 40  GLU n 
1 41  ASN n 
1 42  TYR n 
1 43  ILE n 
1 44  LYS n 
1 45  PHE n 
1 46  LEU n 
1 47  LYS n 
1 48  LEU n 
1 49  GLN n 
1 50  SER n 
1 51  VAL n 
1 52  PHE n 
1 53  HIS n 
1 54  LYS n 
1 55  ALA n 
1 56  VAL n 
1 57  ASP n 
1 58  HIS n 
1 59  ILE n 
1 60  TYR n 
1 61  LYS n 
1 62  ASP n 
1 63  ALA n 
1 64  GLU n 
1 65  LEU n 
1 66  ASN n 
1 67  LYS n 
1 68  ALA n 
1 69  ILE n 
1 70  PRO n 
1 71  GLU n 
1 72  LEU n 
1 73  GLU n 
1 74  TYR n 
1 75  MET n 
1 76  ALA n 
1 77  ARG n 
1 78  TYR n 
1 79  ASP n 
1 80  ALA n 
1 81  VAL n 
1 82  THR n 
1 83  GLN n 
1 84  ASP n 
1 85  LEU n 
1 86  LYS n 
1 87  ASP n 
1 88  LEU n 
1 89  GLY n 
1 90  GLU n 
1 91  GLU n 
1 92  PRO n 
1 93  TYR n 
1 94  LYS n 
1 95  PHE n 
1 96  ASP n 
1 97  LYS n 
1 98  GLU n 
1 99  LEU n 
1 100 PRO n 
1 101 TYR n 
1 102 GLU n 
1 103 ALA n 
1 104 GLY n 
1 105 ASN n 
1 106 LYS n 
1 107 ALA n 
1 108 ILE n 
1 109 GLY n 
1 110 TRP n 
1 111 LEU n 
1 112 TYR n 
1 113 CYS n 
1 114 ALA n 
1 115 GLU n 
1 116 GLY n 
1 117 SER n 
1 118 ASN n 
1 119 LEU n 
1 120 GLY n 
1 121 ALA n 
1 122 ALA n 
1 123 PHE n 
1 124 LEU n 
1 125 PHE n 
1 126 LYS n 
1 127 HIS n 
1 128 ALA n 
1 129 GLN n 
1 130 LYS n 
1 131 LEU n 
1 132 ASP n 
1 133 TYR n 
1 134 ASN n 
1 135 GLY n 
1 136 GLU n 
1 137 HIS n 
1 138 GLY n 
1 139 ALA n 
1 140 ARG n 
1 141 HIS n 
1 142 LEU n 
1 143 ALA n 
1 144 PRO n 
1 145 HIS n 
1 146 PRO n 
1 147 ASP n 
1 148 GLY n 
1 149 ARG n 
1 150 GLY n 
1 151 LYS n 
1 152 HIS n 
1 153 TRP n 
1 154 ARG n 
1 155 ALA n 
1 156 PHE n 
1 157 VAL n 
1 158 GLU n 
1 159 HIS n 
1 160 LEU n 
1 161 ASN n 
1 162 ALA n 
1 163 LEU n 
1 164 ASN n 
1 165 LEU n 
1 166 THR n 
1 167 PRO n 
1 168 GLU n 
1 169 ALA n 
1 170 GLU n 
1 171 ALA n 
1 172 GLU n 
1 173 ALA n 
1 174 ILE n 
1 175 GLN n 
1 176 GLY n 
1 177 ALA n 
1 178 ARG n 
1 179 GLU n 
1 180 ALA n 
1 181 PHE n 
1 182 ALA n 
1 183 PHE n 
1 184 TYR n 
1 185 LYS n 
1 186 VAL n 
1 187 VAL n 
1 188 LEU n 
1 189 ARG n 
1 190 GLU n 
1 191 THR n 
1 192 PHE n 
1 193 GLY n 
1 194 LEU n 
1 195 ALA n 
1 196 ALA n 
1 197 ASP n 
1 198 ALA n 
1 199 GLU n 
1 200 ALA n 
1 201 PRO n 
1 202 GLU n 
1 203 GLY n 
1 204 MET n 
1 205 MET n 
1 206 PRO n 
1 207 HIS n 
1 208 ARG n 
1 209 HIS n 
# 
_entity_src_gen.entity_id                          1 
_entity_src_gen.pdbx_src_id                        1 
_entity_src_gen.pdbx_alt_source_flag               sample 
_entity_src_gen.pdbx_seq_type                      ? 
_entity_src_gen.pdbx_beg_seq_num                   ? 
_entity_src_gen.pdbx_end_seq_num                   ? 
_entity_src_gen.gene_src_common_name               ? 
_entity_src_gen.gene_src_genus                     Neisseria 
_entity_src_gen.pdbx_gene_src_gene                 hemO 
_entity_src_gen.gene_src_species                   ? 
_entity_src_gen.gene_src_strain                    ? 
_entity_src_gen.gene_src_tissue                    ? 
_entity_src_gen.gene_src_tissue_fraction           ? 
_entity_src_gen.gene_src_details                   ? 
_entity_src_gen.pdbx_gene_src_fragment             ? 
_entity_src_gen.pdbx_gene_src_scientific_name      'Neisseria meningitidis' 
_entity_src_gen.pdbx_gene_src_ncbi_taxonomy_id     487 
_entity_src_gen.pdbx_gene_src_variant              ? 
_entity_src_gen.pdbx_gene_src_cell_line            ? 
_entity_src_gen.pdbx_gene_src_atcc                 ? 
_entity_src_gen.pdbx_gene_src_organ                ? 
_entity_src_gen.pdbx_gene_src_organelle            ? 
_entity_src_gen.pdbx_gene_src_cell                 ? 
_entity_src_gen.pdbx_gene_src_cellular_location    ? 
_entity_src_gen.host_org_common_name               ? 
_entity_src_gen.pdbx_host_org_scientific_name      'Escherichia coli BL21(DE3)' 
_entity_src_gen.pdbx_host_org_ncbi_taxonomy_id     469008 
_entity_src_gen.host_org_genus                     Escherichia 
_entity_src_gen.pdbx_host_org_gene                 ? 
_entity_src_gen.pdbx_host_org_organ                ? 
_entity_src_gen.host_org_species                   'Escherichia coli' 
_entity_src_gen.pdbx_host_org_tissue               ? 
_entity_src_gen.pdbx_host_org_tissue_fraction      ? 
_entity_src_gen.pdbx_host_org_strain               'BL21(DE3)' 
_entity_src_gen.pdbx_host_org_variant              ? 
_entity_src_gen.pdbx_host_org_cell_line            ? 
_entity_src_gen.pdbx_host_org_atcc                 ? 
_entity_src_gen.pdbx_host_org_culture_collection   ? 
_entity_src_gen.pdbx_host_org_cell                 ? 
_entity_src_gen.pdbx_host_org_organelle            ? 
_entity_src_gen.pdbx_host_org_cellular_location    ? 
_entity_src_gen.pdbx_host_org_vector_type          plasmid 
_entity_src_gen.pdbx_host_org_vector               ? 
_entity_src_gen.host_org_details                   ? 
_entity_src_gen.expression_system_id               ? 
_entity_src_gen.plasmid_name                       pWMZ1651 
_entity_src_gen.plasmid_details                    ? 
_entity_src_gen.pdbx_description                   ? 
# 
_struct_ref.id                         1 
_struct_ref.entity_id                  1 
_struct_ref.db_name                    UNP 
_struct_ref.db_code                    Q9RGD9_NEIME 
_struct_ref.pdbx_db_accession          Q9RGD9 
_struct_ref.pdbx_align_begin           22 
_struct_ref.pdbx_seq_one_letter_code   
;MSETENQALTFAKRLKADTTAVHDSVDNLVMSVQPFVSKENYIKFLKLQSVFHKAVDHIYKDAELNKAIPELEYMARYDA
VTQDLKDLGEEPYKFDKELPYEAGNKAIGWLYCAEGSNLGAAFLFKHAQKLDYNGEHGARHLAPHPDGRGKHWRAFVEHL
NALNLTPEAEAEAIQGAREAFAFYKVVLRETFGLAADAEAPEGMMPHRH
;
_struct_ref.pdbx_db_isoform            ? 
# 
_struct_ref_seq.align_id                      1 
_struct_ref_seq.ref_id                        1 
_struct_ref_seq.pdbx_PDB_id_code              1P3T 
_struct_ref_seq.pdbx_strand_id                A 
_struct_ref_seq.seq_align_beg                 1 
_struct_ref_seq.pdbx_seq_align_beg_ins_code   ? 
_struct_ref_seq.seq_align_end                 209 
_struct_ref_seq.pdbx_seq_align_end_ins_code   ? 
_struct_ref_seq.pdbx_db_accession             Q9RGD9 
_struct_ref_seq.db_align_beg                  22 
_struct_ref_seq.pdbx_db_align_beg_ins_code    ? 
_struct_ref_seq.db_align_end                  230 
_struct_ref_seq.pdbx_db_align_end_ins_code    ? 
_struct_ref_seq.pdbx_auth_seq_align_beg       1 
_struct_ref_seq.pdbx_auth_seq_align_end       209 
# 
loop_
_chem_comp.id 
_chem_comp.type 
_chem_comp.mon_nstd_flag 
_chem_comp.name 
_chem_comp.pdbx_synonyms 
_chem_comp.formula 
_chem_comp.formula_weight 
ALA 'L-peptide linking' y ALANINE                           ?    'C3 H7 N O2'       89.093  
ARG 'L-peptide linking' y ARGININE                          ?    'C6 H15 N4 O2 1'   175.209 
ASN 'L-peptide linking' y ASPARAGINE                        ?    'C4 H8 N2 O3'      132.118 
ASP 'L-peptide linking' y 'ASPARTIC ACID'                   ?    'C4 H7 N O4'       133.103 
CYS 'L-peptide linking' y CYSTEINE                          ?    'C3 H7 N O2 S'     121.158 
GLN 'L-peptide linking' y GLUTAMINE                         ?    'C5 H10 N2 O3'     146.144 
GLU 'L-peptide linking' y 'GLUTAMIC ACID'                   ?    'C5 H9 N O4'       147.129 
GLY 'peptide linking'   y GLYCINE                           ?    'C2 H5 N O2'       75.067  
HEM non-polymer         . 'PROTOPORPHYRIN IX CONTAINING FE' HEME 'C34 H32 Fe N4 O4' 616.487 
HIS 'L-peptide linking' y HISTIDINE                         ?    'C6 H10 N3 O2 1'   156.162 
HOH non-polymer         . WATER                             ?    'H2 O'             18.015  
ILE 'L-peptide linking' y ISOLEUCINE                        ?    'C6 H13 N O2'      131.173 
LEU 'L-peptide linking' y LEUCINE                           ?    'C6 H13 N O2'      131.173 
LYS 'L-peptide linking' y LYSINE                            ?    'C6 H15 N2 O2 1'   147.195 
MET 'L-peptide linking' y METHIONINE                        ?    'C5 H11 N O2 S'    149.211 
PHE 'L-peptide linking' y PHENYLALANINE                     ?    'C9 H11 N O2'      165.189 
PRO 'L-peptide linking' y PROLINE                           ?    'C5 H9 N O2'       115.130 
SER 'L-peptide linking' y SERINE                            ?    'C3 H7 N O3'       105.093 
THR 'L-peptide linking' y THREONINE                         ?    'C4 H9 N O3'       119.119 
TRP 'L-peptide linking' y TRYPTOPHAN                        ?    'C11 H12 N2 O2'    204.225 
TYR 'L-peptide linking' y TYROSINE                          ?    'C9 H11 N O3'      181.189 
VAL 'L-peptide linking' y VALINE                            ?    'C5 H11 N O2'      117.146 
# 
_exptl.entry_id          1P3T 
_exptl.method            'X-RAY DIFFRACTION' 
_exptl.crystals_number   1 
# 
_exptl_crystal.id                    1 
_exptl_crystal.density_meas          ? 
_exptl_crystal.density_percent_sol   43.12 
_exptl_crystal.description           ? 
_exptl_crystal.density_Matthews      2.16 
# 
_exptl_crystal_grow.crystal_id      1 
_exptl_crystal_grow.method          'VAPOR DIFFUSION, HANGING DROP' 
_exptl_crystal_grow.temp            298 
_exptl_crystal_grow.pH              8.5 
_exptl_crystal_grow.pdbx_details    'tris-HCl, sodium acetate, PEG 3350, pH 8.5, VAPOR DIFFUSION, HANGING DROP, temperature 298K' 
_exptl_crystal_grow.temp_details    ? 
_exptl_crystal_grow.pdbx_pH_range   . 
# 
_diffrn.id                     1 
_diffrn.ambient_temp           119 
_diffrn.ambient_temp_details   ? 
_diffrn.crystal_id             1 
# 
_diffrn_detector.diffrn_id              1 
_diffrn_detector.detector               'IMAGE PLATE' 
_diffrn_detector.type                   'RIGAKU RAXIS IV' 
_diffrn_detector.pdbx_collection_date   2002-07-14 
_diffrn_detector.details                mirrors 
# 
_diffrn_radiation.diffrn_id                        1 
_diffrn_radiation.wavelength_id                    1 
_diffrn_radiation.pdbx_monochromatic_or_laue_m_l   M 
_diffrn_radiation.monochromator                    'yale mirrors' 
_diffrn_radiation.pdbx_diffrn_protocol             'SINGLE WAVELENGTH' 
_diffrn_radiation.pdbx_scattering_type             x-ray 
# 
_diffrn_radiation_wavelength.id           1 
_diffrn_radiation_wavelength.wavelength   1.5418 
_diffrn_radiation_wavelength.wt           1.0 
# 
_diffrn_source.diffrn_id                   1 
_diffrn_source.source                      'ROTATING ANODE' 
_diffrn_source.type                        RIGAKU 
_diffrn_source.pdbx_synchrotron_site       ? 
_diffrn_source.pdbx_synchrotron_beamline   ? 
_diffrn_source.pdbx_wavelength             ? 
_diffrn_source.pdbx_wavelength_list        1.5418 
# 
_reflns.entry_id                     1P3T 
_reflns.observed_criterion_sigma_F   ? 
_reflns.observed_criterion_sigma_I   2.0 
_reflns.d_resolution_high            2.10 
_reflns.d_resolution_low             50.0 
_reflns.number_all                   ? 
_reflns.number_obs                   12602 
_reflns.percent_possible_obs         94.6 
_reflns.pdbx_Rmerge_I_obs            0.051 
_reflns.pdbx_Rsym_value              0.067 
_reflns.pdbx_netI_over_sigmaI        38.5 
_reflns.B_iso_Wilson_estimate        ? 
_reflns.pdbx_redundancy              9.5 
_reflns.R_free_details               ? 
_reflns.limit_h_max                  ? 
_reflns.limit_h_min                  ? 
_reflns.limit_k_max                  ? 
_reflns.limit_k_min                  ? 
_reflns.limit_l_max                  ? 
_reflns.limit_l_min                  ? 
_reflns.observed_criterion_F_max     ? 
_reflns.observed_criterion_F_min     ? 
_reflns.pdbx_diffrn_id               1 
_reflns.pdbx_ordinal                 1 
# 
_reflns_shell.d_res_high             2.10 
_reflns_shell.d_res_low              2.18 
_reflns_shell.percent_possible_all   97.8 
_reflns_shell.Rmerge_I_obs           0.611 
_reflns_shell.pdbx_Rsym_value        0.555 
_reflns_shell.meanI_over_sigI_obs    2.37 
_reflns_shell.pdbx_redundancy        4.67 
_reflns_shell.percent_possible_obs   ? 
_reflns_shell.number_unique_all      1284 
_reflns_shell.pdbx_diffrn_id         ? 
_reflns_shell.pdbx_ordinal           1 
# 
_refine.entry_id                                 1P3T 
_refine.ls_d_res_high                            2.10 
_refine.ls_d_res_low                             50.0 
_refine.pdbx_ls_sigma_F                          0.0 
_refine.pdbx_ls_sigma_I                          ? 
_refine.ls_number_reflns_all                     12602 
_refine.ls_number_reflns_obs                     12602 
_refine.ls_number_reflns_R_free                  609 
_refine.ls_percent_reflns_obs                    94.6 
_refine.ls_R_factor_all                          ? 
_refine.ls_R_factor_obs                          ? 
_refine.ls_R_factor_R_work                       0.254 
_refine.ls_R_factor_R_free                       0.297 
_refine.ls_redundancy_reflns_obs                 ? 
_refine.pdbx_data_cutoff_high_absF               ? 
_refine.pdbx_data_cutoff_low_absF                ? 
_refine.ls_number_parameters                     ? 
_refine.ls_number_restraints                     ? 
_refine.ls_percent_reflns_R_free                 4.8 
_refine.ls_R_factor_R_free_error                 ? 
_refine.ls_R_factor_R_free_error_details         ? 
_refine.pdbx_method_to_determine_struct          'MOLECULAR REPLACEMENT' 
_refine.pdbx_starting_model                      1J77 
_refine.pdbx_ls_cross_valid_method               THROUGHOUT 
_refine.pdbx_R_Free_selection_details            random 
_refine.pdbx_stereochem_target_val_spec_case     ? 
_refine.pdbx_stereochemistry_target_values       'Engh & Huber' 
_refine.solvent_model_details                    ? 
_refine.solvent_model_param_bsol                 ? 
_refine.solvent_model_param_ksol                 ? 
_refine.occupancy_max                            ? 
_refine.occupancy_min                            ? 
_refine.pdbx_isotropic_thermal_model             isotropic 
_refine.B_iso_mean                               46.44 
_refine.aniso_B[1][1]                            ? 
_refine.aniso_B[1][2]                            ? 
_refine.aniso_B[1][3]                            ? 
_refine.aniso_B[2][2]                            ? 
_refine.aniso_B[2][3]                            ? 
_refine.aniso_B[3][3]                            ? 
_refine.details                                  ? 
_refine.B_iso_min                                ? 
_refine.B_iso_max                                ? 
_refine.correlation_coeff_Fo_to_Fc               ? 
_refine.correlation_coeff_Fo_to_Fc_free          ? 
_refine.pdbx_solvent_vdw_probe_radii             ? 
_refine.pdbx_solvent_ion_probe_radii             ? 
_refine.pdbx_solvent_shrinkage_radii             ? 
_refine.overall_SU_R_Cruickshank_DPI             ? 
_refine.overall_SU_R_free                        ? 
_refine.overall_SU_B                             ? 
_refine.overall_SU_ML                            ? 
_refine.pdbx_overall_ESU_R                       ? 
_refine.pdbx_overall_ESU_R_Free                  ? 
_refine.pdbx_data_cutoff_high_rms_absF           ? 
_refine.pdbx_refine_id                           'X-RAY DIFFRACTION' 
_refine.pdbx_diffrn_id                           1 
_refine.pdbx_TLS_residual_ADP_flag               ? 
_refine.pdbx_overall_phase_error                 ? 
_refine.pdbx_overall_SU_R_free_Cruickshank_DPI   ? 
_refine.pdbx_overall_SU_R_Blow_DPI               ? 
_refine.pdbx_overall_SU_R_free_Blow_DPI          ? 
# 
_refine_hist.pdbx_refine_id                   'X-RAY DIFFRACTION' 
_refine_hist.cycle_id                         LAST 
_refine_hist.pdbx_number_atoms_protein        1579 
_refine_hist.pdbx_number_atoms_nucleic_acid   0 
_refine_hist.pdbx_number_atoms_ligand         43 
_refine_hist.number_atoms_solvent             62 
_refine_hist.number_atoms_total               1684 
_refine_hist.d_res_high                       2.10 
_refine_hist.d_res_low                        50.0 
# 
loop_
_refine_ls_restr.type 
_refine_ls_restr.dev_ideal 
_refine_ls_restr.dev_ideal_target 
_refine_ls_restr.weight 
_refine_ls_restr.number 
_refine_ls_restr.pdbx_refine_id 
_refine_ls_restr.pdbx_restraint_function 
c_bond_d    0.009 ? ? ? 'X-RAY DIFFRACTION' ? 
c_angle_deg 1.37  ? ? ? 'X-RAY DIFFRACTION' ? 
# 
_struct.entry_id                  1P3T 
_struct.title                     
'Crystal Structures of the NO-and CO-Bound Heme Oxygenase From Neisseria Meningitidis: Implications for Oxygen Activation' 
_struct.pdbx_model_details        ? 
_struct.pdbx_CASP_flag            ? 
_struct.pdbx_model_type_details   ? 
# 
_struct_keywords.entry_id        1P3T 
_struct_keywords.pdbx_keywords   OXIDOREDUCTASE 
_struct_keywords.text            'heme oxygenase, heme degradation, OXIDOREDUCTASE' 
# 
loop_
_struct_asym.id 
_struct_asym.pdbx_blank_PDB_chainid_flag 
_struct_asym.pdbx_modified 
_struct_asym.entity_id 
_struct_asym.details 
A N N 1 ? 
B N N 2 ? 
C N N 3 ? 
# 
_struct_biol.id                    1 
_struct_biol.pdbx_parent_biol_id   ? 
_struct_biol.details               ? 
# 
loop_
_struct_conf.conf_type_id 
_struct_conf.id 
_struct_conf.pdbx_PDB_helix_id 
_struct_conf.beg_label_comp_id 
_struct_conf.beg_label_asym_id 
_struct_conf.beg_label_seq_id 
_struct_conf.pdbx_beg_PDB_ins_code 
_struct_conf.end_label_comp_id 
_struct_conf.end_label_asym_id 
_struct_conf.end_label_seq_id 
_struct_conf.pdbx_end_PDB_ins_code 
_struct_conf.beg_auth_comp_id 
_struct_conf.beg_auth_asym_id 
_struct_conf.beg_auth_seq_id 
_struct_conf.end_auth_comp_id 
_struct_conf.end_auth_asym_id 
_struct_conf.end_auth_seq_id 
_struct_conf.pdbx_PDB_helix_class 
_struct_conf.details 
_struct_conf.pdbx_PDB_helix_length 
HELX_P HELX_P1  1  THR A 10  ? VAL A 33  ? THR A 10  VAL A 33  1 ? 24 
HELX_P HELX_P2  2  SER A 38  ? VAL A 56  ? SER A 38  VAL A 56  1 ? 19 
HELX_P HELX_P3  3  VAL A 56  ? LYS A 61  ? VAL A 56  LYS A 61  1 ? 6  
HELX_P HELX_P4  4  GLU A 64  ? ILE A 69  ? GLU A 64  ILE A 69  1 ? 6  
HELX_P HELX_P5  5  GLU A 71  ? ALA A 76  ? GLU A 71  ALA A 76  5 ? 6  
HELX_P HELX_P6  6  ARG A 77  ? LEU A 88  ? ARG A 77  LEU A 88  1 ? 12 
HELX_P HELX_P7  7  ALA A 103 ? GLY A 120 ? ALA A 103 GLY A 120 1 ? 18 
HELX_P HELX_P8  8  GLY A 120 ? GLN A 129 ? GLY A 120 GLN A 129 1 ? 10 
HELX_P HELX_P9  9  LYS A 130 ? ASP A 132 ? LYS A 130 ASP A 132 5 ? 3  
HELX_P HELX_P10 10 ALA A 139 ? ALA A 143 ? ALA A 139 ALA A 143 5 ? 5  
HELX_P HELX_P11 11 GLY A 148 ? LEU A 163 ? GLY A 148 LEU A 163 1 ? 16 
HELX_P HELX_P12 12 THR A 166 ? PHE A 192 ? THR A 166 PHE A 192 1 ? 27 
# 
_struct_conf_type.id          HELX_P 
_struct_conf_type.criteria    ? 
_struct_conf_type.reference   ? 
# 
_struct_conn.id                            metalc1 
_struct_conn.conn_type_id                  metalc 
_struct_conn.pdbx_leaving_atom_flag        ? 
_struct_conn.pdbx_PDB_id                   ? 
_struct_conn.ptnr1_label_asym_id           A 
_struct_conn.ptnr1_label_comp_id           HIS 
_struct_conn.ptnr1_label_seq_id            23 
_struct_conn.ptnr1_label_atom_id           NE2 
_struct_conn.pdbx_ptnr1_label_alt_id       ? 
_struct_conn.pdbx_ptnr1_PDB_ins_code       ? 
_struct_conn.pdbx_ptnr1_standard_comp_id   ? 
_struct_conn.ptnr1_symmetry                1_555 
_struct_conn.ptnr2_label_asym_id           B 
_struct_conn.ptnr2_label_comp_id           HEM 
_struct_conn.ptnr2_label_seq_id            . 
_struct_conn.ptnr2_label_atom_id           FE 
_struct_conn.pdbx_ptnr2_label_alt_id       ? 
_struct_conn.pdbx_ptnr2_PDB_ins_code       ? 
_struct_conn.ptnr1_auth_asym_id            A 
_struct_conn.ptnr1_auth_comp_id            HIS 
_struct_conn.ptnr1_auth_seq_id             23 
_struct_conn.ptnr2_auth_asym_id            A 
_struct_conn.ptnr2_auth_comp_id            HEM 
_struct_conn.ptnr2_auth_seq_id             300 
_struct_conn.ptnr2_symmetry                1_555 
_struct_conn.pdbx_ptnr3_label_atom_id      ? 
_struct_conn.pdbx_ptnr3_label_seq_id       ? 
_struct_conn.pdbx_ptnr3_label_comp_id      ? 
_struct_conn.pdbx_ptnr3_label_asym_id      ? 
_struct_conn.pdbx_ptnr3_label_alt_id       ? 
_struct_conn.pdbx_ptnr3_PDB_ins_code       ? 
_struct_conn.details                       ? 
_struct_conn.pdbx_dist_value               2.123 
_struct_conn.pdbx_value_order              ? 
_struct_conn.pdbx_role                     ? 
# 
_struct_conn_type.id          metalc 
_struct_conn_type.criteria    ? 
_struct_conn_type.reference   ? 
# 
_struct_site.id                   AC1 
_struct_site.pdbx_evidence_code   Software 
_struct_site.pdbx_auth_asym_id    A 
_struct_site.pdbx_auth_comp_id    HEM 
_struct_site.pdbx_auth_seq_id     300 
_struct_site.pdbx_auth_ins_code   ? 
_struct_site.pdbx_num_residues    16 
_struct_site.details              'BINDING SITE FOR RESIDUE HEM A 300' 
# 
loop_
_struct_site_gen.id 
_struct_site_gen.site_id 
_struct_site_gen.pdbx_num_res 
_struct_site_gen.label_comp_id 
_struct_site_gen.label_asym_id 
_struct_site_gen.label_seq_id 
_struct_site_gen.pdbx_auth_ins_code 
_struct_site_gen.auth_comp_id 
_struct_site_gen.auth_asym_id 
_struct_site_gen.auth_seq_id 
_struct_site_gen.label_atom_id 
_struct_site_gen.label_alt_id 
_struct_site_gen.symmetry 
_struct_site_gen.details 
1  AC1 16 LYS A 16  ? LYS A 16  . ? 1_555 ? 
2  AC1 16 HIS A 23  ? HIS A 23  . ? 1_555 ? 
3  AC1 16 ASP A 27  ? ASP A 27  . ? 1_555 ? 
4  AC1 16 MET A 31  ? MET A 31  . ? 1_555 ? 
5  AC1 16 TYR A 112 ? TYR A 112 . ? 1_555 ? 
6  AC1 16 CYS A 113 ? CYS A 113 . ? 1_555 ? 
7  AC1 16 GLY A 116 ? GLY A 116 . ? 1_555 ? 
8  AC1 16 SER A 117 ? SER A 117 . ? 1_555 ? 
9  AC1 16 LEU A 119 ? LEU A 119 . ? 1_555 ? 
10 AC1 16 GLY A 120 ? GLY A 120 . ? 1_555 ? 
11 AC1 16 PHE A 123 ? PHE A 123 . ? 1_555 ? 
12 AC1 16 LEU A 124 ? LEU A 124 . ? 1_555 ? 
13 AC1 16 PHE A 181 ? PHE A 181 . ? 1_555 ? 
14 AC1 16 TYR A 184 ? TYR A 184 . ? 1_555 ? 
15 AC1 16 HOH C .   ? HOH A 332 . ? 1_555 ? 
16 AC1 16 HOH C .   ? HOH A 355 . ? 1_555 ? 
# 
_atom_sites.entry_id                    1P3T 
_atom_sites.fract_transf_matrix[1][1]   -0.00156608 
_atom_sites.fract_transf_matrix[1][2]   0.01339488 
_atom_sites.fract_transf_matrix[1][3]   -0.00825494 
_atom_sites.fract_transf_matrix[2][1]   0.00650179 
_atom_sites.fract_transf_matrix[2][2]   0.00810525 
_atom_sites.fract_transf_matrix[2][3]   0.01191851 
_atom_sites.fract_transf_matrix[3][1]   0.00887122 
_atom_sites.fract_transf_matrix[3][2]   -0.00137075 
_atom_sites.fract_transf_matrix[3][3]   -0.00390725 
_atom_sites.fract_transf_vector[1]      0.269199 
_atom_sites.fract_transf_vector[2]      0.161351 
_atom_sites.fract_transf_vector[3]      0.266243 
# 
loop_
_atom_type.symbol 
C  
FE 
N  
O  
S  
# 
loop_
_atom_site.group_PDB 
_atom_site.id 
_atom_site.type_symbol 
_atom_site.label_atom_id 
_atom_site.label_alt_id 
_atom_site.label_comp_id 
_atom_site.label_asym_id 
_atom_site.label_entity_id 
_atom_site.label_seq_id 
_atom_site.pdbx_PDB_ins_code 
_atom_site.Cartn_x 
_atom_site.Cartn_y 
_atom_site.Cartn_z 
_atom_site.occupancy 
_atom_site.B_iso_or_equiv 
_atom_site.pdbx_formal_charge 
_atom_site.auth_seq_id 
_atom_site.auth_comp_id 
_atom_site.auth_asym_id 
_atom_site.auth_atom_id 
_atom_site.pdbx_PDB_model_num 
ATOM   1    N  N   . ALA A 1 8   ? -21.025 11.060  -0.339  1.00 67.99 ? 8   ALA A N   1 
ATOM   2    C  CA  . ALA A 1 8   ? -19.798 11.334  0.469   1.00 68.35 ? 8   ALA A CA  1 
ATOM   3    C  C   . ALA A 1 8   ? -19.563 12.839  0.574   1.00 68.29 ? 8   ALA A C   1 
ATOM   4    O  O   . ALA A 1 8   ? -19.340 13.515  -0.435  1.00 68.09 ? 8   ALA A O   1 
ATOM   5    C  CB  . ALA A 1 8   ? -18.588 10.650  -0.169  1.00 68.56 ? 8   ALA A CB  1 
ATOM   6    N  N   . LEU A 1 9   ? -19.600 13.357  1.800   1.00 68.04 ? 9   LEU A N   1 
ATOM   7    C  CA  . LEU A 1 9   ? -19.420 14.788  2.024   1.00 67.63 ? 9   LEU A CA  1 
ATOM   8    C  C   . LEU A 1 9   ? -18.020 15.187  2.492   1.00 66.60 ? 9   LEU A C   1 
ATOM   9    O  O   . LEU A 1 9   ? -17.832 16.290  3.010   1.00 66.88 ? 9   LEU A O   1 
ATOM   10   C  CB  . LEU A 1 9   ? -20.475 15.297  3.023   1.00 68.17 ? 9   LEU A CB  1 
ATOM   11   C  CG  . LEU A 1 9   ? -21.949 15.247  2.584   1.00 68.45 ? 9   LEU A CG  1 
ATOM   12   C  CD1 . LEU A 1 9   ? -22.394 13.804  2.365   1.00 68.30 ? 9   LEU A CD1 1 
ATOM   13   C  CD2 . LEU A 1 9   ? -22.819 15.905  3.641   1.00 68.19 ? 9   LEU A CD2 1 
ATOM   14   N  N   . THR A 1 10  ? -17.047 14.295  2.312   1.00 65.19 ? 10  THR A N   1 
ATOM   15   C  CA  . THR A 1 10  ? -15.661 14.570  2.698   1.00 63.40 ? 10  THR A CA  1 
ATOM   16   C  C   . THR A 1 10  ? -14.705 13.971  1.664   1.00 62.48 ? 10  THR A C   1 
ATOM   17   O  O   . THR A 1 10  ? -15.060 13.032  0.946   1.00 62.02 ? 10  THR A O   1 
ATOM   18   C  CB  . THR A 1 10  ? -15.316 13.983  4.095   1.00 63.18 ? 10  THR A CB  1 
ATOM   19   O  OG1 . THR A 1 10  ? -14.668 12.716  3.944   1.00 62.48 ? 10  THR A OG1 1 
ATOM   20   C  CG2 . THR A 1 10  ? -16.580 13.798  4.929   1.00 63.18 ? 10  THR A CG2 1 
ATOM   21   N  N   . PHE A 1 11  ? -13.495 14.514  1.593   1.00 61.27 ? 11  PHE A N   1 
ATOM   22   C  CA  . PHE A 1 11  ? -12.500 14.035  0.640   1.00 60.59 ? 11  PHE A CA  1 
ATOM   23   C  C   . PHE A 1 11  ? -12.075 12.580  0.912   1.00 59.89 ? 11  PHE A C   1 
ATOM   24   O  O   . PHE A 1 11  ? -12.070 11.744  0.006   1.00 59.18 ? 11  PHE A O   1 
ATOM   25   C  CB  . PHE A 1 11  ? -11.282 14.969  0.662   1.00 60.37 ? 11  PHE A CB  1 
ATOM   26   C  CG  . PHE A 1 11  ? -10.177 14.567  -0.283  1.00 60.35 ? 11  PHE A CG  1 
ATOM   27   C  CD1 . PHE A 1 11  ? -10.463 14.098  -1.563  1.00 59.92 ? 11  PHE A CD1 1 
ATOM   28   C  CD2 . PHE A 1 11  ? -8.839  14.684  0.104   1.00 59.97 ? 11  PHE A CD2 1 
ATOM   29   C  CE1 . PHE A 1 11  ? -9.433  13.748  -2.446  1.00 59.53 ? 11  PHE A CE1 1 
ATOM   30   C  CE2 . PHE A 1 11  ? -7.808  14.339  -0.769  1.00 59.62 ? 11  PHE A CE2 1 
ATOM   31   C  CZ  . PHE A 1 11  ? -8.107  13.870  -2.048  1.00 59.32 ? 11  PHE A CZ  1 
ATOM   32   N  N   . ALA A 1 12  ? -11.738 12.284  2.160   1.00 59.15 ? 12  ALA A N   1 
ATOM   33   C  CA  . ALA A 1 12  ? -11.307 10.944  2.539   1.00 59.08 ? 12  ALA A CA  1 
ATOM   34   C  C   . ALA A 1 12  ? -12.371 9.888   2.271   1.00 59.05 ? 12  ALA A C   1 
ATOM   35   O  O   . ALA A 1 12  ? -12.055 8.747   1.935   1.00 58.74 ? 12  ALA A O   1 
ATOM   36   C  CB  . ALA A 1 12  ? -10.919 10.921  4.009   1.00 58.92 ? 12  ALA A CB  1 
ATOM   37   N  N   . LYS A 1 13  ? -13.634 10.269  2.429   1.00 59.21 ? 13  LYS A N   1 
ATOM   38   C  CA  . LYS A 1 13  ? -14.736 9.341   2.207   1.00 59.19 ? 13  LYS A CA  1 
ATOM   39   C  C   . LYS A 1 13  ? -14.994 9.123   0.720   1.00 58.85 ? 13  LYS A C   1 
ATOM   40   O  O   . LYS A 1 13  ? -15.363 8.023   0.303   1.00 58.74 ? 13  LYS A O   1 
ATOM   41   C  CB  . LYS A 1 13  ? -16.009 9.852   2.889   1.00 59.77 ? 13  LYS A CB  1 
ATOM   42   C  CG  . LYS A 1 13  ? -15.931 9.865   4.408   1.00 60.45 ? 13  LYS A CG  1 
ATOM   43   C  CD  . LYS A 1 13  ? -17.258 10.266  5.033   1.00 61.24 ? 13  LYS A CD  1 
ATOM   44   C  CE  . LYS A 1 13  ? -17.165 10.247  6.550   1.00 61.94 ? 13  LYS A CE  1 
ATOM   45   N  NZ  . LYS A 1 13  ? -18.457 10.607  7.198   1.00 62.90 ? 13  LYS A NZ  1 
ATOM   46   N  N   . ARG A 1 14  ? -14.809 10.167  -0.082  1.00 58.34 ? 14  ARG A N   1 
ATOM   47   C  CA  . ARG A 1 14  ? -15.016 10.029  -1.516  1.00 58.32 ? 14  ARG A CA  1 
ATOM   48   C  C   . ARG A 1 14  ? -13.950 9.101   -2.107  1.00 57.45 ? 14  ARG A C   1 
ATOM   49   O  O   . ARG A 1 14  ? -14.248 8.283   -2.980  1.00 57.12 ? 14  ARG A O   1 
ATOM   50   C  CB  . ARG A 1 14  ? -14.997 11.400  -2.201  1.00 59.48 ? 14  ARG A CB  1 
ATOM   51   C  CG  . ARG A 1 14  ? -16.300 12.180  -2.021  1.00 61.21 ? 14  ARG A CG  1 
ATOM   52   C  CD  . ARG A 1 14  ? -16.332 13.456  -2.847  1.00 63.12 ? 14  ARG A CD  1 
ATOM   53   N  NE  . ARG A 1 14  ? -15.472 14.498  -2.295  1.00 64.46 ? 14  ARG A NE  1 
ATOM   54   C  CZ  . ARG A 1 14  ? -15.711 15.147  -1.158  1.00 65.39 ? 14  ARG A CZ  1 
ATOM   55   N  NH1 . ARG A 1 14  ? -14.867 16.079  -0.735  1.00 65.40 ? 14  ARG A NH1 1 
ATOM   56   N  NH2 . ARG A 1 14  ? -16.799 14.870  -0.447  1.00 65.73 ? 14  ARG A NH2 1 
ATOM   57   N  N   . LEU A 1 15  ? -12.718 9.215   -1.615  1.00 56.32 ? 15  LEU A N   1 
ATOM   58   C  CA  . LEU A 1 15  ? -11.626 8.357   -2.078  1.00 55.46 ? 15  LEU A CA  1 
ATOM   59   C  C   . LEU A 1 15  ? -12.034 6.899   -1.886  1.00 54.93 ? 15  LEU A C   1 
ATOM   60   O  O   . LEU A 1 15  ? -12.066 6.117   -2.837  1.00 54.66 ? 15  LEU A O   1 
ATOM   61   C  CB  . LEU A 1 15  ? -10.346 8.632   -1.281  1.00 54.56 ? 15  LEU A CB  1 
ATOM   62   C  CG  . LEU A 1 15  ? -9.620  9.944   -1.584  1.00 54.47 ? 15  LEU A CG  1 
ATOM   63   C  CD1 . LEU A 1 15  ? -8.399  10.085  -0.689  1.00 54.21 ? 15  LEU A CD1 1 
ATOM   64   C  CD2 . LEU A 1 15  ? -9.207  9.959   -3.040  1.00 54.74 ? 15  LEU A CD2 1 
ATOM   65   N  N   . LYS A 1 16  ? -12.354 6.557   -0.640  1.00 54.17 ? 16  LYS A N   1 
ATOM   66   C  CA  . LYS A 1 16  ? -12.776 5.212   -0.274  1.00 53.39 ? 16  LYS A CA  1 
ATOM   67   C  C   . LYS A 1 16  ? -13.934 4.754   -1.156  1.00 52.78 ? 16  LYS A C   1 
ATOM   68   O  O   . LYS A 1 16  ? -13.924 3.644   -1.687  1.00 53.42 ? 16  LYS A O   1 
ATOM   69   C  CB  . LYS A 1 16  ? -13.192 5.195   1.197   1.00 53.62 ? 16  LYS A CB  1 
ATOM   70   C  CG  . LYS A 1 16  ? -13.776 3.887   1.694   1.00 53.23 ? 16  LYS A CG  1 
ATOM   71   C  CD  . LYS A 1 16  ? -14.087 4.002   3.181   1.00 54.86 ? 16  LYS A CD  1 
ATOM   72   C  CE  . LYS A 1 16  ? -14.789 2.767   3.727   1.00 55.93 ? 16  LYS A CE  1 
ATOM   73   N  NZ  . LYS A 1 16  ? -13.978 1.527   3.549   1.00 57.05 ? 16  LYS A NZ  1 
ATOM   74   N  N   . ALA A 1 17  ? -14.923 5.623   -1.321  1.00 51.18 ? 17  ALA A N   1 
ATOM   75   C  CA  . ALA A 1 17  ? -16.083 5.310   -2.136  1.00 50.30 ? 17  ALA A CA  1 
ATOM   76   C  C   . ALA A 1 17  ? -15.718 4.948   -3.568  1.00 49.42 ? 17  ALA A C   1 
ATOM   77   O  O   . ALA A 1 17  ? -16.135 3.908   -4.075  1.00 49.65 ? 17  ALA A O   1 
ATOM   78   C  CB  . ALA A 1 17  ? -17.050 6.491   -2.141  1.00 50.31 ? 17  ALA A CB  1 
ATOM   79   N  N   . ASP A 1 18  ? -14.939 5.801   -4.223  1.00 48.94 ? 18  ASP A N   1 
ATOM   80   C  CA  . ASP A 1 18  ? -14.564 5.565   -5.617  1.00 47.98 ? 18  ASP A CA  1 
ATOM   81   C  C   . ASP A 1 18  ? -13.513 4.470   -5.813  1.00 46.01 ? 18  ASP A C   1 
ATOM   82   O  O   . ASP A 1 18  ? -13.206 4.111   -6.948  1.00 45.98 ? 18  ASP A O   1 
ATOM   83   C  CB  . ASP A 1 18  ? -14.054 6.864   -6.260  1.00 49.75 ? 18  ASP A CB  1 
ATOM   84   C  CG  . ASP A 1 18  ? -14.991 8.053   -6.030  1.00 52.17 ? 18  ASP A CG  1 
ATOM   85   O  OD1 . ASP A 1 18  ? -16.150 8.017   -6.497  1.00 52.41 ? 18  ASP A OD1 1 
ATOM   86   O  OD2 . ASP A 1 18  ? -14.557 9.033   -5.380  1.00 53.14 ? 18  ASP A OD2 1 
ATOM   87   N  N   . THR A 1 19  ? -12.959 3.946   -4.723  1.00 43.94 ? 19  THR A N   1 
ATOM   88   C  CA  . THR A 1 19  ? -11.931 2.909   -4.830  1.00 42.11 ? 19  THR A CA  1 
ATOM   89   C  C   . THR A 1 19  ? -12.213 1.590   -4.099  1.00 41.49 ? 19  THR A C   1 
ATOM   90   O  O   . THR A 1 19  ? -11.382 0.677   -4.126  1.00 41.08 ? 19  THR A O   1 
ATOM   91   C  CB  . THR A 1 19  ? -10.564 3.428   -4.344  1.00 41.03 ? 19  THR A CB  1 
ATOM   92   O  OG1 . THR A 1 19  ? -10.636 3.750   -2.951  1.00 41.76 ? 19  THR A OG1 1 
ATOM   93   C  CG2 . THR A 1 19  ? -10.159 4.661   -5.119  1.00 40.79 ? 19  THR A CG2 1 
ATOM   94   N  N   . THR A 1 20  ? -13.372 1.474   -3.459  1.00 39.70 ? 20  THR A N   1 
ATOM   95   C  CA  . THR A 1 20  ? -13.697 0.252   -2.730  1.00 38.66 ? 20  THR A CA  1 
ATOM   96   C  C   . THR A 1 20  ? -13.743 -0.975  -3.639  1.00 37.44 ? 20  THR A C   1 
ATOM   97   O  O   . THR A 1 20  ? -13.251 -2.044  -3.285  1.00 37.16 ? 20  THR A O   1 
ATOM   98   C  CB  . THR A 1 20  ? -15.045 0.376   -1.978  1.00 38.73 ? 20  THR A CB  1 
ATOM   99   O  OG1 . THR A 1 20  ? -14.934 1.378   -0.962  1.00 39.09 ? 20  THR A OG1 1 
ATOM   100  C  CG2 . THR A 1 20  ? -15.404 -0.946  -1.309  1.00 38.63 ? 20  THR A CG2 1 
ATOM   101  N  N   . ALA A 1 21  ? -14.315 -0.820  -4.822  1.00 37.01 ? 21  ALA A N   1 
ATOM   102  C  CA  . ALA A 1 21  ? -14.402 -1.946  -5.741  1.00 36.61 ? 21  ALA A CA  1 
ATOM   103  C  C   . ALA A 1 21  ? -12.995 -2.385  -6.147  1.00 35.63 ? 21  ALA A C   1 
ATOM   104  O  O   . ALA A 1 21  ? -12.640 -3.551  -5.997  1.00 35.03 ? 21  ALA A O   1 
ATOM   105  C  CB  . ALA A 1 21  ? -15.233 -1.568  -6.983  1.00 35.85 ? 21  ALA A CB  1 
ATOM   106  N  N   . VAL A 1 22  ? -12.185 -1.459  -6.653  1.00 35.30 ? 22  VAL A N   1 
ATOM   107  C  CA  . VAL A 1 22  ? -10.841 -1.853  -7.050  1.00 34.55 ? 22  VAL A CA  1 
ATOM   108  C  C   . VAL A 1 22  ? -10.075 -2.353  -5.827  1.00 33.74 ? 22  VAL A C   1 
ATOM   109  O  O   . VAL A 1 22  ? -9.282  -3.294  -5.924  1.00 33.21 ? 22  VAL A O   1 
ATOM   110  C  CB  . VAL A 1 22  ? -10.057 -0.706  -7.708  1.00 35.24 ? 22  VAL A CB  1 
ATOM   111  C  CG1 . VAL A 1 22  ? -9.710  0.359   -6.681  1.00 35.86 ? 22  VAL A CG1 1 
ATOM   112  C  CG2 . VAL A 1 22  ? -8.788  -1.268  -8.349  1.00 35.64 ? 22  VAL A CG2 1 
ATOM   113  N  N   . HIS A 1 23  ? -10.307 -1.733  -4.674  1.00 32.62 ? 23  HIS A N   1 
ATOM   114  C  CA  . HIS A 1 23  ? -9.621  -2.190  -3.475  1.00 31.92 ? 23  HIS A CA  1 
ATOM   115  C  C   . HIS A 1 23  ? -9.951  -3.646  -3.189  1.00 31.56 ? 23  HIS A C   1 
ATOM   116  O  O   . HIS A 1 23  ? -9.066  -4.436  -2.853  1.00 30.75 ? 23  HIS A O   1 
ATOM   117  C  CB  . HIS A 1 23  ? -9.997  -1.360  -2.244  1.00 32.61 ? 23  HIS A CB  1 
ATOM   118  C  CG  . HIS A 1 23  ? -9.488  -1.939  -0.962  1.00 32.76 ? 23  HIS A CG  1 
ATOM   119  N  ND1 . HIS A 1 23  ? -10.099 -3.003  -0.329  1.00 33.67 ? 23  HIS A ND1 1 
ATOM   120  C  CD2 . HIS A 1 23  ? -8.395  -1.643  -0.222  1.00 33.04 ? 23  HIS A CD2 1 
ATOM   121  C  CE1 . HIS A 1 23  ? -9.404  -3.335  0.744   1.00 33.69 ? 23  HIS A CE1 1 
ATOM   122  N  NE2 . HIS A 1 23  ? -8.363  -2.524  0.833   1.00 35.50 ? 23  HIS A NE2 1 
ATOM   123  N  N   . ASP A 1 24  ? -11.229 -3.992  -3.305  1.00 31.00 ? 24  ASP A N   1 
ATOM   124  C  CA  . ASP A 1 24  ? -11.654 -5.350  -3.043  1.00 30.81 ? 24  ASP A CA  1 
ATOM   125  C  C   . ASP A 1 24  ? -11.030 -6.322  -4.040  1.00 29.87 ? 24  ASP A C   1 
ATOM   126  O  O   . ASP A 1 24  ? -10.714 -7.459  -3.686  1.00 30.07 ? 24  ASP A O   1 
ATOM   127  C  CB  . ASP A 1 24  ? -13.186 -5.445  -3.068  1.00 31.86 ? 24  ASP A CB  1 
ATOM   128  C  CG  . ASP A 1 24  ? -13.824 -4.862  -1.809  1.00 34.55 ? 24  ASP A CG  1 
ATOM   129  O  OD1 . ASP A 1 24  ? -13.067 -4.438  -0.907  1.00 34.08 ? 24  ASP A OD1 1 
ATOM   130  O  OD2 . ASP A 1 24  ? -15.073 -4.837  -1.717  1.00 34.82 ? 24  ASP A OD2 1 
ATOM   131  N  N   . SER A 1 25  ? -10.833 -5.876  -5.277  1.00 29.64 ? 25  SER A N   1 
ATOM   132  C  CA  . SER A 1 25  ? -10.227 -6.745  -6.280  1.00 28.52 ? 25  SER A CA  1 
ATOM   133  C  C   . SER A 1 25  ? -8.780  -7.005  -5.875  1.00 28.35 ? 25  SER A C   1 
ATOM   134  O  O   . SER A 1 25  ? -8.231  -8.074  -6.147  1.00 27.50 ? 25  SER A O   1 
ATOM   135  C  CB  . SER A 1 25  ? -10.271 -6.104  -7.671  1.00 29.87 ? 25  SER A CB  1 
ATOM   136  O  OG  . SER A 1 25  ? -9.249  -5.133  -7.846  1.00 28.87 ? 25  SER A OG  1 
ATOM   137  N  N   . VAL A 1 26  ? -8.165  -6.032  -5.213  1.00 26.62 ? 26  VAL A N   1 
ATOM   138  C  CA  . VAL A 1 26  ? -6.786  -6.197  -4.795  1.00 27.11 ? 26  VAL A CA  1 
ATOM   139  C  C   . VAL A 1 26  ? -6.705  -7.211  -3.665  1.00 27.39 ? 26  VAL A C   1 
ATOM   140  O  O   . VAL A 1 26  ? -5.878  -8.136  -3.706  1.00 26.88 ? 26  VAL A O   1 
ATOM   141  C  CB  . VAL A 1 26  ? -6.161  -4.838  -4.368  1.00 26.52 ? 26  VAL A CB  1 
ATOM   142  C  CG1 . VAL A 1 26  ? -4.827  -5.052  -3.680  1.00 26.03 ? 26  VAL A CG1 1 
ATOM   143  C  CG2 . VAL A 1 26  ? -5.962  -3.974  -5.599  1.00 27.14 ? 26  VAL A CG2 1 
ATOM   144  N  N   . ASP A 1 27  ? -7.582  -7.035  -2.675  1.00 27.73 ? 27  ASP A N   1 
ATOM   145  C  CA  . ASP A 1 27  ? -7.667  -7.926  -1.511  1.00 28.18 ? 27  ASP A CA  1 
ATOM   146  C  C   . ASP A 1 27  ? -7.845  -9.352  -2.017  1.00 27.73 ? 27  ASP A C   1 
ATOM   147  O  O   . ASP A 1 27  ? -7.091  -10.250 -1.632  1.00 27.93 ? 27  ASP A O   1 
ATOM   148  C  CB  . ASP A 1 27  ? -8.869  -7.506  -0.639  1.00 29.42 ? 27  ASP A CB  1 
ATOM   149  C  CG  . ASP A 1 27  ? -9.105  -8.418  0.572   1.00 31.04 ? 27  ASP A CG  1 
ATOM   150  O  OD1 . ASP A 1 27  ? -8.605  -9.562  0.622   1.00 30.78 ? 27  ASP A OD1 1 
ATOM   151  O  OD2 . ASP A 1 27  ? -9.836  -7.976  1.487   1.00 32.38 ? 27  ASP A OD2 1 
ATOM   152  N  N   . ASN A 1 28  ? -8.842  -9.556  -2.879  1.00 26.51 ? 28  ASN A N   1 
ATOM   153  C  CA  . ASN A 1 28  ? -9.127  -10.888 -3.420  1.00 26.09 ? 28  ASN A CA  1 
ATOM   154  C  C   . ASN A 1 28  ? -7.941  -11.479 -4.185  1.00 26.56 ? 28  ASN A C   1 
ATOM   155  O  O   . ASN A 1 28  ? -7.626  -12.657 -4.016  1.00 25.10 ? 28  ASN A O   1 
ATOM   156  C  CB  . ASN A 1 28  ? -10.354 -10.873 -4.359  1.00 25.72 ? 28  ASN A CB  1 
ATOM   157  C  CG  . ASN A 1 28  ? -11.666 -10.606 -3.631  1.00 26.07 ? 28  ASN A CG  1 
ATOM   158  O  OD1 . ASN A 1 28  ? -11.830 -10.950 -2.457  1.00 25.97 ? 28  ASN A OD1 1 
ATOM   159  N  ND2 . ASN A 1 28  ? -12.622 -10.011 -4.343  1.00 27.25 ? 28  ASN A ND2 1 
ATOM   160  N  N   . LEU A 1 29  ? -7.287  -10.669 -5.021  1.00 25.37 ? 29  LEU A N   1 
ATOM   161  C  CA  . LEU A 1 29  ? -6.151  -11.168 -5.792  1.00 25.66 ? 29  LEU A CA  1 
ATOM   162  C  C   . LEU A 1 29  ? -4.969  -11.561 -4.898  1.00 25.84 ? 29  LEU A C   1 
ATOM   163  O  O   . LEU A 1 29  ? -4.359  -12.613 -5.083  1.00 25.29 ? 29  LEU A O   1 
ATOM   164  C  CB  . LEU A 1 29  ? -5.708  -10.129 -6.831  1.00 25.62 ? 29  LEU A CB  1 
ATOM   165  C  CG  . LEU A 1 29  ? -4.626  -10.623 -7.800  1.00 26.24 ? 29  LEU A CG  1 
ATOM   166  C  CD1 . LEU A 1 29  ? -5.079  -11.934 -8.450  1.00 25.46 ? 29  LEU A CD1 1 
ATOM   167  C  CD2 . LEU A 1 29  ? -4.362  -9.561  -8.844  1.00 25.81 ? 29  LEU A CD2 1 
ATOM   168  N  N   . VAL A 1 30  ? -4.656  -10.730 -3.910  1.00 26.25 ? 30  VAL A N   1 
ATOM   169  C  CA  . VAL A 1 30  ? -3.558  -11.039 -3.008  1.00 26.09 ? 30  VAL A CA  1 
ATOM   170  C  C   . VAL A 1 30  ? -3.834  -12.365 -2.301  1.00 26.44 ? 30  VAL A C   1 
ATOM   171  O  O   . VAL A 1 30  ? -2.991  -13.261 -2.262  1.00 26.73 ? 30  VAL A O   1 
ATOM   172  C  CB  . VAL A 1 30  ? -3.378  -9.930  -1.956  1.00 25.11 ? 30  VAL A CB  1 
ATOM   173  C  CG1 . VAL A 1 30  ? -2.369  -10.379 -0.867  1.00 24.71 ? 30  VAL A CG1 1 
ATOM   174  C  CG2 . VAL A 1 30  ? -2.909  -8.661  -2.640  1.00 23.97 ? 30  VAL A CG2 1 
ATOM   175  N  N   . MET A 1 31  ? -5.028  -12.489 -1.746  1.00 26.79 ? 31  MET A N   1 
ATOM   176  C  CA  . MET A 1 31  ? -5.380  -13.709 -1.055  1.00 28.22 ? 31  MET A CA  1 
ATOM   177  C  C   . MET A 1 31  ? -5.364  -14.866 -2.045  1.00 29.12 ? 31  MET A C   1 
ATOM   178  O  O   . MET A 1 31  ? -4.898  -15.958 -1.731  1.00 28.36 ? 31  MET A O   1 
ATOM   179  C  CB  . MET A 1 31  ? -6.751  -13.557 -0.399  1.00 28.68 ? 31  MET A CB  1 
ATOM   180  C  CG  . MET A 1 31  ? -6.733  -12.559 0.777   1.00 31.34 ? 31  MET A CG  1 
ATOM   181  S  SD  . MET A 1 31  ? -5.322  -12.905 1.876   1.00 35.01 ? 31  MET A SD  1 
ATOM   182  C  CE  . MET A 1 31  ? -6.047  -14.230 2.893   1.00 35.95 ? 31  MET A CE  1 
ATOM   183  N  N   . SER A 1 32  ? -5.836  -14.608 -3.256  1.00 29.05 ? 32  SER A N   1 
ATOM   184  C  CA  . SER A 1 32  ? -5.877  -15.649 -4.269  1.00 31.44 ? 32  SER A CA  1 
ATOM   185  C  C   . SER A 1 32  ? -4.520  -16.310 -4.567  1.00 31.02 ? 32  SER A C   1 
ATOM   186  O  O   . SER A 1 32  ? -4.475  -17.498 -4.910  1.00 31.65 ? 32  SER A O   1 
ATOM   187  C  CB  . SER A 1 32  ? -6.470  -15.090 -5.549  1.00 32.45 ? 32  SER A CB  1 
ATOM   188  O  OG  . SER A 1 32  ? -6.944  -16.146 -6.349  1.00 40.44 ? 32  SER A OG  1 
ATOM   189  N  N   . VAL A 1 33  ? -3.424  -15.563 -4.434  1.00 29.90 ? 33  VAL A N   1 
ATOM   190  C  CA  . VAL A 1 33  ? -2.098  -16.119 -4.719  1.00 30.18 ? 33  VAL A CA  1 
ATOM   191  C  C   . VAL A 1 33  ? -1.386  -16.808 -3.543  1.00 30.12 ? 33  VAL A C   1 
ATOM   192  O  O   . VAL A 1 33  ? -0.234  -17.219 -3.664  1.00 29.87 ? 33  VAL A O   1 
ATOM   193  C  CB  . VAL A 1 33  ? -1.145  -15.039 -5.341  1.00 29.58 ? 33  VAL A CB  1 
ATOM   194  C  CG1 . VAL A 1 33  ? -1.603  -14.691 -6.735  1.00 28.53 ? 33  VAL A CG1 1 
ATOM   195  C  CG2 . VAL A 1 33  ? -1.130  -13.791 -4.495  1.00 28.80 ? 33  VAL A CG2 1 
ATOM   196  N  N   . GLN A 1 34  ? -2.082  -16.942 -2.417  1.00 30.50 ? 34  GLN A N   1 
ATOM   197  C  CA  . GLN A 1 34  ? -1.546  -17.621 -1.238  1.00 31.76 ? 34  GLN A CA  1 
ATOM   198  C  C   . GLN A 1 34  ? -0.186  -17.098 -0.774  1.00 32.83 ? 34  GLN A C   1 
ATOM   199  O  O   . GLN A 1 34  ? 0.825   -17.815 -0.822  1.00 31.45 ? 34  GLN A O   1 
ATOM   200  C  CB  . GLN A 1 34  ? -1.463  -19.124 -1.522  1.00 32.33 ? 34  GLN A CB  1 
ATOM   201  C  CG  . GLN A 1 34  ? -2.832  -19.810 -1.646  1.00 32.60 ? 34  GLN A CG  1 
ATOM   202  C  CD  . GLN A 1 34  ? -3.345  -20.330 -0.313  1.00 33.75 ? 34  GLN A CD  1 
ATOM   203  O  OE1 . GLN A 1 34  ? -4.474  -20.845 -0.215  1.00 34.29 ? 34  GLN A OE1 1 
ATOM   204  N  NE2 . GLN A 1 34  ? -2.514  -20.216 0.724   1.00 32.45 ? 34  GLN A NE2 1 
ATOM   205  N  N   . PRO A 1 35  ? -0.153  -15.847 -0.291  1.00 33.45 ? 35  PRO A N   1 
ATOM   206  C  CA  . PRO A 1 35  ? 1.068   -15.194 0.194   1.00 35.50 ? 35  PRO A CA  1 
ATOM   207  C  C   . PRO A 1 35  ? 1.655   -15.883 1.429   1.00 37.32 ? 35  PRO A C   1 
ATOM   208  O  O   . PRO A 1 35  ? 2.865   -15.841 1.652   1.00 37.98 ? 35  PRO A O   1 
ATOM   209  C  CB  . PRO A 1 35  ? 0.605   -13.763 0.513   1.00 35.18 ? 35  PRO A CB  1 
ATOM   210  C  CG  . PRO A 1 35  ? -0.702  -13.615 -0.219  1.00 34.97 ? 35  PRO A CG  1 
ATOM   211  C  CD  . PRO A 1 35  ? -1.320  -14.969 -0.112  1.00 33.93 ? 35  PRO A CD  1 
ATOM   212  N  N   . PHE A 1 36  ? 0.803   -16.521 2.230   1.00 39.04 ? 36  PHE A N   1 
ATOM   213  C  CA  . PHE A 1 36  ? 1.274   -17.188 3.439   1.00 41.05 ? 36  PHE A CA  1 
ATOM   214  C  C   . PHE A 1 36  ? 1.311   -18.709 3.373   1.00 42.31 ? 36  PHE A C   1 
ATOM   215  O  O   . PHE A 1 36  ? 1.402   -19.367 4.413   1.00 42.44 ? 36  PHE A O   1 
ATOM   216  C  CB  . PHE A 1 36  ? 0.404   -16.799 4.631   1.00 42.19 ? 36  PHE A CB  1 
ATOM   217  C  CG  . PHE A 1 36  ? 0.101   -15.341 4.710   1.00 43.36 ? 36  PHE A CG  1 
ATOM   218  C  CD1 . PHE A 1 36  ? -1.088  -14.839 4.193   1.00 43.53 ? 36  PHE A CD1 1 
ATOM   219  C  CD2 . PHE A 1 36  ? 1.006   -14.463 5.299   1.00 44.31 ? 36  PHE A CD2 1 
ATOM   220  C  CE1 . PHE A 1 36  ? -1.376  -13.477 4.260   1.00 44.02 ? 36  PHE A CE1 1 
ATOM   221  C  CE2 . PHE A 1 36  ? 0.728   -13.098 5.371   1.00 44.31 ? 36  PHE A CE2 1 
ATOM   222  C  CZ  . PHE A 1 36  ? -0.468  -12.606 4.850   1.00 44.88 ? 36  PHE A CZ  1 
ATOM   223  N  N   . VAL A 1 37  ? 1.248   -19.277 2.173   1.00 43.17 ? 37  VAL A N   1 
ATOM   224  C  CA  . VAL A 1 37  ? 1.247   -20.728 2.051   1.00 43.53 ? 37  VAL A CA  1 
ATOM   225  C  C   . VAL A 1 37  ? 2.632   -21.327 2.264   1.00 45.11 ? 37  VAL A C   1 
ATOM   226  O  O   . VAL A 1 37  ? 2.763   -22.523 2.535   1.00 43.76 ? 37  VAL A O   1 
ATOM   227  C  CB  . VAL A 1 37  ? 0.727   -21.174 0.676   1.00 42.95 ? 37  VAL A CB  1 
ATOM   228  C  CG1 . VAL A 1 37  ? 1.759   -20.895 -0.385  1.00 42.31 ? 37  VAL A CG1 1 
ATOM   229  C  CG2 . VAL A 1 37  ? 0.373   -22.655 0.707   1.00 43.22 ? 37  VAL A CG2 1 
ATOM   230  N  N   . SER A 1 38  ? 3.658   -20.490 2.138   1.00 45.99 ? 38  SER A N   1 
ATOM   231  C  CA  . SER A 1 38  ? 5.034   -20.938 2.299   1.00 47.41 ? 38  SER A CA  1 
ATOM   232  C  C   . SER A 1 38  ? 6.000   -19.758 2.367   1.00 48.33 ? 38  SER A C   1 
ATOM   233  O  O   . SER A 1 38  ? 5.663   -18.633 1.983   1.00 47.61 ? 38  SER A O   1 
ATOM   234  C  CB  . SER A 1 38  ? 5.440   -21.827 1.124   1.00 47.57 ? 38  SER A CB  1 
ATOM   235  O  OG  . SER A 1 38  ? 5.527   -21.071 -0.071  1.00 48.12 ? 38  SER A OG  1 
ATOM   236  N  N   . LYS A 1 39  ? 7.207   -20.029 2.852   1.00 49.08 ? 39  LYS A N   1 
ATOM   237  C  CA  . LYS A 1 39  ? 8.233   -19.002 2.950   1.00 50.10 ? 39  LYS A CA  1 
ATOM   238  C  C   . LYS A 1 39  ? 8.492   -18.494 1.530   1.00 49.50 ? 39  LYS A C   1 
ATOM   239  O  O   . LYS A 1 39  ? 8.620   -17.295 1.295   1.00 49.98 ? 39  LYS A O   1 
ATOM   240  C  CB  . LYS A 1 39  ? 9.518   -19.600 3.544   1.00 51.14 ? 39  LYS A CB  1 
ATOM   241  C  CG  . LYS A 1 39  ? 10.570  -18.578 3.957   1.00 52.45 ? 39  LYS A CG  1 
ATOM   242  C  CD  . LYS A 1 39  ? 11.852  -19.274 4.403   1.00 53.12 ? 39  LYS A CD  1 
ATOM   243  C  CE  . LYS A 1 39  ? 12.907  -18.277 4.862   1.00 54.31 ? 39  LYS A CE  1 
ATOM   244  N  NZ  . LYS A 1 39  ? 14.217  -18.945 5.112   1.00 54.56 ? 39  LYS A NZ  1 
ATOM   245  N  N   . GLU A 1 40  ? 8.546   -19.419 0.579   1.00 49.04 ? 40  GLU A N   1 
ATOM   246  C  CA  . GLU A 1 40  ? 8.788   -19.064 -0.810  1.00 49.15 ? 40  GLU A CA  1 
ATOM   247  C  C   . GLU A 1 40  ? 7.768   -18.019 -1.283  1.00 48.33 ? 40  GLU A C   1 
ATOM   248  O  O   . GLU A 1 40  ? 8.135   -16.955 -1.778  1.00 47.75 ? 40  GLU A O   1 
ATOM   249  C  CB  . GLU A 1 40  ? 8.692   -20.314 -1.687  1.00 50.98 ? 40  GLU A CB  1 
ATOM   250  C  CG  . GLU A 1 40  ? 9.459   -20.220 -2.994  1.00 53.20 ? 40  GLU A CG  1 
ATOM   251  C  CD  . GLU A 1 40  ? 9.187   -21.394 -3.925  1.00 54.79 ? 40  GLU A CD  1 
ATOM   252  O  OE1 . GLU A 1 40  ? 9.226   -22.557 -3.461  1.00 54.98 ? 40  GLU A OE1 1 
ATOM   253  O  OE2 . GLU A 1 40  ? 8.942   -21.147 -5.128  1.00 55.84 ? 40  GLU A OE2 1 
ATOM   254  N  N   . ASN A 1 41  ? 6.483   -18.327 -1.128  1.00 47.11 ? 41  ASN A N   1 
ATOM   255  C  CA  . ASN A 1 41  ? 5.432   -17.409 -1.551  1.00 46.22 ? 41  ASN A CA  1 
ATOM   256  C  C   . ASN A 1 41  ? 5.440   -16.117 -0.751  1.00 45.22 ? 41  ASN A C   1 
ATOM   257  O  O   . ASN A 1 41  ? 5.189   -15.047 -1.302  1.00 45.14 ? 41  ASN A O   1 
ATOM   258  C  CB  . ASN A 1 41  ? 4.056   -18.082 -1.455  1.00 45.66 ? 41  ASN A CB  1 
ATOM   259  C  CG  . ASN A 1 41  ? 3.586   -18.625 -2.794  1.00 46.19 ? 41  ASN A CG  1 
ATOM   260  O  OD1 . ASN A 1 41  ? 4.399   -18.944 -3.657  1.00 45.48 ? 41  ASN A OD1 1 
ATOM   261  N  ND2 . ASN A 1 41  ? 2.273   -18.741 -2.967  1.00 46.01 ? 41  ASN A ND2 1 
ATOM   262  N  N   . TYR A 1 42  ? 5.724   -16.213 0.544   1.00 44.14 ? 42  TYR A N   1 
ATOM   263  C  CA  . TYR A 1 42  ? 5.756   -15.023 1.375   1.00 43.70 ? 42  TYR A CA  1 
ATOM   264  C  C   . TYR A 1 42  ? 6.816   -14.079 0.834   1.00 43.29 ? 42  TYR A C   1 
ATOM   265  O  O   . TYR A 1 42  ? 6.608   -12.867 0.775   1.00 42.72 ? 42  TYR A O   1 
ATOM   266  C  CB  . TYR A 1 42  ? 6.087   -15.355 2.831   1.00 43.38 ? 42  TYR A CB  1 
ATOM   267  C  CG  . TYR A 1 42  ? 5.969   -14.138 3.716   1.00 43.19 ? 42  TYR A CG  1 
ATOM   268  C  CD1 . TYR A 1 42  ? 4.742   -13.511 3.894   1.00 42.65 ? 42  TYR A CD1 1 
ATOM   269  C  CD2 . TYR A 1 42  ? 7.094   -13.571 4.319   1.00 42.75 ? 42  TYR A CD2 1 
ATOM   270  C  CE1 . TYR A 1 42  ? 4.630   -12.348 4.643   1.00 44.08 ? 42  TYR A CE1 1 
ATOM   271  C  CE2 . TYR A 1 42  ? 6.994   -12.405 5.071   1.00 43.44 ? 42  TYR A CE2 1 
ATOM   272  C  CZ  . TYR A 1 42  ? 5.761   -11.798 5.228   1.00 43.98 ? 42  TYR A CZ  1 
ATOM   273  O  OH  . TYR A 1 42  ? 5.646   -10.634 5.958   1.00 44.87 ? 42  TYR A OH  1 
ATOM   274  N  N   . ILE A 1 43  ? 7.954   -14.650 0.448   1.00 43.01 ? 43  ILE A N   1 
ATOM   275  C  CA  . ILE A 1 43  ? 9.050   -13.868 -0.101  1.00 42.29 ? 43  ILE A CA  1 
ATOM   276  C  C   . ILE A 1 43  ? 8.544   -13.132 -1.337  1.00 41.36 ? 43  ILE A C   1 
ATOM   277  O  O   . ILE A 1 43  ? 8.856   -11.956 -1.534  1.00 40.66 ? 43  ILE A O   1 
ATOM   278  C  CB  . ILE A 1 43  ? 10.265  -14.777 -0.450  1.00 43.21 ? 43  ILE A CB  1 
ATOM   279  C  CG1 . ILE A 1 43  ? 11.015  -15.139 0.841   1.00 43.70 ? 43  ILE A CG1 1 
ATOM   280  C  CG2 . ILE A 1 43  ? 11.212  -14.066 -1.417  1.00 43.53 ? 43  ILE A CG2 1 
ATOM   281  C  CD1 . ILE A 1 43  ? 12.204  -16.063 0.648   1.00 44.19 ? 43  ILE A CD1 1 
ATOM   282  N  N   . LYS A 1 44  ? 7.748   -13.811 -2.159  1.00 40.15 ? 44  LYS A N   1 
ATOM   283  C  CA  . LYS A 1 44  ? 7.201   -13.161 -3.347  1.00 39.13 ? 44  LYS A CA  1 
ATOM   284  C  C   . LYS A 1 44  ? 6.296   -12.004 -2.904  1.00 38.33 ? 44  LYS A C   1 
ATOM   285  O  O   . LYS A 1 44  ? 6.273   -10.945 -3.532  1.00 38.48 ? 44  LYS A O   1 
ATOM   286  C  CB  . LYS A 1 44  ? 6.418   -14.157 -4.205  0.50 38.77 ? 44  LYS A CB  1 
ATOM   287  C  CG  . LYS A 1 44  ? 7.309   -15.117 -4.971  0.50 38.59 ? 44  LYS A CG  1 
ATOM   288  C  CD  . LYS A 1 44  ? 6.510   -15.950 -5.952  0.50 38.37 ? 44  LYS A CD  1 
ATOM   289  C  CE  . LYS A 1 44  ? 7.409   -16.861 -6.768  0.50 38.97 ? 44  LYS A CE  1 
ATOM   290  N  NZ  . LYS A 1 44  ? 6.611   -17.766 -7.646  0.50 39.06 ? 44  LYS A NZ  1 
ATOM   291  N  N   . PHE A 1 45  ? 5.562   -12.202 -1.814  1.00 36.65 ? 45  PHE A N   1 
ATOM   292  C  CA  . PHE A 1 45  ? 4.700   -11.147 -1.304  1.00 36.10 ? 45  PHE A CA  1 
ATOM   293  C  C   . PHE A 1 45  ? 5.538   -9.944  -0.851  1.00 36.56 ? 45  PHE A C   1 
ATOM   294  O  O   . PHE A 1 45  ? 5.143   -8.798  -1.046  1.00 36.68 ? 45  PHE A O   1 
ATOM   295  C  CB  . PHE A 1 45  ? 3.874   -11.639 -0.120  1.00 35.45 ? 45  PHE A CB  1 
ATOM   296  C  CG  . PHE A 1 45  ? 3.005   -10.569 0.489   1.00 35.23 ? 45  PHE A CG  1 
ATOM   297  C  CD1 . PHE A 1 45  ? 1.968   -9.999  -0.246  1.00 34.66 ? 45  PHE A CD1 1 
ATOM   298  C  CD2 . PHE A 1 45  ? 3.241   -10.110 1.778   1.00 34.97 ? 45  PHE A CD2 1 
ATOM   299  C  CE1 . PHE A 1 45  ? 1.184   -8.989  0.293   1.00 34.72 ? 45  PHE A CE1 1 
ATOM   300  C  CE2 . PHE A 1 45  ? 2.453   -9.091  2.331   1.00 34.68 ? 45  PHE A CE2 1 
ATOM   301  C  CZ  . PHE A 1 45  ? 1.429   -8.535  1.584   1.00 34.73 ? 45  PHE A CZ  1 
ATOM   302  N  N   . LEU A 1 46  ? 6.682   -10.211 -0.227  1.00 36.05 ? 46  LEU A N   1 
ATOM   303  C  CA  . LEU A 1 46  ? 7.566   -9.140  0.243   1.00 36.03 ? 46  LEU A CA  1 
ATOM   304  C  C   . LEU A 1 46  ? 8.145   -8.355  -0.935  1.00 35.80 ? 46  LEU A C   1 
ATOM   305  O  O   . LEU A 1 46  ? 8.313   -7.137  -0.851  1.00 36.51 ? 46  LEU A O   1 
ATOM   306  C  CB  . LEU A 1 46  ? 8.717   -9.715  1.079   1.00 34.61 ? 46  LEU A CB  1 
ATOM   307  C  CG  . LEU A 1 46  ? 8.355   -10.393 2.402   1.00 34.79 ? 46  LEU A CG  1 
ATOM   308  C  CD1 . LEU A 1 46  ? 9.638   -10.920 3.048   1.00 35.20 ? 46  LEU A CD1 1 
ATOM   309  C  CD2 . LEU A 1 46  ? 7.647   -9.403  3.336   1.00 33.79 ? 46  LEU A CD2 1 
ATOM   310  N  N   . LYS A 1 47  ? 8.456   -9.052  -2.026  1.00 35.30 ? 47  LYS A N   1 
ATOM   311  C  CA  . LYS A 1 47  ? 9.002   -8.391  -3.209  1.00 35.37 ? 47  LYS A CA  1 
ATOM   312  C  C   . LYS A 1 47  ? 7.975   -7.422  -3.807  1.00 34.84 ? 47  LYS A C   1 
ATOM   313  O  O   . LYS A 1 47  ? 8.322   -6.303  -4.200  1.00 34.88 ? 47  LYS A O   1 
ATOM   314  C  CB  . LYS A 1 47  ? 9.447   -9.435  -4.243  1.00 36.13 ? 47  LYS A CB  1 
ATOM   315  C  CG  . LYS A 1 47  ? 10.746  -10.161 -3.857  1.00 38.02 ? 47  LYS A CG  1 
ATOM   316  C  CD  . LYS A 1 47  ? 11.117  -11.246 -4.869  1.00 38.97 ? 47  LYS A CD  1 
ATOM   317  C  CE  . LYS A 1 47  ? 12.408  -11.972 -4.457  1.00 40.23 ? 47  LYS A CE  1 
ATOM   318  N  NZ  . LYS A 1 47  ? 12.828  -13.013 -5.448  1.00 39.58 ? 47  LYS A NZ  1 
ATOM   319  N  N   . LEU A 1 48  ? 6.718   -7.865  -3.875  1.00 33.75 ? 48  LEU A N   1 
ATOM   320  C  CA  . LEU A 1 48  ? 5.613   -7.050  -4.384  1.00 33.06 ? 48  LEU A CA  1 
ATOM   321  C  C   . LEU A 1 48  ? 5.508   -5.808  -3.493  1.00 32.75 ? 48  LEU A C   1 
ATOM   322  O  O   . LEU A 1 48  ? 5.491   -4.678  -3.980  1.00 32.15 ? 48  LEU A O   1 
ATOM   323  C  CB  . LEU A 1 48  ? 4.296   -7.855  -4.330  1.00 31.77 ? 48  LEU A CB  1 
ATOM   324  C  CG  . LEU A 1 48  ? 2.938   -7.136  -4.330  1.00 31.16 ? 48  LEU A CG  1 
ATOM   325  C  CD1 . LEU A 1 48  ? 2.782   -6.326  -5.605  1.00 28.85 ? 48  LEU A CD1 1 
ATOM   326  C  CD2 . LEU A 1 48  ? 1.790   -8.168  -4.207  1.00 29.93 ? 48  LEU A CD2 1 
ATOM   327  N  N   . GLN A 1 49  ? 5.452   -6.034  -2.185  1.00 32.38 ? 49  GLN A N   1 
ATOM   328  C  CA  . GLN A 1 49  ? 5.351   -4.946  -1.224  1.00 32.32 ? 49  GLN A CA  1 
ATOM   329  C  C   . GLN A 1 49  ? 6.517   -3.988  -1.426  1.00 33.38 ? 49  GLN A C   1 
ATOM   330  O  O   . GLN A 1 49  ? 6.333   -2.768  -1.502  1.00 33.96 ? 49  GLN A O   1 
ATOM   331  C  CB  . GLN A 1 49  ? 5.386   -5.498  0.207   1.00 31.75 ? 49  GLN A CB  1 
ATOM   332  C  CG  . GLN A 1 49  ? 4.168   -6.331  0.593   1.00 30.43 ? 49  GLN A CG  1 
ATOM   333  C  CD  . GLN A 1 49  ? 2.940   -5.477  0.820   1.00 30.34 ? 49  GLN A CD  1 
ATOM   334  O  OE1 . GLN A 1 49  ? 2.596   -5.150  1.961   1.00 29.73 ? 49  GLN A OE1 1 
ATOM   335  N  NE2 . GLN A 1 49  ? 2.282   -5.092  -0.267  1.00 29.16 ? 49  GLN A NE2 1 
ATOM   336  N  N   . SER A 1 50  ? 7.718   -4.551  -1.495  1.00 33.15 ? 50  SER A N   1 
ATOM   337  C  CA  . SER A 1 50  ? 8.917   -3.752  -1.692  1.00 34.11 ? 50  SER A CA  1 
ATOM   338  C  C   . SER A 1 50  ? 8.735   -2.769  -2.850  1.00 33.04 ? 50  SER A C   1 
ATOM   339  O  O   . SER A 1 50  ? 8.909   -1.564  -2.685  1.00 33.31 ? 50  SER A O   1 
ATOM   340  C  CB  . SER A 1 50  ? 10.123  -4.659  -1.964  1.00 33.80 ? 50  SER A CB  1 
ATOM   341  O  OG  . SER A 1 50  ? 11.288  -3.894  -2.234  1.00 35.91 ? 50  SER A OG  1 
ATOM   342  N  N   . VAL A 1 51  ? 8.396   -3.287  -4.021  1.00 32.90 ? 51  VAL A N   1 
ATOM   343  C  CA  . VAL A 1 51  ? 8.189   -2.441  -5.187  1.00 32.02 ? 51  VAL A CA  1 
ATOM   344  C  C   . VAL A 1 51  ? 7.175   -1.318  -4.944  1.00 32.96 ? 51  VAL A C   1 
ATOM   345  O  O   . VAL A 1 51  ? 7.448   -0.145  -5.233  1.00 31.53 ? 51  VAL A O   1 
ATOM   346  C  CB  . VAL A 1 51  ? 7.692   -3.257  -6.391  1.00 32.02 ? 51  VAL A CB  1 
ATOM   347  C  CG1 . VAL A 1 51  ? 7.403   -2.325  -7.568  1.00 31.23 ? 51  VAL A CG1 1 
ATOM   348  C  CG2 . VAL A 1 51  ? 8.733   -4.310  -6.773  1.00 32.04 ? 51  VAL A CG2 1 
ATOM   349  N  N   . PHE A 1 52  ? 6.003   -1.674  -4.426  1.00 32.53 ? 52  PHE A N   1 
ATOM   350  C  CA  . PHE A 1 52  ? 4.981   -0.667  -4.207  1.00 33.87 ? 52  PHE A CA  1 
ATOM   351  C  C   . PHE A 1 52  ? 5.430   0.444   -3.270  1.00 33.99 ? 52  PHE A C   1 
ATOM   352  O  O   . PHE A 1 52  ? 5.227   1.615   -3.557  1.00 34.01 ? 52  PHE A O   1 
ATOM   353  C  CB  . PHE A 1 52  ? 3.689   -1.273  -3.666  1.00 33.45 ? 52  PHE A CB  1 
ATOM   354  C  CG  . PHE A 1 52  ? 2.563   -0.284  -3.591  1.00 33.16 ? 52  PHE A CG  1 
ATOM   355  C  CD1 . PHE A 1 52  ? 1.948   0.166   -4.749  1.00 34.58 ? 52  PHE A CD1 1 
ATOM   356  C  CD2 . PHE A 1 52  ? 2.156   0.235   -2.375  1.00 34.43 ? 52  PHE A CD2 1 
ATOM   357  C  CE1 . PHE A 1 52  ? 0.943   1.124   -4.699  1.00 35.50 ? 52  PHE A CE1 1 
ATOM   358  C  CE2 . PHE A 1 52  ? 1.149   1.197   -2.309  1.00 35.06 ? 52  PHE A CE2 1 
ATOM   359  C  CZ  . PHE A 1 52  ? 0.542   1.643   -3.476  1.00 35.24 ? 52  PHE A CZ  1 
ATOM   360  N  N   . HIS A 1 53  ? 6.042   0.076   -2.154  1.00 35.26 ? 53  HIS A N   1 
ATOM   361  C  CA  . HIS A 1 53  ? 6.486   1.073   -1.201  1.00 35.91 ? 53  HIS A CA  1 
ATOM   362  C  C   . HIS A 1 53  ? 7.687   1.861   -1.700  1.00 35.31 ? 53  HIS A C   1 
ATOM   363  O  O   . HIS A 1 53  ? 7.864   3.026   -1.351  1.00 34.67 ? 53  HIS A O   1 
ATOM   364  C  CB  . HIS A 1 53  ? 6.744   0.421   0.150   1.00 37.68 ? 53  HIS A CB  1 
ATOM   365  C  CG  . HIS A 1 53  ? 5.484   0.111   0.897   1.00 39.95 ? 53  HIS A CG  1 
ATOM   366  N  ND1 . HIS A 1 53  ? 4.767   -1.051  0.701   1.00 41.35 ? 53  HIS A ND1 1 
ATOM   367  C  CD2 . HIS A 1 53  ? 4.752   0.863   1.750   1.00 40.41 ? 53  HIS A CD2 1 
ATOM   368  C  CE1 . HIS A 1 53  ? 3.646   -0.997  1.399   1.00 41.38 ? 53  HIS A CE1 1 
ATOM   369  N  NE2 . HIS A 1 53  ? 3.613   0.154   2.043   1.00 41.51 ? 53  HIS A NE2 1 
ATOM   370  N  N   . LYS A 1 54  ? 8.508   1.238   -2.531  1.00 34.09 ? 54  LYS A N   1 
ATOM   371  C  CA  . LYS A 1 54  ? 9.631   1.964   -3.091  1.00 34.75 ? 54  LYS A CA  1 
ATOM   372  C  C   . LYS A 1 54  ? 9.018   3.056   -3.975  1.00 34.17 ? 54  LYS A C   1 
ATOM   373  O  O   . LYS A 1 54  ? 9.486   4.191   -3.985  1.00 34.02 ? 54  LYS A O   1 
ATOM   374  C  CB  . LYS A 1 54  ? 10.522  1.036   -3.927  1.00 35.40 ? 54  LYS A CB  1 
ATOM   375  C  CG  . LYS A 1 54  ? 11.541  1.755   -4.812  1.00 37.06 ? 54  LYS A CG  1 
ATOM   376  C  CD  . LYS A 1 54  ? 12.598  2.523   -4.017  1.00 38.83 ? 54  LYS A CD  1 
ATOM   377  C  CE  . LYS A 1 54  ? 13.535  3.295   -4.956  1.00 40.38 ? 54  LYS A CE  1 
ATOM   378  N  NZ  . LYS A 1 54  ? 14.574  4.089   -4.240  1.00 41.40 ? 54  LYS A NZ  1 
ATOM   379  N  N   . ALA A 1 55  ? 7.944   2.715   -4.687  1.00 34.01 ? 55  ALA A N   1 
ATOM   380  C  CA  . ALA A 1 55  ? 7.266   3.661   -5.582  1.00 33.52 ? 55  ALA A CA  1 
ATOM   381  C  C   . ALA A 1 55  ? 6.576   4.862   -4.911  1.00 34.26 ? 55  ALA A C   1 
ATOM   382  O  O   . ALA A 1 55  ? 6.248   5.852   -5.582  1.00 34.17 ? 55  ALA A O   1 
ATOM   383  C  CB  . ALA A 1 55  ? 6.263   2.919   -6.452  1.00 33.66 ? 55  ALA A CB  1 
ATOM   384  N  N   . VAL A 1 56  ? 6.318   4.781   -3.608  1.00 34.25 ? 56  VAL A N   1 
ATOM   385  C  CA  . VAL A 1 56  ? 5.702   5.922   -2.931  1.00 35.28 ? 56  VAL A CA  1 
ATOM   386  C  C   . VAL A 1 56  ? 6.699   6.567   -1.966  1.00 36.41 ? 56  VAL A C   1 
ATOM   387  O  O   . VAL A 1 56  ? 6.357   7.489   -1.215  1.00 36.17 ? 56  VAL A O   1 
ATOM   388  C  CB  . VAL A 1 56  ? 4.443   5.521   -2.132  1.00 34.36 ? 56  VAL A CB  1 
ATOM   389  C  CG1 . VAL A 1 56  ? 3.387   4.967   -3.077  1.00 34.56 ? 56  VAL A CG1 1 
ATOM   390  C  CG2 . VAL A 1 56  ? 4.809   4.530   -1.041  1.00 34.97 ? 56  VAL A CG2 1 
ATOM   391  N  N   . ASP A 1 57  ? 7.935   6.087   -1.993  1.00 37.05 ? 57  ASP A N   1 
ATOM   392  C  CA  . ASP A 1 57  ? 8.953   6.607   -1.098  1.00 39.15 ? 57  ASP A CA  1 
ATOM   393  C  C   . ASP A 1 57  ? 9.238   8.081   -1.334  1.00 39.69 ? 57  ASP A C   1 
ATOM   394  O  O   . ASP A 1 57  ? 9.492   8.822   -0.380  1.00 39.56 ? 57  ASP A O   1 
ATOM   395  C  CB  . ASP A 1 57  ? 10.242  5.801   -1.233  1.00 40.47 ? 57  ASP A CB  1 
ATOM   396  C  CG  . ASP A 1 57  ? 11.197  6.041   -0.075  1.00 43.26 ? 57  ASP A CG  1 
ATOM   397  O  OD1 . ASP A 1 57  ? 12.202  6.773   -0.260  1.00 44.05 ? 57  ASP A OD1 1 
ATOM   398  O  OD2 . ASP A 1 57  ? 10.929  5.504   1.026   1.00 44.17 ? 57  ASP A OD2 1 
ATOM   399  N  N   . HIS A 1 58  ? 9.191   8.513   -2.593  1.00 39.82 ? 58  HIS A N   1 
ATOM   400  C  CA  . HIS A 1 58  ? 9.452   9.917   -2.900  1.00 40.57 ? 58  HIS A CA  1 
ATOM   401  C  C   . HIS A 1 58  ? 8.263   10.781  -2.500  1.00 40.68 ? 58  HIS A C   1 
ATOM   402  O  O   . HIS A 1 58  ? 8.417   11.969  -2.223  1.00 40.65 ? 58  HIS A O   1 
ATOM   403  C  CB  . HIS A 1 58  ? 9.734   10.112  -4.390  1.00 40.42 ? 58  HIS A CB  1 
ATOM   404  C  CG  . HIS A 1 58  ? 8.552   9.850   -5.267  1.00 40.78 ? 58  HIS A CG  1 
ATOM   405  N  ND1 . HIS A 1 58  ? 8.002   8.595   -5.422  1.00 40.94 ? 58  HIS A ND1 1 
ATOM   406  C  CD2 . HIS A 1 58  ? 7.822   10.680  -6.048  1.00 40.86 ? 58  HIS A CD2 1 
ATOM   407  C  CE1 . HIS A 1 58  ? 6.986   8.664   -6.264  1.00 41.05 ? 58  HIS A CE1 1 
ATOM   408  N  NE2 . HIS A 1 58  ? 6.856   9.918   -6.659  1.00 40.96 ? 58  HIS A NE2 1 
ATOM   409  N  N   . ILE A 1 59  ? 7.078   10.183  -2.465  1.00 40.33 ? 59  ILE A N   1 
ATOM   410  C  CA  . ILE A 1 59  ? 5.883   10.930  -2.100  1.00 40.65 ? 59  ILE A CA  1 
ATOM   411  C  C   . ILE A 1 59  ? 5.839   11.202  -0.597  1.00 41.54 ? 59  ILE A C   1 
ATOM   412  O  O   . ILE A 1 59  ? 5.429   12.282  -0.172  1.00 41.59 ? 59  ILE A O   1 
ATOM   413  C  CB  . ILE A 1 59  ? 4.589   10.193  -2.524  1.00 39.68 ? 59  ILE A CB  1 
ATOM   414  C  CG1 . ILE A 1 59  ? 4.638   9.864   -4.022  1.00 39.34 ? 59  ILE A CG1 1 
ATOM   415  C  CG2 . ILE A 1 59  ? 3.376   11.079  -2.234  1.00 38.82 ? 59  ILE A CG2 1 
ATOM   416  C  CD1 . ILE A 1 59  ? 3.353   9.241   -4.565  1.00 39.26 ? 59  ILE A CD1 1 
ATOM   417  N  N   . TYR A 1 60  ? 6.261   10.232  0.204   1.00 42.54 ? 60  TYR A N   1 
ATOM   418  C  CA  . TYR A 1 60  ? 6.267   10.412  1.655   1.00 44.23 ? 60  TYR A CA  1 
ATOM   419  C  C   . TYR A 1 60  ? 7.269   11.502  2.051   1.00 45.67 ? 60  TYR A C   1 
ATOM   420  O  O   . TYR A 1 60  ? 7.025   12.283  2.972   1.00 46.38 ? 60  TYR A O   1 
ATOM   421  C  CB  . TYR A 1 60  ? 6.625   9.101   2.376   1.00 43.60 ? 60  TYR A CB  1 
ATOM   422  C  CG  . TYR A 1 60  ? 5.444   8.180   2.639   1.00 43.62 ? 60  TYR A CG  1 
ATOM   423  C  CD1 . TYR A 1 60  ? 5.022   7.263   1.683   1.00 42.72 ? 60  TYR A CD1 1 
ATOM   424  C  CD2 . TYR A 1 60  ? 4.730   8.255   3.838   1.00 43.77 ? 60  TYR A CD2 1 
ATOM   425  C  CE1 . TYR A 1 60  ? 3.917   6.441   1.910   1.00 42.96 ? 60  TYR A CE1 1 
ATOM   426  C  CE2 . TYR A 1 60  ? 3.620   7.441   4.076   1.00 43.70 ? 60  TYR A CE2 1 
ATOM   427  C  CZ  . TYR A 1 60  ? 3.219   6.535   3.106   1.00 43.27 ? 60  TYR A CZ  1 
ATOM   428  O  OH  . TYR A 1 60  ? 2.120   5.739   3.328   1.00 42.37 ? 60  TYR A OH  1 
ATOM   429  N  N   . LYS A 1 61  ? 8.390   11.547  1.339   1.00 46.77 ? 61  LYS A N   1 
ATOM   430  C  CA  . LYS A 1 61  ? 9.446   12.516  1.598   1.00 47.75 ? 61  LYS A CA  1 
ATOM   431  C  C   . LYS A 1 61  ? 9.270   13.777  0.761   1.00 49.39 ? 61  LYS A C   1 
ATOM   432  O  O   . LYS A 1 61  ? 10.233  14.507  0.541   1.00 49.97 ? 61  LYS A O   1 
ATOM   433  C  CB  . LYS A 1 61  ? 10.810  11.903  1.266   1.00 46.86 ? 61  LYS A CB  1 
ATOM   434  C  CG  . LYS A 1 61  ? 11.088  10.562  1.919   1.00 46.22 ? 61  LYS A CG  1 
ATOM   435  C  CD  . LYS A 1 61  ? 12.446  10.022  1.497   1.00 44.98 ? 61  LYS A CD  1 
ATOM   436  C  CE  . LYS A 1 61  ? 12.715  8.665   2.124   1.00 44.37 ? 61  LYS A CE  1 
ATOM   437  N  NZ  . LYS A 1 61  ? 13.991  8.057   1.641   1.00 42.77 ? 61  LYS A NZ  1 
ATOM   438  N  N   . ASP A 1 62  ? 8.056   14.040  0.291   1.00 50.71 ? 62  ASP A N   1 
ATOM   439  C  CA  . ASP A 1 62  ? 7.826   15.217  -0.538  1.00 52.44 ? 62  ASP A CA  1 
ATOM   440  C  C   . ASP A 1 62  ? 7.747   16.509  0.272   1.00 53.51 ? 62  ASP A C   1 
ATOM   441  O  O   . ASP A 1 62  ? 6.821   16.715  1.058   1.00 53.00 ? 62  ASP A O   1 
ATOM   442  C  CB  . ASP A 1 62  ? 6.557   15.036  -1.374  1.00 52.64 ? 62  ASP A CB  1 
ATOM   443  C  CG  . ASP A 1 62  ? 6.332   16.181  -2.347  1.00 53.23 ? 62  ASP A CG  1 
ATOM   444  O  OD1 . ASP A 1 62  ? 5.830   17.240  -1.910  1.00 53.33 ? 62  ASP A OD1 1 
ATOM   445  O  OD2 . ASP A 1 62  ? 6.665   16.021  -3.546  1.00 53.19 ? 62  ASP A OD2 1 
ATOM   446  N  N   . ALA A 1 63  ? 8.734   17.374  0.058   1.00 54.64 ? 63  ALA A N   1 
ATOM   447  C  CA  . ALA A 1 63  ? 8.829   18.662  0.746   1.00 56.13 ? 63  ALA A CA  1 
ATOM   448  C  C   . ALA A 1 63  ? 7.485   19.367  0.940   1.00 56.66 ? 63  ALA A C   1 
ATOM   449  O  O   . ALA A 1 63  ? 7.059   19.608  2.072   1.00 55.73 ? 63  ALA A O   1 
ATOM   450  C  CB  . ALA A 1 63  ? 9.793   19.582  -0.016  1.00 55.97 ? 63  ALA A CB  1 
ATOM   451  N  N   . GLU A 1 64  ? 6.830   19.699  -0.169  1.00 58.35 ? 64  GLU A N   1 
ATOM   452  C  CA  . GLU A 1 64  ? 5.541   20.382  -0.126  1.00 60.28 ? 64  GLU A CA  1 
ATOM   453  C  C   . GLU A 1 64  ? 4.529   19.635  0.737   1.00 60.77 ? 64  GLU A C   1 
ATOM   454  O  O   . GLU A 1 64  ? 3.867   20.236  1.585   1.00 60.79 ? 64  GLU A O   1 
ATOM   455  C  CB  . GLU A 1 64  ? 4.985   20.559  -1.544  1.00 61.74 ? 64  GLU A CB  1 
ATOM   456  C  CG  . GLU A 1 64  ? 3.522   21.003  -1.579  1.00 64.61 ? 64  GLU A CG  1 
ATOM   457  C  CD  . GLU A 1 64  ? 3.020   21.327  -2.983  1.00 66.19 ? 64  GLU A CD  1 
ATOM   458  O  OE1 . GLU A 1 64  ? 3.311   20.550  -3.922  1.00 67.43 ? 64  GLU A OE1 1 
ATOM   459  O  OE2 . GLU A 1 64  ? 2.319   22.356  -3.142  1.00 66.80 ? 64  GLU A OE2 1 
ATOM   460  N  N   . LEU A 1 65  ? 4.414   18.326  0.525   1.00 60.98 ? 65  LEU A N   1 
ATOM   461  C  CA  . LEU A 1 65  ? 3.470   17.521  1.293   1.00 61.21 ? 65  LEU A CA  1 
ATOM   462  C  C   . LEU A 1 65  ? 3.802   17.484  2.779   1.00 61.14 ? 65  LEU A C   1 
ATOM   463  O  O   . LEU A 1 65  ? 2.906   17.406  3.613   1.00 61.34 ? 65  LEU A O   1 
ATOM   464  C  CB  . LEU A 1 65  ? 3.396   16.095  0.736   1.00 60.65 ? 65  LEU A CB  1 
ATOM   465  C  CG  . LEU A 1 65  ? 2.763   15.972  -0.654  1.00 60.90 ? 65  LEU A CG  1 
ATOM   466  C  CD1 . LEU A 1 65  ? 2.659   14.510  -1.046  1.00 60.43 ? 65  LEU A CD1 1 
ATOM   467  C  CD2 . LEU A 1 65  ? 1.382   16.618  -0.654  1.00 60.69 ? 65  LEU A CD2 1 
ATOM   468  N  N   . ASN A 1 66  ? 5.083   17.541  3.119   1.00 61.40 ? 66  ASN A N   1 
ATOM   469  C  CA  . ASN A 1 66  ? 5.471   17.526  4.522   1.00 61.90 ? 66  ASN A CA  1 
ATOM   470  C  C   . ASN A 1 66  ? 5.136   18.846  5.210   1.00 62.69 ? 66  ASN A C   1 
ATOM   471  O  O   . ASN A 1 66  ? 5.322   18.997  6.419   1.00 62.66 ? 66  ASN A O   1 
ATOM   472  C  CB  . ASN A 1 66  ? 6.957   17.214  4.648   1.00 61.47 ? 66  ASN A CB  1 
ATOM   473  C  CG  . ASN A 1 66  ? 7.240   15.731  4.557   1.00 61.34 ? 66  ASN A CG  1 
ATOM   474  O  OD1 . ASN A 1 66  ? 7.254   15.027  5.567   1.00 60.60 ? 66  ASN A OD1 1 
ATOM   475  N  ND2 . ASN A 1 66  ? 7.448   15.242  3.339   1.00 61.03 ? 66  ASN A ND2 1 
ATOM   476  N  N   . LYS A 1 67  ? 4.632   19.799  4.435   1.00 63.71 ? 67  LYS A N   1 
ATOM   477  C  CA  . LYS A 1 67  ? 4.247   21.094  4.985   1.00 65.18 ? 67  LYS A CA  1 
ATOM   478  C  C   . LYS A 1 67  ? 2.774   21.041  5.375   1.00 65.59 ? 67  LYS A C   1 
ATOM   479  O  O   . LYS A 1 67  ? 2.353   21.677  6.340   1.00 66.21 ? 67  LYS A O   1 
ATOM   480  C  CB  . LYS A 1 67  ? 4.470   22.210  3.957   1.00 65.35 ? 67  LYS A CB  1 
ATOM   481  C  CG  . LYS A 1 67  ? 5.932   22.531  3.686   1.00 66.33 ? 67  LYS A CG  1 
ATOM   482  C  CD  . LYS A 1 67  ? 6.650   23.000  4.953   1.00 67.03 ? 67  LYS A CD  1 
ATOM   483  C  CE  . LYS A 1 67  ? 8.100   23.367  4.664   1.00 67.38 ? 67  LYS A CE  1 
ATOM   484  N  NZ  . LYS A 1 67  ? 8.814   23.845  5.883   1.00 67.81 ? 67  LYS A NZ  1 
ATOM   485  N  N   . ALA A 1 68  ? 1.997   20.274  4.614   1.00 65.72 ? 68  ALA A N   1 
ATOM   486  C  CA  . ALA A 1 68  ? 0.570   20.124  4.870   1.00 65.61 ? 68  ALA A CA  1 
ATOM   487  C  C   . ALA A 1 68  ? 0.319   18.953  5.816   1.00 65.84 ? 68  ALA A C   1 
ATOM   488  O  O   . ALA A 1 68  ? -0.745  18.857  6.436   1.00 65.85 ? 68  ALA A O   1 
ATOM   489  C  CB  . ALA A 1 68  ? -0.175  19.909  3.559   1.00 65.57 ? 68  ALA A CB  1 
ATOM   490  N  N   . ILE A 1 69  ? 1.304   18.065  5.923   1.00 65.86 ? 69  ILE A N   1 
ATOM   491  C  CA  . ILE A 1 69  ? 1.200   16.901  6.798   1.00 65.66 ? 69  ILE A CA  1 
ATOM   492  C  C   . ILE A 1 69  ? 2.502   16.686  7.555   1.00 65.66 ? 69  ILE A C   1 
ATOM   493  O  O   . ILE A 1 69  ? 3.533   16.358  6.964   1.00 65.90 ? 69  ILE A O   1 
ATOM   494  C  CB  . ILE A 1 69  ? 0.869   15.621  6.001   1.00 65.70 ? 69  ILE A CB  1 
ATOM   495  C  CG1 . ILE A 1 69  ? -0.509  15.757  5.356   1.00 65.60 ? 69  ILE A CG1 1 
ATOM   496  C  CG2 . ILE A 1 69  ? 0.899   14.408  6.923   1.00 65.57 ? 69  ILE A CG2 1 
ATOM   497  C  CD1 . ILE A 1 69  ? -0.899  14.584  4.490   1.00 65.92 ? 69  ILE A CD1 1 
ATOM   498  N  N   . PRO A 1 70  ? 2.464   16.858  8.884   1.00 65.62 ? 70  PRO A N   1 
ATOM   499  C  CA  . PRO A 1 70  ? 3.619   16.698  9.771   1.00 65.26 ? 70  PRO A CA  1 
ATOM   500  C  C   . PRO A 1 70  ? 4.150   15.276  9.883   1.00 64.88 ? 70  PRO A C   1 
ATOM   501  O  O   . PRO A 1 70  ? 3.381   14.321  9.965   1.00 64.91 ? 70  PRO A O   1 
ATOM   502  C  CB  . PRO A 1 70  ? 3.092   17.212  11.106  1.00 65.60 ? 70  PRO A CB  1 
ATOM   503  C  CG  . PRO A 1 70  ? 1.657   16.788  11.065  1.00 65.57 ? 70  PRO A CG  1 
ATOM   504  C  CD  . PRO A 1 70  ? 1.258   17.196  9.663   1.00 65.71 ? 70  PRO A CD  1 
ATOM   505  N  N   . GLU A 1 71  ? 5.475   15.153  9.893   1.00 64.39 ? 71  GLU A N   1 
ATOM   506  C  CA  . GLU A 1 71  ? 6.151   13.864  10.021  1.00 64.09 ? 71  GLU A CA  1 
ATOM   507  C  C   . GLU A 1 71  ? 5.781   12.856  8.933   1.00 63.39 ? 71  GLU A C   1 
ATOM   508  O  O   . GLU A 1 71  ? 6.054   11.665  9.072   1.00 62.95 ? 71  GLU A O   1 
ATOM   509  C  CB  . GLU A 1 71  ? 5.856   13.268  11.402  1.00 64.60 ? 71  GLU A CB  1 
ATOM   510  C  CG  . GLU A 1 71  ? 6.253   14.184  12.547  1.00 65.68 ? 71  GLU A CG  1 
ATOM   511  C  CD  . GLU A 1 71  ? 7.735   14.533  12.522  1.00 66.55 ? 71  GLU A CD  1 
ATOM   512  O  OE1 . GLU A 1 71  ? 8.529   13.843  13.198  1.00 66.62 ? 71  GLU A OE1 1 
ATOM   513  O  OE2 . GLU A 1 71  ? 8.108   15.492  11.810  1.00 66.60 ? 71  GLU A OE2 1 
ATOM   514  N  N   . LEU A 1 72  ? 5.171   13.336  7.853   1.00 62.75 ? 72  LEU A N   1 
ATOM   515  C  CA  . LEU A 1 72  ? 4.771   12.467  6.753   1.00 62.22 ? 72  LEU A CA  1 
ATOM   516  C  C   . LEU A 1 72  ? 5.908   11.548  6.347   1.00 62.18 ? 72  LEU A C   1 
ATOM   517  O  O   . LEU A 1 72  ? 5.754   10.332  6.301   1.00 62.25 ? 72  LEU A O   1 
ATOM   518  C  CB  . LEU A 1 72  ? 4.344   13.294  5.543   1.00 61.88 ? 72  LEU A CB  1 
ATOM   519  C  CG  . LEU A 1 72  ? 3.948   12.499  4.293   1.00 61.84 ? 72  LEU A CG  1 
ATOM   520  C  CD1 . LEU A 1 72  ? 2.703   11.665  4.576   1.00 61.49 ? 72  LEU A CD1 1 
ATOM   521  C  CD2 . LEU A 1 72  ? 3.693   13.457  3.148   1.00 61.57 ? 72  LEU A CD2 1 
ATOM   522  N  N   . GLU A 1 73  ? 7.053   12.145  6.059   1.00 62.48 ? 73  GLU A N   1 
ATOM   523  C  CA  . GLU A 1 73  ? 8.228   11.401  5.638   1.00 63.06 ? 73  GLU A CA  1 
ATOM   524  C  C   . GLU A 1 73  ? 8.539   10.185  6.511   1.00 63.11 ? 73  GLU A C   1 
ATOM   525  O  O   . GLU A 1 73  ? 8.986   9.155   6.007   1.00 62.94 ? 73  GLU A O   1 
ATOM   526  C  CB  . GLU A 1 73  ? 9.439   12.336  5.615   1.00 63.34 ? 73  GLU A CB  1 
ATOM   527  C  CG  . GLU A 1 73  ? 9.701   13.038  6.946   1.00 63.77 ? 73  GLU A CG  1 
ATOM   528  C  CD  . GLU A 1 73  ? 10.857  14.025  6.880   1.00 63.59 ? 73  GLU A CD  1 
ATOM   529  O  OE1 . GLU A 1 73  ? 12.000  13.597  6.610   1.00 63.45 ? 73  GLU A OE1 1 
ATOM   530  O  OE2 . GLU A 1 73  ? 10.620  15.233  7.100   1.00 63.63 ? 73  GLU A OE2 1 
ATOM   531  N  N   . TYR A 1 74  ? 8.298   10.298  7.814   1.00 63.11 ? 74  TYR A N   1 
ATOM   532  C  CA  . TYR A 1 74  ? 8.591   9.200   8.730   1.00 63.16 ? 74  TYR A CA  1 
ATOM   533  C  C   . TYR A 1 74  ? 7.562   8.073   8.725   1.00 62.69 ? 74  TYR A C   1 
ATOM   534  O  O   . TYR A 1 74  ? 7.720   7.077   9.437   1.00 62.61 ? 74  TYR A O   1 
ATOM   535  C  CB  . TYR A 1 74  ? 8.756   9.733   10.155  1.00 64.64 ? 74  TYR A CB  1 
ATOM   536  C  CG  . TYR A 1 74  ? 9.819   10.803  10.293  1.00 65.79 ? 74  TYR A CG  1 
ATOM   537  C  CD1 . TYR A 1 74  ? 9.485   12.156  10.234  1.00 66.61 ? 74  TYR A CD1 1 
ATOM   538  C  CD2 . TYR A 1 74  ? 11.159  10.462  10.479  1.00 66.31 ? 74  TYR A CD2 1 
ATOM   539  C  CE1 . TYR A 1 74  ? 10.462  13.146  10.361  1.00 67.39 ? 74  TYR A CE1 1 
ATOM   540  C  CE2 . TYR A 1 74  ? 12.144  11.443  10.605  1.00 67.04 ? 74  TYR A CE2 1 
ATOM   541  C  CZ  . TYR A 1 74  ? 11.788  12.779  10.546  1.00 67.51 ? 74  TYR A CZ  1 
ATOM   542  O  OH  . TYR A 1 74  ? 12.755  13.750  10.678  1.00 68.63 ? 74  TYR A OH  1 
ATOM   543  N  N   . MET A 1 75  ? 6.515   8.224   7.923   1.00 61.38 ? 75  MET A N   1 
ATOM   544  C  CA  . MET A 1 75  ? 5.478   7.203   7.843   1.00 60.13 ? 75  MET A CA  1 
ATOM   545  C  C   . MET A 1 75  ? 5.784   6.140   6.784   1.00 59.10 ? 75  MET A C   1 
ATOM   546  O  O   . MET A 1 75  ? 5.037   5.177   6.645   1.00 58.97 ? 75  MET A O   1 
ATOM   547  C  CB  . MET A 1 75  ? 4.122   7.845   7.532   1.00 60.40 ? 75  MET A CB  1 
ATOM   548  C  CG  . MET A 1 75  ? 3.570   8.754   8.626   1.00 60.45 ? 75  MET A CG  1 
ATOM   549  S  SD  . MET A 1 75  ? 1.891   9.333   8.244   1.00 61.09 ? 75  MET A SD  1 
ATOM   550  C  CE  . MET A 1 75  ? 2.149   11.078  7.990   1.00 61.89 ? 75  MET A CE  1 
ATOM   551  N  N   . ALA A 1 76  ? 6.880   6.310   6.049   1.00 57.75 ? 76  ALA A N   1 
ATOM   552  C  CA  . ALA A 1 76  ? 7.244   5.361   4.994   1.00 56.30 ? 76  ALA A CA  1 
ATOM   553  C  C   . ALA A 1 76  ? 7.596   3.966   5.508   1.00 55.11 ? 76  ALA A C   1 
ATOM   554  O  O   . ALA A 1 76  ? 8.305   3.822   6.501   1.00 55.06 ? 76  ALA A O   1 
ATOM   555  C  CB  . ALA A 1 76  ? 8.398   5.915   4.172   1.00 56.02 ? 76  ALA A CB  1 
ATOM   556  N  N   . ARG A 1 77  ? 7.112   2.942   4.811   1.00 53.83 ? 77  ARG A N   1 
ATOM   557  C  CA  . ARG A 1 77  ? 7.365   1.558   5.203   1.00 52.27 ? 77  ARG A CA  1 
ATOM   558  C  C   . ARG A 1 77  ? 8.421   0.842   4.362   1.00 50.59 ? 77  ARG A C   1 
ATOM   559  O  O   . ARG A 1 77  ? 8.738   -0.319  4.624   1.00 49.49 ? 77  ARG A O   1 
ATOM   560  C  CB  . ARG A 1 77  ? 6.064   0.752   5.149   1.00 53.75 ? 77  ARG A CB  1 
ATOM   561  C  CG  . ARG A 1 77  ? 5.086   1.045   6.278   1.00 55.67 ? 77  ARG A CG  1 
ATOM   562  C  CD  . ARG A 1 77  ? 4.005   -0.027  6.354   1.00 57.68 ? 77  ARG A CD  1 
ATOM   563  N  NE  . ARG A 1 77  ? 3.010   0.069   5.290   1.00 59.01 ? 77  ARG A NE  1 
ATOM   564  C  CZ  . ARG A 1 77  ? 2.049   -0.831  5.085   1.00 59.92 ? 77  ARG A CZ  1 
ATOM   565  N  NH1 . ARG A 1 77  ? 1.954   -1.901  5.867   1.00 60.29 ? 77  ARG A NH1 1 
ATOM   566  N  NH2 . ARG A 1 77  ? 1.167   -0.654  4.110   1.00 60.62 ? 77  ARG A NH2 1 
ATOM   567  N  N   . TYR A 1 78  ? 8.962   1.526   3.357   1.00 48.68 ? 78  TYR A N   1 
ATOM   568  C  CA  . TYR A 1 78  ? 9.965   0.914   2.489   1.00 46.93 ? 78  TYR A CA  1 
ATOM   569  C  C   . TYR A 1 78  ? 11.126  0.237   3.228   1.00 45.96 ? 78  TYR A C   1 
ATOM   570  O  O   . TYR A 1 78  ? 11.486  -0.898  2.905   1.00 45.23 ? 78  TYR A O   1 
ATOM   571  C  CB  . TYR A 1 78  ? 10.507  1.947   1.494   1.00 46.87 ? 78  TYR A CB  1 
ATOM   572  C  CG  . TYR A 1 78  ? 11.537  1.381   0.548   1.00 47.00 ? 78  TYR A CG  1 
ATOM   573  C  CD1 . TYR A 1 78  ? 11.308  0.180   -0.127  1.00 46.55 ? 78  TYR A CD1 1 
ATOM   574  C  CD2 . TYR A 1 78  ? 12.745  2.044   0.323   1.00 47.93 ? 78  TYR A CD2 1 
ATOM   575  C  CE1 . TYR A 1 78  ? 12.256  -0.351  -1.001  1.00 47.24 ? 78  TYR A CE1 1 
ATOM   576  C  CE2 . TYR A 1 78  ? 13.704  1.523   -0.553  1.00 48.02 ? 78  TYR A CE2 1 
ATOM   577  C  CZ  . TYR A 1 78  ? 13.453  0.328   -1.208  1.00 48.27 ? 78  TYR A CZ  1 
ATOM   578  O  OH  . TYR A 1 78  ? 14.399  -0.180  -2.062  1.00 48.74 ? 78  TYR A OH  1 
ATOM   579  N  N   . ASP A 1 79  ? 11.717  0.914   4.210   1.00 45.13 ? 79  ASP A N   1 
ATOM   580  C  CA  . ASP A 1 79  ? 12.829  0.323   4.966   1.00 44.86 ? 79  ASP A CA  1 
ATOM   581  C  C   . ASP A 1 79  ? 12.407  -0.963  5.696   1.00 43.96 ? 79  ASP A C   1 
ATOM   582  O  O   . ASP A 1 79  ? 13.097  -1.987  5.622   1.00 43.31 ? 79  ASP A O   1 
ATOM   583  C  CB  . ASP A 1 79  ? 13.393  1.326   5.984   1.00 44.89 ? 79  ASP A CB  1 
ATOM   584  C  CG  . ASP A 1 79  ? 14.257  2.403   5.334   1.00 46.54 ? 79  ASP A CG  1 
ATOM   585  O  OD1 . ASP A 1 79  ? 15.305  2.053   4.740   1.00 46.47 ? 79  ASP A OD1 1 
ATOM   586  O  OD2 . ASP A 1 79  ? 13.882  3.595   5.416   1.00 45.93 ? 79  ASP A OD2 1 
ATOM   587  N  N   . ALA A 1 80  ? 11.276  -0.899  6.395   1.00 43.35 ? 80  ALA A N   1 
ATOM   588  C  CA  . ALA A 1 80  ? 10.761  -2.057  7.132   1.00 43.18 ? 80  ALA A CA  1 
ATOM   589  C  C   . ALA A 1 80  ? 10.612  -3.279  6.228   1.00 42.97 ? 80  ALA A C   1 
ATOM   590  O  O   . ALA A 1 80  ? 10.872  -4.406  6.650   1.00 43.47 ? 80  ALA A O   1 
ATOM   591  C  CB  . ALA A 1 80  ? 9.418   -1.716  7.767   1.00 42.72 ? 80  ALA A CB  1 
ATOM   592  N  N   . VAL A 1 81  ? 10.196  -3.054  4.984   1.00 42.73 ? 81  VAL A N   1 
ATOM   593  C  CA  . VAL A 1 81  ? 10.006  -4.154  4.041   1.00 42.25 ? 81  VAL A CA  1 
ATOM   594  C  C   . VAL A 1 81  ? 11.337  -4.721  3.598   1.00 41.88 ? 81  VAL A C   1 
ATOM   595  O  O   . VAL A 1 81  ? 11.496  -5.938  3.455   1.00 41.40 ? 81  VAL A O   1 
ATOM   596  C  CB  . VAL A 1 81  ? 9.244   -3.721  2.764   1.00 41.07 ? 81  VAL A CB  1 
ATOM   597  C  CG1 . VAL A 1 81  ? 8.930   -4.955  1.926   1.00 40.89 ? 81  VAL A CG1 1 
ATOM   598  C  CG2 . VAL A 1 81  ? 7.976   -2.996  3.118   1.00 41.53 ? 81  VAL A CG2 1 
ATOM   599  N  N   . THR A 1 82  ? 12.288  -3.834  3.343   1.00 41.66 ? 82  THR A N   1 
ATOM   600  C  CA  . THR A 1 82  ? 13.601  -4.271  2.928   1.00 42.18 ? 82  THR A CA  1 
ATOM   601  C  C   . THR A 1 82  ? 14.218  -5.062  4.077   1.00 42.60 ? 82  THR A C   1 
ATOM   602  O  O   . THR A 1 82  ? 14.926  -6.041  3.855   1.00 42.19 ? 82  THR A O   1 
ATOM   603  C  CB  . THR A 1 82  ? 14.490  -3.074  2.573   1.00 42.65 ? 82  THR A CB  1 
ATOM   604  O  OG1 . THR A 1 82  ? 13.862  -2.311  1.531   1.00 42.10 ? 82  THR A OG1 1 
ATOM   605  C  CG2 . THR A 1 82  ? 15.852  -3.560  2.087   1.00 43.34 ? 82  THR A CG2 1 
ATOM   606  N  N   . GLN A 1 83  ? 13.937  -4.633  5.305   1.00 43.63 ? 83  GLN A N   1 
ATOM   607  C  CA  . GLN A 1 83  ? 14.450  -5.314  6.490   1.00 45.62 ? 83  GLN A CA  1 
ATOM   608  C  C   . GLN A 1 83  ? 13.726  -6.663  6.636   1.00 46.25 ? 83  GLN A C   1 
ATOM   609  O  O   . GLN A 1 83  ? 14.327  -7.647  7.073   1.00 45.84 ? 83  GLN A O   1 
ATOM   610  C  CB  . GLN A 1 83  ? 14.244  -4.440  7.739   1.00 46.36 ? 83  GLN A CB  1 
ATOM   611  C  CG  . GLN A 1 83  ? 14.802  -5.009  9.045   1.00 47.78 ? 83  GLN A CG  1 
ATOM   612  C  CD  . GLN A 1 83  ? 16.259  -5.441  8.948   1.00 49.02 ? 83  GLN A CD  1 
ATOM   613  O  OE1 . GLN A 1 83  ? 16.563  -6.591  8.619   1.00 49.65 ? 83  GLN A OE1 1 
ATOM   614  N  NE2 . GLN A 1 83  ? 17.170  -4.512  9.229   1.00 49.34 ? 83  GLN A NE2 1 
ATOM   615  N  N   . ASP A 1 84  ? 12.444  -6.711  6.267   1.00 46.54 ? 84  ASP A N   1 
ATOM   616  C  CA  . ASP A 1 84  ? 11.712  -7.975  6.336   1.00 47.25 ? 84  ASP A CA  1 
ATOM   617  C  C   . ASP A 1 84  ? 12.374  -8.933  5.358   1.00 47.68 ? 84  ASP A C   1 
ATOM   618  O  O   . ASP A 1 84  ? 12.530  -10.116 5.649   1.00 47.85 ? 84  ASP A O   1 
ATOM   619  C  CB  . ASP A 1 84  ? 10.234  -7.798  5.975   1.00 47.12 ? 84  ASP A CB  1 
ATOM   620  C  CG  . ASP A 1 84  ? 9.421   -7.243  7.122   1.00 47.15 ? 84  ASP A CG  1 
ATOM   621  O  OD1 . ASP A 1 84  ? 9.724   -7.596  8.279   1.00 47.33 ? 84  ASP A OD1 1 
ATOM   622  O  OD2 . ASP A 1 84  ? 8.476   -6.468  6.880   1.00 47.65 ? 84  ASP A OD2 1 
ATOM   623  N  N   . LEU A 1 85  ? 12.769  -8.411  4.199   1.00 48.48 ? 85  LEU A N   1 
ATOM   624  C  CA  . LEU A 1 85  ? 13.447  -9.220  3.193   1.00 49.51 ? 85  LEU A CA  1 
ATOM   625  C  C   . LEU A 1 85  ? 14.775  -9.706  3.758   1.00 50.86 ? 85  LEU A C   1 
ATOM   626  O  O   . LEU A 1 85  ? 15.178  -10.856 3.547   1.00 51.25 ? 85  LEU A O   1 
ATOM   627  C  CB  . LEU A 1 85  ? 13.702  -8.401  1.926   1.00 48.83 ? 85  LEU A CB  1 
ATOM   628  C  CG  . LEU A 1 85  ? 12.512  -8.247  0.976   1.00 49.27 ? 85  LEU A CG  1 
ATOM   629  C  CD1 . LEU A 1 85  ? 12.926  -7.454  -0.256  1.00 49.32 ? 85  LEU A CD1 1 
ATOM   630  C  CD2 . LEU A 1 85  ? 12.019  -9.622  0.560   1.00 49.04 ? 85  LEU A CD2 1 
ATOM   631  N  N   . LYS A 1 86  ? 15.453  -8.825  4.485   1.00 51.91 ? 86  LYS A N   1 
ATOM   632  C  CA  . LYS A 1 86  ? 16.733  -9.168  5.086   1.00 53.09 ? 86  LYS A CA  1 
ATOM   633  C  C   . LYS A 1 86  ? 16.522  -10.354 6.029   1.00 53.51 ? 86  LYS A C   1 
ATOM   634  O  O   . LYS A 1 86  ? 17.191  -11.383 5.911   1.00 53.26 ? 86  LYS A O   1 
ATOM   635  C  CB  . LYS A 1 86  ? 17.285  -7.966  5.858   1.00 53.64 ? 86  LYS A CB  1 
ATOM   636  C  CG  . LYS A 1 86  ? 18.798  -7.986  6.050   1.00 54.89 ? 86  LYS A CG  1 
ATOM   637  C  CD  . LYS A 1 86  ? 19.268  -6.780  6.857   1.00 55.78 ? 86  LYS A CD  1 
ATOM   638  C  CE  . LYS A 1 86  ? 20.776  -6.813  7.082   1.00 56.59 ? 86  LYS A CE  1 
ATOM   639  N  NZ  . LYS A 1 86  ? 21.233  -5.702  7.968   1.00 57.05 ? 86  LYS A NZ  1 
ATOM   640  N  N   . ASP A 1 87  ? 15.567  -10.209 6.945   1.00 53.96 ? 87  ASP A N   1 
ATOM   641  C  CA  . ASP A 1 87  ? 15.262  -11.259 7.910   1.00 54.89 ? 87  ASP A CA  1 
ATOM   642  C  C   . ASP A 1 87  ? 15.023  -12.617 7.253   1.00 55.09 ? 87  ASP A C   1 
ATOM   643  O  O   . ASP A 1 87  ? 15.294  -13.660 7.855   1.00 55.29 ? 87  ASP A O   1 
ATOM   644  C  CB  . ASP A 1 87  ? 14.032  -10.887 8.741   1.00 55.08 ? 87  ASP A CB  1 
ATOM   645  C  CG  . ASP A 1 87  ? 14.210  -9.594  9.507   1.00 55.91 ? 87  ASP A CG  1 
ATOM   646  O  OD1 . ASP A 1 87  ? 15.344  -9.316  9.952   1.00 55.69 ? 87  ASP A OD1 1 
ATOM   647  O  OD2 . ASP A 1 87  ? 13.211  -8.860  9.682   1.00 55.90 ? 87  ASP A OD2 1 
ATOM   648  N  N   . LEU A 1 88  ? 14.520  -12.606 6.022   1.00 55.10 ? 88  LEU A N   1 
ATOM   649  C  CA  . LEU A 1 88  ? 14.232  -13.843 5.298   1.00 55.40 ? 88  LEU A CA  1 
ATOM   650  C  C   . LEU A 1 88  ? 15.393  -14.341 4.454   1.00 55.14 ? 88  LEU A C   1 
ATOM   651  O  O   . LEU A 1 88  ? 15.243  -15.306 3.712   1.00 55.53 ? 88  LEU A O   1 
ATOM   652  C  CB  . LEU A 1 88  ? 13.004  -13.659 4.399   1.00 55.73 ? 88  LEU A CB  1 
ATOM   653  C  CG  . LEU A 1 88  ? 11.608  -13.779 5.022   1.00 56.54 ? 88  LEU A CG  1 
ATOM   654  C  CD1 . LEU A 1 88  ? 11.237  -15.241 5.155   1.00 56.49 ? 88  LEU A CD1 1 
ATOM   655  C  CD2 . LEU A 1 88  ? 11.562  -13.075 6.372   1.00 56.54 ? 88  LEU A CD2 1 
ATOM   656  N  N   . GLY A 1 89  ? 16.545  -13.688 4.560   1.00 55.25 ? 89  GLY A N   1 
ATOM   657  C  CA  . GLY A 1 89  ? 17.700  -14.109 3.786   1.00 55.39 ? 89  GLY A CA  1 
ATOM   658  C  C   . GLY A 1 89  ? 17.725  -13.577 2.364   1.00 55.81 ? 89  GLY A C   1 
ATOM   659  O  O   . GLY A 1 89  ? 18.436  -14.096 1.497   1.00 55.71 ? 89  GLY A O   1 
ATOM   660  N  N   . GLU A 1 90  ? 16.939  -12.536 2.118   1.00 56.02 ? 90  GLU A N   1 
ATOM   661  C  CA  . GLU A 1 90  ? 16.878  -11.935 0.795   1.00 56.57 ? 90  GLU A CA  1 
ATOM   662  C  C   . GLU A 1 90  ? 17.557  -10.568 0.760   1.00 56.86 ? 90  GLU A C   1 
ATOM   663  O  O   . GLU A 1 90  ? 17.447  -9.774  1.698   1.00 56.32 ? 90  GLU A O   1 
ATOM   664  C  CB  . GLU A 1 90  ? 15.419  -11.781 0.355   1.00 56.66 ? 90  GLU A CB  1 
ATOM   665  C  CG  . GLU A 1 90  ? 14.750  -13.080 -0.051  1.00 57.39 ? 90  GLU A CG  1 
ATOM   666  C  CD  . GLU A 1 90  ? 15.364  -13.668 -1.303  1.00 57.74 ? 90  GLU A CD  1 
ATOM   667  O  OE1 . GLU A 1 90  ? 15.315  -12.995 -2.351  1.00 57.61 ? 90  GLU A OE1 1 
ATOM   668  O  OE2 . GLU A 1 90  ? 15.898  -14.795 -1.240  1.00 58.79 ? 90  GLU A OE2 1 
ATOM   669  N  N   . GLU A 1 91  ? 18.264  -10.303 -0.331  1.00 57.50 ? 91  GLU A N   1 
ATOM   670  C  CA  . GLU A 1 91  ? 18.928  -9.021  -0.507  1.00 58.17 ? 91  GLU A CA  1 
ATOM   671  C  C   . GLU A 1 91  ? 17.842  -8.070  -0.994  1.00 57.71 ? 91  GLU A C   1 
ATOM   672  O  O   . GLU A 1 91  ? 16.783  -8.517  -1.436  1.00 57.36 ? 91  GLU A O   1 
ATOM   673  C  CB  . GLU A 1 91  ? 20.036  -9.152  -1.547  1.00 59.43 ? 91  GLU A CB  1 
ATOM   674  C  CG  . GLU A 1 91  ? 21.075  -10.193 -1.155  1.00 61.86 ? 91  GLU A CG  1 
ATOM   675  C  CD  . GLU A 1 91  ? 21.337  -11.212 -2.250  1.00 63.06 ? 91  GLU A CD  1 
ATOM   676  O  OE1 . GLU A 1 91  ? 20.360  -11.691 -2.870  1.00 63.77 ? 91  GLU A OE1 1 
ATOM   677  O  OE2 . GLU A 1 91  ? 22.522  -11.542 -2.478  1.00 63.81 ? 91  GLU A OE2 1 
ATOM   678  N  N   . PRO A 1 92  ? 18.074  -6.749  -0.896  1.00 57.17 ? 92  PRO A N   1 
ATOM   679  C  CA  . PRO A 1 92  ? 17.068  -5.785  -1.351  1.00 56.63 ? 92  PRO A CA  1 
ATOM   680  C  C   . PRO A 1 92  ? 16.551  -6.131  -2.748  1.00 55.88 ? 92  PRO A C   1 
ATOM   681  O  O   . PRO A 1 92  ? 17.319  -6.530  -3.629  1.00 55.13 ? 92  PRO A O   1 
ATOM   682  C  CB  . PRO A 1 92  ? 17.825  -4.462  -1.307  1.00 57.04 ? 92  PRO A CB  1 
ATOM   683  C  CG  . PRO A 1 92  ? 18.696  -4.645  -0.090  1.00 57.40 ? 92  PRO A CG  1 
ATOM   684  C  CD  . PRO A 1 92  ? 19.231  -6.057  -0.296  1.00 57.41 ? 92  PRO A CD  1 
ATOM   685  N  N   . TYR A 1 93  ? 15.242  -5.999  -2.935  1.00 55.25 ? 93  TYR A N   1 
ATOM   686  C  CA  . TYR A 1 93  ? 14.629  -6.312  -4.223  1.00 54.44 ? 93  TYR A CA  1 
ATOM   687  C  C   . TYR A 1 93  ? 14.487  -5.062  -5.075  1.00 54.40 ? 93  TYR A C   1 
ATOM   688  O  O   . TYR A 1 93  ? 14.195  -3.981  -4.559  1.00 54.15 ? 93  TYR A O   1 
ATOM   689  C  CB  . TYR A 1 93  ? 13.252  -6.940  -4.018  1.00 53.37 ? 93  TYR A CB  1 
ATOM   690  C  CG  . TYR A 1 93  ? 12.566  -7.333  -5.313  1.00 52.68 ? 93  TYR A CG  1 
ATOM   691  C  CD1 . TYR A 1 93  ? 13.102  -8.326  -6.133  1.00 52.42 ? 93  TYR A CD1 1 
ATOM   692  C  CD2 . TYR A 1 93  ? 11.388  -6.708  -5.720  1.00 51.75 ? 93  TYR A CD2 1 
ATOM   693  C  CE1 . TYR A 1 93  ? 12.479  -8.689  -7.331  1.00 52.40 ? 93  TYR A CE1 1 
ATOM   694  C  CE2 . TYR A 1 93  ? 10.757  -7.063  -6.915  1.00 51.60 ? 93  TYR A CE2 1 
ATOM   695  C  CZ  . TYR A 1 93  ? 11.309  -8.053  -7.714  1.00 51.77 ? 93  TYR A CZ  1 
ATOM   696  O  OH  . TYR A 1 93  ? 10.696  -8.411  -8.890  1.00 51.55 ? 93  TYR A OH  1 
ATOM   697  N  N   . LYS A 1 94  ? 14.687  -5.214  -6.380  1.00 54.53 ? 94  LYS A N   1 
ATOM   698  C  CA  . LYS A 1 94  ? 14.570  -4.088  -7.297  1.00 55.00 ? 94  LYS A CA  1 
ATOM   699  C  C   . LYS A 1 94  ? 13.739  -4.455  -8.513  1.00 55.13 ? 94  LYS A C   1 
ATOM   700  O  O   . LYS A 1 94  ? 14.027  -5.430  -9.210  1.00 54.49 ? 94  LYS A O   1 
ATOM   701  C  CB  . LYS A 1 94  ? 15.953  -3.614  -7.741  1.00 55.20 ? 94  LYS A CB  1 
ATOM   702  C  CG  . LYS A 1 94  ? 15.902  -2.486  -8.749  1.00 56.19 ? 94  LYS A CG  1 
ATOM   703  C  CD  . LYS A 1 94  ? 17.279  -1.892  -8.998  1.00 56.48 ? 94  LYS A CD  1 
ATOM   704  C  CE  . LYS A 1 94  ? 17.216  -0.832  -10.084 1.00 56.31 ? 94  LYS A CE  1 
ATOM   705  N  NZ  . LYS A 1 94  ? 16.297  0.272   -9.699  1.00 57.48 ? 94  LYS A NZ  1 
ATOM   706  N  N   . PHE A 1 95  ? 12.708  -3.656  -8.766  1.00 55.52 ? 95  PHE A N   1 
ATOM   707  C  CA  . PHE A 1 95  ? 11.808  -3.889  -9.886  1.00 56.54 ? 95  PHE A CA  1 
ATOM   708  C  C   . PHE A 1 95  ? 12.508  -3.906  -11.241 1.00 57.40 ? 95  PHE A C   1 
ATOM   709  O  O   . PHE A 1 95  ? 13.467  -3.169  -11.473 1.00 57.68 ? 95  PHE A O   1 
ATOM   710  C  CB  . PHE A 1 95  ? 10.709  -2.826  -9.892  1.00 55.89 ? 95  PHE A CB  1 
ATOM   711  C  CG  . PHE A 1 95  ? 9.546   -3.159  -10.777 1.00 55.23 ? 95  PHE A CG  1 
ATOM   712  C  CD1 . PHE A 1 95  ? 8.970   -4.428  -10.745 1.00 55.38 ? 95  PHE A CD1 1 
ATOM   713  C  CD2 . PHE A 1 95  ? 8.989   -2.193  -11.605 1.00 55.02 ? 95  PHE A CD2 1 
ATOM   714  C  CE1 . PHE A 1 95  ? 7.851   -4.727  -11.525 1.00 55.15 ? 95  PHE A CE1 1 
ATOM   715  C  CE2 . PHE A 1 95  ? 7.872   -2.481  -12.387 1.00 54.93 ? 95  PHE A CE2 1 
ATOM   716  C  CZ  . PHE A 1 95  ? 7.302   -3.748  -12.346 1.00 54.97 ? 95  PHE A CZ  1 
ATOM   717  N  N   . ASP A 1 96  ? 12.002  -4.747  -12.135 1.00 58.53 ? 96  ASP A N   1 
ATOM   718  C  CA  . ASP A 1 96  ? 12.547  -4.890  -13.479 1.00 59.47 ? 96  ASP A CA  1 
ATOM   719  C  C   . ASP A 1 96  ? 12.347  -3.618  -14.284 1.00 59.36 ? 96  ASP A C   1 
ATOM   720  O  O   . ASP A 1 96  ? 13.306  -2.944  -14.647 1.00 59.89 ? 96  ASP A O   1 
ATOM   721  C  CB  . ASP A 1 96  ? 11.853  -6.037  -14.226 1.00 60.22 ? 96  ASP A CB  1 
ATOM   722  C  CG  . ASP A 1 96  ? 11.610  -7.246  -13.349 1.00 61.26 ? 96  ASP A CG  1 
ATOM   723  O  OD1 . ASP A 1 96  ? 10.905  -7.101  -12.327 1.00 62.13 ? 96  ASP A OD1 1 
ATOM   724  O  OD2 . ASP A 1 96  ? 12.116  -8.341  -13.683 1.00 61.85 ? 96  ASP A OD2 1 
ATOM   725  N  N   . LYS A 1 97  ? 11.088  -3.299  -14.559 1.00 59.18 ? 97  LYS A N   1 
ATOM   726  C  CA  . LYS A 1 97  ? 10.752  -2.129  -15.357 1.00 58.72 ? 97  LYS A CA  1 
ATOM   727  C  C   . LYS A 1 97  ? 11.055  -0.821  -14.639 1.00 58.47 ? 97  LYS A C   1 
ATOM   728  O  O   . LYS A 1 97  ? 11.783  -0.786  -13.642 1.00 58.48 ? 97  LYS A O   1 
ATOM   729  C  CB  . LYS A 1 97  ? 9.270   -2.160  -15.751 1.00 59.24 ? 97  LYS A CB  1 
ATOM   730  C  CG  . LYS A 1 97  ? 8.589   -3.522  -15.608 1.00 59.77 ? 97  LYS A CG  1 
ATOM   731  C  CD  . LYS A 1 97  ? 9.257   -4.604  -16.440 1.00 59.98 ? 97  LYS A CD  1 
ATOM   732  C  CE  . LYS A 1 97  ? 8.629   -5.958  -16.162 1.00 59.92 ? 97  LYS A CE  1 
ATOM   733  N  NZ  . LYS A 1 97  ? 9.341   -7.065  -16.857 1.00 59.88 ? 97  LYS A NZ  1 
ATOM   734  N  N   . GLU A 1 98  ? 10.496  0.262   -15.164 1.00 57.71 ? 98  GLU A N   1 
ATOM   735  C  CA  . GLU A 1 98  ? 10.697  1.575   -14.576 1.00 57.31 ? 98  GLU A CA  1 
ATOM   736  C  C   . GLU A 1 98  ? 9.624   1.776   -13.517 1.00 56.03 ? 98  GLU A C   1 
ATOM   737  O  O   . GLU A 1 98  ? 8.455   1.472   -13.745 1.00 55.61 ? 98  GLU A O   1 
ATOM   738  C  CB  . GLU A 1 98  ? 10.578  2.661   -15.643 1.00 58.26 ? 98  GLU A CB  1 
ATOM   739  C  CG  . GLU A 1 98  ? 11.401  3.904   -15.348 1.00 60.04 ? 98  GLU A CG  1 
ATOM   740  C  CD  . GLU A 1 98  ? 11.185  4.996   -16.376 1.00 60.75 ? 98  GLU A CD  1 
ATOM   741  O  OE1 . GLU A 1 98  ? 11.049  4.665   -17.574 1.00 61.23 ? 98  GLU A OE1 1 
ATOM   742  O  OE2 . GLU A 1 98  ? 11.161  6.183   -15.988 1.00 61.46 ? 98  GLU A OE2 1 
ATOM   743  N  N   . LEU A 1 99  ? 10.021  2.285   -12.360 1.00 54.63 ? 99  LEU A N   1 
ATOM   744  C  CA  . LEU A 1 99  ? 9.076   2.510   -11.281 1.00 53.31 ? 99  LEU A CA  1 
ATOM   745  C  C   . LEU A 1 99  ? 8.332   3.814   -11.441 1.00 52.20 ? 99  LEU A C   1 
ATOM   746  O  O   . LEU A 1 99  ? 8.936   4.854   -11.709 1.00 52.20 ? 99  LEU A O   1 
ATOM   747  C  CB  . LEU A 1 99  ? 9.786   2.539   -9.929  1.00 53.70 ? 99  LEU A CB  1 
ATOM   748  C  CG  . LEU A 1 99  ? 10.295  1.232   -9.327  1.00 54.24 ? 99  LEU A CG  1 
ATOM   749  C  CD1 . LEU A 1 99  ? 10.956  1.530   -7.999  1.00 54.05 ? 99  LEU A CD1 1 
ATOM   750  C  CD2 . LEU A 1 99  ? 9.141   0.265   -9.136  1.00 54.29 ? 99  LEU A CD2 1 
ATOM   751  N  N   . PRO A 1 100 ? 7.002   3.778   -11.292 1.00 51.23 ? 100 PRO A N   1 
ATOM   752  C  CA  . PRO A 1 100 ? 6.222   5.007   -11.417 1.00 50.21 ? 100 PRO A CA  1 
ATOM   753  C  C   . PRO A 1 100 ? 6.811   6.012   -10.430 1.00 49.35 ? 100 PRO A C   1 
ATOM   754  O  O   . PRO A 1 100 ? 7.294   5.635   -9.363  1.00 48.90 ? 100 PRO A O   1 
ATOM   755  C  CB  . PRO A 1 100 ? 4.816   4.553   -11.036 1.00 50.24 ? 100 PRO A CB  1 
ATOM   756  C  CG  . PRO A 1 100 ? 4.772   3.177   -11.594 1.00 50.15 ? 100 PRO A CG  1 
ATOM   757  C  CD  . PRO A 1 100 ? 6.117   2.607   -11.174 1.00 50.84 ? 100 PRO A CD  1 
ATOM   758  N  N   . TYR A 1 101 ? 6.793   7.281   -10.801 1.00 49.00 ? 101 TYR A N   1 
ATOM   759  C  CA  . TYR A 1 101 ? 7.349   8.334   -9.968  1.00 48.76 ? 101 TYR A CA  1 
ATOM   760  C  C   . TYR A 1 101 ? 6.347   9.472   -10.041 1.00 48.96 ? 101 TYR A C   1 
ATOM   761  O  O   . TYR A 1 101 ? 6.631   10.529  -10.599 1.00 48.46 ? 101 TYR A O   1 
ATOM   762  C  CB  . TYR A 1 101 ? 8.692   8.775   -10.548 1.00 48.69 ? 101 TYR A CB  1 
ATOM   763  C  CG  . TYR A 1 101 ? 9.594   9.523   -9.596  1.00 48.61 ? 101 TYR A CG  1 
ATOM   764  C  CD1 . TYR A 1 101 ? 10.308  8.846   -8.608  1.00 48.16 ? 101 TYR A CD1 1 
ATOM   765  C  CD2 . TYR A 1 101 ? 9.783   10.903  -9.718  1.00 48.14 ? 101 TYR A CD2 1 
ATOM   766  C  CE1 . TYR A 1 101 ? 11.192  9.515   -7.774  1.00 47.48 ? 101 TYR A CE1 1 
ATOM   767  C  CE2 . TYR A 1 101 ? 10.671  11.581  -8.884  1.00 47.67 ? 101 TYR A CE2 1 
ATOM   768  C  CZ  . TYR A 1 101 ? 11.373  10.877  -7.918  1.00 47.55 ? 101 TYR A CZ  1 
ATOM   769  O  OH  . TYR A 1 101 ? 12.284  11.520  -7.119  1.00 47.46 ? 101 TYR A OH  1 
ATOM   770  N  N   . GLU A 1 102 ? 5.172   9.232   -9.470  1.00 49.31 ? 102 GLU A N   1 
ATOM   771  C  CA  . GLU A 1 102 ? 4.078   10.192  -9.479  1.00 49.52 ? 102 GLU A CA  1 
ATOM   772  C  C   . GLU A 1 102 ? 4.286   11.462  -8.641  1.00 49.34 ? 102 GLU A C   1 
ATOM   773  O  O   . GLU A 1 102 ? 4.995   11.458  -7.626  1.00 48.82 ? 102 GLU A O   1 
ATOM   774  C  CB  . GLU A 1 102 ? 2.787   9.493   -9.042  1.00 50.03 ? 102 GLU A CB  1 
ATOM   775  C  CG  . GLU A 1 102 ? 1.554   10.295  -9.362  1.00 50.49 ? 102 GLU A CG  1 
ATOM   776  C  CD  . GLU A 1 102 ? 1.518   10.685  -10.822 1.00 51.30 ? 102 GLU A CD  1 
ATOM   777  O  OE1 . GLU A 1 102 ? 1.077   9.859   -11.652 1.00 51.12 ? 102 GLU A OE1 1 
ATOM   778  O  OE2 . GLU A 1 102 ? 1.954   11.815  -11.139 1.00 50.99 ? 102 GLU A OE2 1 
ATOM   779  N  N   . ALA A 1 103 ? 3.652   12.541  -9.090  1.00 48.53 ? 103 ALA A N   1 
ATOM   780  C  CA  . ALA A 1 103 ? 3.712   13.834  -8.423  1.00 48.99 ? 103 ALA A CA  1 
ATOM   781  C  C   . ALA A 1 103 ? 2.349   14.529  -8.496  1.00 48.90 ? 103 ALA A C   1 
ATOM   782  O  O   . ALA A 1 103 ? 1.382   13.983  -9.038  1.00 47.98 ? 103 ALA A O   1 
ATOM   783  C  CB  . ALA A 1 103 ? 4.783   14.715  -9.072  1.00 48.89 ? 103 ALA A CB  1 
ATOM   784  N  N   . GLY A 1 104 ? 2.282   15.730  -7.932  1.00 49.32 ? 104 GLY A N   1 
ATOM   785  C  CA  . GLY A 1 104 ? 1.053   16.497  -7.951  1.00 49.60 ? 104 GLY A CA  1 
ATOM   786  C  C   . GLY A 1 104 ? -0.111  15.841  -7.241  1.00 50.05 ? 104 GLY A C   1 
ATOM   787  O  O   . GLY A 1 104 ? 0.066   14.948  -6.413  1.00 50.55 ? 104 GLY A O   1 
ATOM   788  N  N   . ASN A 1 105 ? -1.314  16.288  -7.581  1.00 49.82 ? 105 ASN A N   1 
ATOM   789  C  CA  . ASN A 1 105 ? -2.527  15.770  -6.970  1.00 49.29 ? 105 ASN A CA  1 
ATOM   790  C  C   . ASN A 1 105 ? -2.712  14.270  -7.162  1.00 48.39 ? 105 ASN A C   1 
ATOM   791  O  O   . ASN A 1 105 ? -3.311  13.607  -6.321  1.00 47.96 ? 105 ASN A O   1 
ATOM   792  C  CB  . ASN A 1 105 ? -3.737  16.527  -7.517  1.00 50.38 ? 105 ASN A CB  1 
ATOM   793  C  CG  . ASN A 1 105 ? -3.814  17.953  -6.994  1.00 51.87 ? 105 ASN A CG  1 
ATOM   794  O  OD1 . ASN A 1 105 ? -2.824  18.503  -6.495  1.00 52.28 ? 105 ASN A OD1 1 
ATOM   795  N  ND2 . ASN A 1 105 ? -4.989  18.567  -7.117  1.00 52.15 ? 105 ASN A ND2 1 
ATOM   796  N  N   . LYS A 1 106 ? -2.206  13.729  -8.262  1.00 47.43 ? 106 LYS A N   1 
ATOM   797  C  CA  . LYS A 1 106 ? -2.345  12.301  -8.488  1.00 46.79 ? 106 LYS A CA  1 
ATOM   798  C  C   . LYS A 1 106 ? -1.489  11.541  -7.481  1.00 45.49 ? 106 LYS A C   1 
ATOM   799  O  O   . LYS A 1 106 ? -1.852  10.446  -7.054  1.00 44.66 ? 106 LYS A O   1 
ATOM   800  C  CB  . LYS A 1 106 ? -1.960  11.942  -9.927  1.00 47.82 ? 106 LYS A CB  1 
ATOM   801  C  CG  . LYS A 1 106 ? -3.027  12.360  -10.943 1.00 49.35 ? 106 LYS A CG  1 
ATOM   802  C  CD  . LYS A 1 106 ? -2.638  12.053  -12.390 1.00 50.28 ? 106 LYS A CD  1 
ATOM   803  C  CE  . LYS A 1 106 ? -2.680  10.559  -12.687 1.00 51.58 ? 106 LYS A CE  1 
ATOM   804  N  NZ  . LYS A 1 106 ? -2.409  10.252  -14.130 1.00 52.01 ? 106 LYS A NZ  1 
ATOM   805  N  N   . ALA A 1 107 ? -0.371  12.143  -7.079  1.00 44.18 ? 107 ALA A N   1 
ATOM   806  C  CA  . ALA A 1 107 ? 0.520   11.517  -6.113  1.00 43.65 ? 107 ALA A CA  1 
ATOM   807  C  C   . ALA A 1 107 ? -0.153  11.435  -4.744  1.00 43.18 ? 107 ALA A C   1 
ATOM   808  O  O   . ALA A 1 107 ? 0.177   10.573  -3.924  1.00 42.36 ? 107 ALA A O   1 
ATOM   809  C  CB  . ALA A 1 107 ? 1.816   12.298  -6.015  1.00 43.98 ? 107 ALA A CB  1 
ATOM   810  N  N   . ILE A 1 108 ? -1.095  12.339  -4.497  1.00 42.51 ? 108 ILE A N   1 
ATOM   811  C  CA  . ILE A 1 108 ? -1.812  12.335  -3.231  1.00 41.97 ? 108 ILE A CA  1 
ATOM   812  C  C   . ILE A 1 108 ? -2.637  11.054  -3.174  1.00 40.51 ? 108 ILE A C   1 
ATOM   813  O  O   . ILE A 1 108 ? -2.734  10.416  -2.127  1.00 39.65 ? 108 ILE A O   1 
ATOM   814  C  CB  . ILE A 1 108 ? -2.743  13.553  -3.111  1.00 43.17 ? 108 ILE A CB  1 
ATOM   815  C  CG1 . ILE A 1 108 ? -1.933  14.836  -3.349  1.00 43.64 ? 108 ILE A CG1 1 
ATOM   816  C  CG2 . ILE A 1 108 ? -3.392  13.573  -1.726  1.00 42.58 ? 108 ILE A CG2 1 
ATOM   817  C  CD1 . ILE A 1 108 ? -2.748  16.114  -3.268  1.00 45.33 ? 108 ILE A CD1 1 
ATOM   818  N  N   . GLY A 1 109 ? -3.227  10.688  -4.310  1.00 39.88 ? 109 GLY A N   1 
ATOM   819  C  CA  . GLY A 1 109 ? -4.009  9.464   -4.385  1.00 38.39 ? 109 GLY A CA  1 
ATOM   820  C  C   . GLY A 1 109 ? -3.119  8.291   -4.009  1.00 37.85 ? 109 GLY A C   1 
ATOM   821  O  O   . GLY A 1 109 ? -3.519  7.429   -3.231  1.00 37.60 ? 109 GLY A O   1 
ATOM   822  N  N   . TRP A 1 110 ? -1.908  8.257   -4.565  1.00 36.80 ? 110 TRP A N   1 
ATOM   823  C  CA  . TRP A 1 110 ? -0.955  7.196   -4.259  1.00 35.45 ? 110 TRP A CA  1 
ATOM   824  C  C   . TRP A 1 110 ? -0.672  7.176   -2.767  1.00 35.48 ? 110 TRP A C   1 
ATOM   825  O  O   . TRP A 1 110 ? -0.589  6.113   -2.151  1.00 35.27 ? 110 TRP A O   1 
ATOM   826  C  CB  . TRP A 1 110 ? 0.365   7.405   -5.013  1.00 33.79 ? 110 TRP A CB  1 
ATOM   827  C  CG  . TRP A 1 110 ? 0.302   7.020   -6.449  1.00 32.94 ? 110 TRP A CG  1 
ATOM   828  C  CD1 . TRP A 1 110 ? -0.392  7.655   -7.441  1.00 32.10 ? 110 TRP A CD1 1 
ATOM   829  C  CD2 . TRP A 1 110 ? 0.911   5.867   -7.056  1.00 32.39 ? 110 TRP A CD2 1 
ATOM   830  N  NE1 . TRP A 1 110 ? -0.256  6.965   -8.626  1.00 33.30 ? 110 TRP A NE1 1 
ATOM   831  C  CE2 . TRP A 1 110 ? 0.539   5.866   -8.417  1.00 32.47 ? 110 TRP A CE2 1 
ATOM   832  C  CE3 . TRP A 1 110 ? 1.735   4.836   -6.578  1.00 32.43 ? 110 TRP A CE3 1 
ATOM   833  C  CZ2 . TRP A 1 110 ? 0.962   4.865   -9.314  1.00 32.58 ? 110 TRP A CZ2 1 
ATOM   834  C  CZ3 . TRP A 1 110 ? 2.155   3.843   -7.464  1.00 31.73 ? 110 TRP A CZ3 1 
ATOM   835  C  CH2 . TRP A 1 110 ? 1.766   3.866   -8.817  1.00 32.73 ? 110 TRP A CH2 1 
ATOM   836  N  N   . LEU A 1 111 ? -0.517  8.356   -2.178  1.00 34.93 ? 111 LEU A N   1 
ATOM   837  C  CA  . LEU A 1 111 ? -0.250  8.430   -0.751  1.00 34.52 ? 111 LEU A CA  1 
ATOM   838  C  C   . LEU A 1 111 ? -1.418  7.819   0.010   1.00 34.63 ? 111 LEU A C   1 
ATOM   839  O  O   . LEU A 1 111 ? -1.227  7.064   0.963   1.00 35.36 ? 111 LEU A O   1 
ATOM   840  C  CB  . LEU A 1 111 ? -0.052  9.882   -0.318  1.00 35.58 ? 111 LEU A CB  1 
ATOM   841  C  CG  . LEU A 1 111 ? 0.191   10.088  1.177   1.00 35.08 ? 111 LEU A CG  1 
ATOM   842  C  CD1 . LEU A 1 111 ? 1.356   9.218   1.635   1.00 35.57 ? 111 LEU A CD1 1 
ATOM   843  C  CD2 . LEU A 1 111 ? 0.469   11.550  1.445   1.00 35.87 ? 111 LEU A CD2 1 
ATOM   844  N  N   . TYR A 1 112 ? -2.632  8.154   -0.408  1.00 34.94 ? 112 TYR A N   1 
ATOM   845  C  CA  . TYR A 1 112 ? -3.822  7.610   0.239   1.00 36.29 ? 112 TYR A CA  1 
ATOM   846  C  C   . TYR A 1 112 ? -3.792  6.088   0.183   1.00 35.73 ? 112 TYR A C   1 
ATOM   847  O  O   . TYR A 1 112 ? -4.022  5.406   1.184   1.00 35.13 ? 112 TYR A O   1 
ATOM   848  C  CB  . TYR A 1 112 ? -5.090  8.102   -0.461  1.00 37.01 ? 112 TYR A CB  1 
ATOM   849  C  CG  . TYR A 1 112 ? -6.316  7.285   -0.128  1.00 39.07 ? 112 TYR A CG  1 
ATOM   850  C  CD1 . TYR A 1 112 ? -6.802  7.209   1.184   1.00 39.68 ? 112 TYR A CD1 1 
ATOM   851  C  CD2 . TYR A 1 112 ? -6.977  6.560   -1.118  1.00 39.26 ? 112 TYR A CD2 1 
ATOM   852  C  CE1 . TYR A 1 112 ? -7.912  6.426   1.495   1.00 40.62 ? 112 TYR A CE1 1 
ATOM   853  C  CE2 . TYR A 1 112 ? -8.089  5.776   -0.820  1.00 40.23 ? 112 TYR A CE2 1 
ATOM   854  C  CZ  . TYR A 1 112 ? -8.549  5.711   0.485   1.00 41.09 ? 112 TYR A CZ  1 
ATOM   855  O  OH  . TYR A 1 112 ? -9.641  4.930   0.776   1.00 41.96 ? 112 TYR A OH  1 
ATOM   856  N  N   . CYS A 1 113 ? -3.484  5.563   -0.999  1.00 35.61 ? 113 CYS A N   1 
ATOM   857  C  CA  . CYS A 1 113 ? -3.456  4.120   -1.198  1.00 35.75 ? 113 CYS A CA  1 
ATOM   858  C  C   . CYS A 1 113 ? -2.472  3.433   -0.264  1.00 35.85 ? 113 CYS A C   1 
ATOM   859  O  O   . CYS A 1 113 ? -2.833  2.483   0.437   1.00 35.75 ? 113 CYS A O   1 
ATOM   860  C  CB  . CYS A 1 113 ? -3.124  3.810   -2.663  1.00 35.81 ? 113 CYS A CB  1 
ATOM   861  S  SG  . CYS A 1 113 ? -3.086  2.055   -3.078  1.00 37.94 ? 113 CYS A SG  1 
ATOM   862  N  N   . ALA A 1 114 ? -1.235  3.928   -0.236  1.00 35.73 ? 114 ALA A N   1 
ATOM   863  C  CA  . ALA A 1 114 ? -0.193  3.342   0.602   1.00 36.82 ? 114 ALA A CA  1 
ATOM   864  C  C   . ALA A 1 114 ? -0.466  3.470   2.104   1.00 37.97 ? 114 ALA A C   1 
ATOM   865  O  O   . ALA A 1 114 ? -0.278  2.516   2.859   1.00 37.11 ? 114 ALA A O   1 
ATOM   866  C  CB  . ALA A 1 114 ? 1.157   3.979   0.274   1.00 36.44 ? 114 ALA A CB  1 
ATOM   867  N  N   . GLU A 1 115 ? -0.898  4.654   2.527   1.00 39.17 ? 115 GLU A N   1 
ATOM   868  C  CA  . GLU A 1 115 ? -1.163  4.906   3.935   1.00 40.70 ? 115 GLU A CA  1 
ATOM   869  C  C   . GLU A 1 115 ? -2.389  4.110   4.352   1.00 41.84 ? 115 GLU A C   1 
ATOM   870  O  O   . GLU A 1 115 ? -2.447  3.558   5.449   1.00 41.02 ? 115 GLU A O   1 
ATOM   871  C  CB  . GLU A 1 115 ? -1.385  6.408   4.163   1.00 41.29 ? 115 GLU A CB  1 
ATOM   872  C  CG  . GLU A 1 115 ? -1.386  6.844   5.622   1.00 42.55 ? 115 GLU A CG  1 
ATOM   873  C  CD  . GLU A 1 115 ? -0.252  6.226   6.417   1.00 42.80 ? 115 GLU A CD  1 
ATOM   874  O  OE1 . GLU A 1 115 ? 0.890   6.192   5.918   1.00 43.20 ? 115 GLU A OE1 1 
ATOM   875  O  OE2 . GLU A 1 115 ? -0.503  5.772   7.551   1.00 43.79 ? 115 GLU A OE2 1 
ATOM   876  N  N   . GLY A 1 116 ? -3.369  4.049   3.461   1.00 42.77 ? 116 GLY A N   1 
ATOM   877  C  CA  . GLY A 1 116 ? -4.566  3.296   3.763   1.00 44.27 ? 116 GLY A CA  1 
ATOM   878  C  C   . GLY A 1 116 ? -4.256  1.820   3.918   1.00 44.68 ? 116 GLY A C   1 
ATOM   879  O  O   . GLY A 1 116 ? -4.855  1.144   4.750   1.00 45.19 ? 116 GLY A O   1 
ATOM   880  N  N   . SER A 1 117 ? -3.316  1.309   3.133   1.00 45.86 ? 117 SER A N   1 
ATOM   881  C  CA  . SER A 1 117 ? -2.974  -0.104  3.228   1.00 47.14 ? 117 SER A CA  1 
ATOM   882  C  C   . SER A 1 117 ? -2.497  -0.484  4.634   1.00 48.83 ? 117 SER A C   1 
ATOM   883  O  O   . SER A 1 117 ? -2.594  -1.649  5.033   1.00 48.95 ? 117 SER A O   1 
ATOM   884  C  CB  . SER A 1 117 ? -1.910  -0.473  2.190   1.00 45.95 ? 117 SER A CB  1 
ATOM   885  O  OG  . SER A 1 117 ? -0.641  0.048   2.527   1.00 44.10 ? 117 SER A OG  1 
ATOM   886  N  N   . ASN A 1 118 ? -1.981  0.492   5.380   1.00 51.10 ? 118 ASN A N   1 
ATOM   887  C  CA  . ASN A 1 118 ? -1.514  0.237   6.747   1.00 53.05 ? 118 ASN A CA  1 
ATOM   888  C  C   . ASN A 1 118 ? -2.729  -0.156  7.567   1.00 53.59 ? 118 ASN A C   1 
ATOM   889  O  O   . ASN A 1 118 ? -2.730  -1.160  8.286   1.00 53.90 ? 118 ASN A O   1 
ATOM   890  C  CB  . ASN A 1 118 ? -0.906  1.499   7.372   1.00 54.37 ? 118 ASN A CB  1 
ATOM   891  C  CG  . ASN A 1 118 ? 0.300   2.004   6.622   1.00 55.51 ? 118 ASN A CG  1 
ATOM   892  O  OD1 . ASN A 1 118 ? 1.331   1.339   6.569   1.00 56.56 ? 118 ASN A OD1 1 
ATOM   893  N  ND2 . ASN A 1 118 ? 0.180   3.188   6.034   1.00 56.43 ? 118 ASN A ND2 1 
ATOM   894  N  N   . LEU A 1 119 ? -3.759  0.676   7.452   1.00 53.91 ? 119 LEU A N   1 
ATOM   895  C  CA  . LEU A 1 119 ? -5.017  0.475   8.150   1.00 54.16 ? 119 LEU A CA  1 
ATOM   896  C  C   . LEU A 1 119 ? -5.460  -0.971  7.989   1.00 53.81 ? 119 LEU A C   1 
ATOM   897  O  O   . LEU A 1 119 ? -5.931  -1.581  8.940   1.00 54.49 ? 119 LEU A O   1 
ATOM   898  C  CB  . LEU A 1 119 ? -6.097  1.392   7.568   1.00 54.30 ? 119 LEU A CB  1 
ATOM   899  C  CG  . LEU A 1 119 ? -7.110  2.074   8.490   1.00 54.23 ? 119 LEU A CG  1 
ATOM   900  C  CD1 . LEU A 1 119 ? -8.310  2.494   7.654   1.00 53.58 ? 119 LEU A CD1 1 
ATOM   901  C  CD2 . LEU A 1 119 ? -7.537  1.146   9.607   1.00 54.65 ? 119 LEU A CD2 1 
ATOM   902  N  N   . GLY A 1 120 ? -5.294  -1.514  6.786   1.00 53.20 ? 120 GLY A N   1 
ATOM   903  C  CA  . GLY A 1 120 ? -5.717  -2.882  6.523   1.00 52.31 ? 120 GLY A CA  1 
ATOM   904  C  C   . GLY A 1 120 ? -4.689  -3.991  6.657   1.00 51.90 ? 120 GLY A C   1 
ATOM   905  O  O   . GLY A 1 120 ? -4.999  -5.160  6.403   1.00 52.49 ? 120 GLY A O   1 
ATOM   906  N  N   . ALA A 1 121 ? -3.470  -3.652  7.062   1.00 50.77 ? 121 ALA A N   1 
ATOM   907  C  CA  . ALA A 1 121 ? -2.437  -4.666  7.206   1.00 49.72 ? 121 ALA A CA  1 
ATOM   908  C  C   . ALA A 1 121 ? -2.690  -5.585  8.398   1.00 48.77 ? 121 ALA A C   1 
ATOM   909  O  O   . ALA A 1 121 ? -1.993  -6.586  8.570   1.00 48.99 ? 121 ALA A O   1 
ATOM   910  C  CB  . ALA A 1 121 ? -1.075  -4.009  7.340   1.00 50.01 ? 121 ALA A CB  1 
ATOM   911  N  N   . ALA A 1 122 ? -3.684  -5.251  9.215   1.00 47.64 ? 122 ALA A N   1 
ATOM   912  C  CA  . ALA A 1 122 ? -4.006  -6.060  10.393  1.00 47.44 ? 122 ALA A CA  1 
ATOM   913  C  C   . ALA A 1 122 ? -4.213  -7.525  10.013  1.00 46.53 ? 122 ALA A C   1 
ATOM   914  O  O   . ALA A 1 122 ? -3.556  -8.416  10.550  1.00 46.28 ? 122 ALA A O   1 
ATOM   915  C  CB  . ALA A 1 122 ? -5.250  -5.514  11.081  1.00 47.88 ? 122 ALA A CB  1 
ATOM   916  N  N   . PHE A 1 123 ? -5.122  -7.766  9.072   1.00 46.06 ? 123 PHE A N   1 
ATOM   917  C  CA  . PHE A 1 123 ? -5.410  -9.120  8.605   1.00 44.75 ? 123 PHE A CA  1 
ATOM   918  C  C   . PHE A 1 123 ? -4.120  -9.806  8.153   1.00 44.13 ? 123 PHE A C   1 
ATOM   919  O  O   . PHE A 1 123 ? -3.818  -10.930 8.563   1.00 43.54 ? 123 PHE A O   1 
ATOM   920  C  CB  . PHE A 1 123 ? -6.400  -9.065  7.444   1.00 45.45 ? 123 PHE A CB  1 
ATOM   921  C  CG  . PHE A 1 123 ? -6.914  -10.405 7.026   1.00 46.51 ? 123 PHE A CG  1 
ATOM   922  C  CD1 . PHE A 1 123 ? -7.921  -11.037 7.755   1.00 46.53 ? 123 PHE A CD1 1 
ATOM   923  C  CD2 . PHE A 1 123 ? -6.382  -11.051 5.910   1.00 46.57 ? 123 PHE A CD2 1 
ATOM   924  C  CE1 . PHE A 1 123 ? -8.390  -12.295 7.376   1.00 46.55 ? 123 PHE A CE1 1 
ATOM   925  C  CE2 . PHE A 1 123 ? -6.845  -12.310 5.522   1.00 46.75 ? 123 PHE A CE2 1 
ATOM   926  C  CZ  . PHE A 1 123 ? -7.851  -12.931 6.258   1.00 46.79 ? 123 PHE A CZ  1 
ATOM   927  N  N   . LEU A 1 124 ? -3.362  -9.123  7.300   1.00 42.77 ? 124 LEU A N   1 
ATOM   928  C  CA  . LEU A 1 124 ? -2.101  -9.658  6.807   1.00 42.23 ? 124 LEU A CA  1 
ATOM   929  C  C   . LEU A 1 124 ? -1.128  -9.897  7.956   1.00 42.52 ? 124 LEU A C   1 
ATOM   930  O  O   . LEU A 1 124 ? -0.415  -10.902 7.970   1.00 42.14 ? 124 LEU A O   1 
ATOM   931  C  CB  . LEU A 1 124 ? -1.466  -8.693  5.797   1.00 41.46 ? 124 LEU A CB  1 
ATOM   932  C  CG  . LEU A 1 124 ? -2.292  -8.377  4.554   1.00 41.18 ? 124 LEU A CG  1 
ATOM   933  C  CD1 . LEU A 1 124 ? -1.612  -7.288  3.739   1.00 42.36 ? 124 LEU A CD1 1 
ATOM   934  C  CD2 . LEU A 1 124 ? -2.444  -9.627  3.719   1.00 41.83 ? 124 LEU A CD2 1 
ATOM   935  N  N   . PHE A 1 125 ? -1.099  -8.976  8.918   1.00 43.81 ? 125 PHE A N   1 
ATOM   936  C  CA  . PHE A 1 125 ? -0.202  -9.103  10.064  1.00 44.92 ? 125 PHE A CA  1 
ATOM   937  C  C   . PHE A 1 125 ? -0.533  -10.387 10.814  1.00 45.73 ? 125 PHE A C   1 
ATOM   938  O  O   . PHE A 1 125 ? 0.359   -11.169 11.148  1.00 45.71 ? 125 PHE A O   1 
ATOM   939  C  CB  . PHE A 1 125 ? -0.355  -7.904  11.008  1.00 46.00 ? 125 PHE A CB  1 
ATOM   940  C  CG  . PHE A 1 125 ? 0.723   -7.817  12.059  1.00 46.24 ? 125 PHE A CG  1 
ATOM   941  C  CD1 . PHE A 1 125 ? 2.060   -7.661  11.691  1.00 47.15 ? 125 PHE A CD1 1 
ATOM   942  C  CD2 . PHE A 1 125 ? 0.405   -7.899  13.413  1.00 46.94 ? 125 PHE A CD2 1 
ATOM   943  C  CE1 . PHE A 1 125 ? 3.072   -7.592  12.653  1.00 46.83 ? 125 PHE A CE1 1 
ATOM   944  C  CE2 . PHE A 1 125 ? 1.409   -7.829  14.389  1.00 47.35 ? 125 PHE A CE2 1 
ATOM   945  C  CZ  . PHE A 1 125 ? 2.746   -7.675  14.006  1.00 47.45 ? 125 PHE A CZ  1 
ATOM   946  N  N   . LYS A 1 126 ? -1.822  -10.605 11.061  1.00 46.60 ? 126 LYS A N   1 
ATOM   947  C  CA  . LYS A 1 126 ? -2.270  -11.803 11.763  1.00 47.81 ? 126 LYS A CA  1 
ATOM   948  C  C   . LYS A 1 126 ? -1.817  -13.086 11.070  1.00 48.46 ? 126 LYS A C   1 
ATOM   949  O  O   . LYS A 1 126 ? -1.278  -13.988 11.710  1.00 47.88 ? 126 LYS A O   1 
ATOM   950  C  CB  . LYS A 1 126 ? -3.793  -11.813 11.888  1.00 48.34 ? 126 LYS A CB  1 
ATOM   951  C  CG  . LYS A 1 126 ? -4.340  -13.045 12.597  1.00 49.35 ? 126 LYS A CG  1 
ATOM   952  C  CD  . LYS A 1 126 ? -5.855  -13.105 12.541  1.00 50.75 ? 126 LYS A CD  1 
ATOM   953  C  CE  . LYS A 1 126 ? -6.369  -14.383 13.189  1.00 52.01 ? 126 LYS A CE  1 
ATOM   954  N  NZ  . LYS A 1 126 ? -7.845  -14.515 13.041  1.00 52.76 ? 126 LYS A NZ  1 
ATOM   955  N  N   . HIS A 1 127 ? -2.023  -13.176 9.760   1.00 49.24 ? 127 HIS A N   1 
ATOM   956  C  CA  . HIS A 1 127 ? -1.626  -14.386 9.059   1.00 50.50 ? 127 HIS A CA  1 
ATOM   957  C  C   . HIS A 1 127 ? -0.120  -14.491 8.882   1.00 51.91 ? 127 HIS A C   1 
ATOM   958  O  O   . HIS A 1 127 ? 0.419   -15.584 8.676   1.00 52.20 ? 127 HIS A O   1 
ATOM   959  C  CB  . HIS A 1 127 ? -2.366  -14.499 7.723   1.00 50.23 ? 127 HIS A CB  1 
ATOM   960  C  CG  . HIS A 1 127 ? -3.820  -14.824 7.882   1.00 49.71 ? 127 HIS A CG  1 
ATOM   961  N  ND1 . HIS A 1 127 ? -4.789  -13.855 8.028   1.00 49.53 ? 127 HIS A ND1 1 
ATOM   962  C  CD2 . HIS A 1 127 ? -4.454  -16.012 8.028   1.00 49.58 ? 127 HIS A CD2 1 
ATOM   963  C  CE1 . HIS A 1 127 ? -5.955  -14.431 8.260   1.00 49.39 ? 127 HIS A CE1 1 
ATOM   964  N  NE2 . HIS A 1 127 ? -5.780  -15.741 8.265   1.00 49.84 ? 127 HIS A NE2 1 
ATOM   965  N  N   . ALA A 1 128 ? 0.564   -13.358 8.984   1.00 53.27 ? 128 ALA A N   1 
ATOM   966  C  CA  . ALA A 1 128 ? 2.013   -13.353 8.871   1.00 55.05 ? 128 ALA A CA  1 
ATOM   967  C  C   . ALA A 1 128 ? 2.533   -14.028 10.134  1.00 56.47 ? 128 ALA A C   1 
ATOM   968  O  O   . ALA A 1 128 ? 3.405   -14.901 10.092  1.00 56.23 ? 128 ALA A O   1 
ATOM   969  C  CB  . ALA A 1 128 ? 2.528   -11.922 8.791   1.00 54.50 ? 128 ALA A CB  1 
ATOM   970  N  N   . GLN A 1 129 ? 1.965   -13.619 11.263  1.00 58.26 ? 129 GLN A N   1 
ATOM   971  C  CA  . GLN A 1 129 ? 2.356   -14.161 12.556  1.00 60.54 ? 129 GLN A CA  1 
ATOM   972  C  C   . GLN A 1 129 ? 2.113   -15.662 12.667  1.00 61.30 ? 129 GLN A C   1 
ATOM   973  O  O   . GLN A 1 129 ? 2.594   -16.302 13.602  1.00 61.14 ? 129 GLN A O   1 
ATOM   974  C  CB  . GLN A 1 129 ? 1.621   -13.413 13.666  1.00 61.39 ? 129 GLN A CB  1 
ATOM   975  C  CG  . GLN A 1 129 ? 1.979   -11.932 13.701  1.00 63.34 ? 129 GLN A CG  1 
ATOM   976  C  CD  . GLN A 1 129 ? 1.106   -11.138 14.642  1.00 64.25 ? 129 GLN A CD  1 
ATOM   977  O  OE1 . GLN A 1 129 ? -0.099  -10.991 14.420  1.00 64.91 ? 129 GLN A OE1 1 
ATOM   978  N  NE2 . GLN A 1 129 ? 1.708   -10.620 15.705  1.00 65.11 ? 129 GLN A NE2 1 
ATOM   979  N  N   . LYS A 1 130 ? 1.368   -16.224 11.720  1.00 62.40 ? 130 LYS A N   1 
ATOM   980  C  CA  . LYS A 1 130 ? 1.115   -17.659 11.742  1.00 63.32 ? 130 LYS A CA  1 
ATOM   981  C  C   . LYS A 1 130 ? 2.329   -18.370 11.172  1.00 63.83 ? 130 LYS A C   1 
ATOM   982  O  O   . LYS A 1 130 ? 2.447   -19.590 11.268  1.00 64.52 ? 130 LYS A O   1 
ATOM   983  C  CB  . LYS A 1 130 ? -0.133  -18.012 10.929  1.00 63.49 ? 130 LYS A CB  1 
ATOM   984  C  CG  . LYS A 1 130 ? -1.430  -17.586 11.599  1.00 63.79 ? 130 LYS A CG  1 
ATOM   985  C  CD  . LYS A 1 130 ? -2.658  -18.071 10.839  1.00 64.16 ? 130 LYS A CD  1 
ATOM   986  C  CE  . LYS A 1 130 ? -3.934  -17.732 11.608  1.00 64.21 ? 130 LYS A CE  1 
ATOM   987  N  NZ  . LYS A 1 130 ? -5.168  -18.150 10.888  1.00 64.32 ? 130 LYS A NZ  1 
ATOM   988  N  N   . LEU A 1 131 ? 3.237   -17.592 10.592  1.00 64.22 ? 131 LEU A N   1 
ATOM   989  C  CA  . LEU A 1 131 ? 4.458   -18.134 10.008  1.00 64.77 ? 131 LEU A CA  1 
ATOM   990  C  C   . LEU A 1 131 ? 5.680   -17.731 10.823  1.00 64.83 ? 131 LEU A C   1 
ATOM   991  O  O   . LEU A 1 131 ? 6.801   -17.736 10.313  1.00 65.02 ? 131 LEU A O   1 
ATOM   992  C  CB  . LEU A 1 131 ? 4.634   -17.627 8.578   1.00 65.10 ? 131 LEU A CB  1 
ATOM   993  C  CG  . LEU A 1 131 ? 3.531   -17.971 7.582   1.00 65.53 ? 131 LEU A CG  1 
ATOM   994  C  CD1 . LEU A 1 131 ? 3.917   -17.447 6.205   1.00 65.54 ? 131 LEU A CD1 1 
ATOM   995  C  CD2 . LEU A 1 131 ? 3.327   -19.478 7.546   1.00 65.69 ? 131 LEU A CD2 1 
ATOM   996  N  N   . ASP A 1 132 ? 5.459   -17.381 12.087  1.00 64.75 ? 132 ASP A N   1 
ATOM   997  C  CA  . ASP A 1 132 ? 6.549   -16.970 12.966  1.00 64.97 ? 132 ASP A CA  1 
ATOM   998  C  C   . ASP A 1 132 ? 7.100   -15.606 12.548  1.00 64.51 ? 132 ASP A C   1 
ATOM   999  O  O   . ASP A 1 132 ? 8.213   -15.228 12.918  1.00 64.51 ? 132 ASP A O   1 
ATOM   1000 C  CB  . ASP A 1 132 ? 7.675   -18.014 12.942  1.00 65.59 ? 132 ASP A CB  1 
ATOM   1001 C  CG  . ASP A 1 132 ? 7.236   -19.361 13.498  1.00 66.09 ? 132 ASP A CG  1 
ATOM   1002 O  OD1 . ASP A 1 132 ? 7.985   -20.345 13.329  1.00 66.22 ? 132 ASP A OD1 1 
ATOM   1003 O  OD2 . ASP A 1 132 ? 6.146   -19.434 14.111  1.00 66.68 ? 132 ASP A OD2 1 
ATOM   1004 N  N   . TYR A 1 133 ? 6.314   -14.872 11.767  1.00 63.49 ? 133 TYR A N   1 
ATOM   1005 C  CA  . TYR A 1 133 ? 6.716   -13.551 11.310  1.00 62.76 ? 133 TYR A CA  1 
ATOM   1006 C  C   . TYR A 1 133 ? 5.879   -12.507 12.036  1.00 62.90 ? 133 TYR A C   1 
ATOM   1007 O  O   . TYR A 1 133 ? 4.657   -12.455 11.870  1.00 62.79 ? 133 TYR A O   1 
ATOM   1008 C  CB  . TYR A 1 133 ? 6.495   -13.426 9.805   1.00 61.83 ? 133 TYR A CB  1 
ATOM   1009 C  CG  . TYR A 1 133 ? 7.272   -14.418 8.972   1.00 60.48 ? 133 TYR A CG  1 
ATOM   1010 C  CD1 . TYR A 1 133 ? 6.795   -14.823 7.727   1.00 59.70 ? 133 TYR A CD1 1 
ATOM   1011 C  CD2 . TYR A 1 133 ? 8.497   -14.931 9.410   1.00 59.90 ? 133 TYR A CD2 1 
ATOM   1012 C  CE1 . TYR A 1 133 ? 7.508   -15.713 6.935   1.00 59.49 ? 133 TYR A CE1 1 
ATOM   1013 C  CE2 . TYR A 1 133 ? 9.224   -15.825 8.618   1.00 59.30 ? 133 TYR A CE2 1 
ATOM   1014 C  CZ  . TYR A 1 133 ? 8.722   -16.210 7.382   1.00 59.24 ? 133 TYR A CZ  1 
ATOM   1015 O  OH  . TYR A 1 133 ? 9.424   -17.081 6.574   1.00 58.80 ? 133 TYR A OH  1 
ATOM   1016 N  N   . ASN A 1 134 ? 6.545   -11.679 12.837  1.00 62.74 ? 134 ASN A N   1 
ATOM   1017 C  CA  . ASN A 1 134 ? 5.884   -10.630 13.608  1.00 62.72 ? 134 ASN A CA  1 
ATOM   1018 C  C   . ASN A 1 134 ? 6.526   -9.275  13.325  1.00 62.42 ? 134 ASN A C   1 
ATOM   1019 O  O   . ASN A 1 134 ? 7.368   -9.152  12.439  1.00 62.01 ? 134 ASN A O   1 
ATOM   1020 C  CB  . ASN A 1 134 ? 5.994   -10.942 15.098  1.00 63.24 ? 134 ASN A CB  1 
ATOM   1021 C  CG  . ASN A 1 134 ? 7.424   -11.224 15.522  1.00 63.49 ? 134 ASN A CG  1 
ATOM   1022 O  OD1 . ASN A 1 134 ? 8.307   -10.384 15.360  1.00 63.37 ? 134 ASN A OD1 1 
ATOM   1023 N  ND2 . ASN A 1 134 ? 7.660   -12.417 16.056  1.00 63.38 ? 134 ASN A ND2 1 
ATOM   1024 N  N   . GLY A 1 135 ? 6.131   -8.265  14.092  1.00 62.44 ? 135 GLY A N   1 
ATOM   1025 C  CA  . GLY A 1 135 ? 6.668   -6.927  13.901  1.00 62.46 ? 135 GLY A CA  1 
ATOM   1026 C  C   . GLY A 1 135 ? 8.155   -6.780  14.171  1.00 62.34 ? 135 GLY A C   1 
ATOM   1027 O  O   . GLY A 1 135 ? 8.764   -5.767  13.816  1.00 62.36 ? 135 GLY A O   1 
ATOM   1028 N  N   . GLU A 1 136 ? 8.749   -7.788  14.798  1.00 62.10 ? 136 GLU A N   1 
ATOM   1029 C  CA  . GLU A 1 136 ? 10.171  -7.745  15.112  1.00 62.28 ? 136 GLU A CA  1 
ATOM   1030 C  C   . GLU A 1 136 ? 10.968  -8.658  14.182  1.00 61.44 ? 136 GLU A C   1 
ATOM   1031 O  O   . GLU A 1 136 ? 12.198  -8.679  14.239  1.00 61.21 ? 136 GLU A O   1 
ATOM   1032 C  CB  . GLU A 1 136 ? 10.406  -8.167  16.570  1.00 63.36 ? 136 GLU A CB  1 
ATOM   1033 C  CG  . GLU A 1 136 ? 9.629   -7.364  17.625  1.00 65.25 ? 136 GLU A CG  1 
ATOM   1034 C  CD  . GLU A 1 136 ? 10.283  -6.030  17.990  1.00 66.26 ? 136 GLU A CD  1 
ATOM   1035 O  OE1 . GLU A 1 136 ? 11.483  -6.025  18.344  1.00 66.48 ? 136 GLU A OE1 1 
ATOM   1036 O  OE2 . GLU A 1 136 ? 9.592   -4.987  17.938  1.00 67.04 ? 136 GLU A OE2 1 
ATOM   1037 N  N   . HIS A 1 137 ? 10.271  -9.404  13.325  1.00 60.45 ? 137 HIS A N   1 
ATOM   1038 C  CA  . HIS A 1 137 ? 10.939  -10.323 12.403  1.00 59.42 ? 137 HIS A CA  1 
ATOM   1039 C  C   . HIS A 1 137 ? 10.064  -10.800 11.235  1.00 58.59 ? 137 HIS A C   1 
ATOM   1040 O  O   . HIS A 1 137 ? 9.073   -11.509 11.437  1.00 58.41 ? 137 HIS A O   1 
ATOM   1041 C  CB  . HIS A 1 137 ? 11.447  -11.543 13.184  1.00 59.75 ? 137 HIS A CB  1 
ATOM   1042 C  CG  . HIS A 1 137 ? 12.165  -12.549 12.340  1.00 60.31 ? 137 HIS A CG  1 
ATOM   1043 N  ND1 . HIS A 1 137 ? 13.400  -12.304 11.777  1.00 60.82 ? 137 HIS A ND1 1 
ATOM   1044 C  CD2 . HIS A 1 137 ? 11.816  -13.798 11.949  1.00 60.35 ? 137 HIS A CD2 1 
ATOM   1045 C  CE1 . HIS A 1 137 ? 13.779  -13.358 11.076  1.00 60.77 ? 137 HIS A CE1 1 
ATOM   1046 N  NE2 . HIS A 1 137 ? 12.834  -14.278 11.163  1.00 60.39 ? 137 HIS A NE2 1 
ATOM   1047 N  N   . GLY A 1 138 ? 10.436  -10.407 10.017  1.00 57.31 ? 138 GLY A N   1 
ATOM   1048 C  CA  . GLY A 1 138 ? 9.703   -10.830 8.832   1.00 55.62 ? 138 GLY A CA  1 
ATOM   1049 C  C   . GLY A 1 138 ? 8.453   -10.061 8.438   1.00 54.34 ? 138 GLY A C   1 
ATOM   1050 O  O   . GLY A 1 138 ? 8.143   -9.967  7.252   1.00 54.13 ? 138 GLY A O   1 
ATOM   1051 N  N   . ALA A 1 139 ? 7.732   -9.521  9.418   1.00 53.10 ? 139 ALA A N   1 
ATOM   1052 C  CA  . ALA A 1 139 ? 6.513   -8.760  9.157   1.00 52.21 ? 139 ALA A CA  1 
ATOM   1053 C  C   . ALA A 1 139 ? 6.588   -7.375  9.796   1.00 51.69 ? 139 ALA A C   1 
ATOM   1054 O  O   . ALA A 1 139 ? 5.595   -6.864  10.322  1.00 51.12 ? 139 ALA A O   1 
ATOM   1055 C  CB  . ALA A 1 139 ? 5.289   -9.520  9.689   1.00 51.60 ? 139 ALA A CB  1 
ATOM   1056 N  N   . ARG A 1 140 ? 7.773   -6.769  9.744   1.00 51.23 ? 140 ARG A N   1 
ATOM   1057 C  CA  . ARG A 1 140 ? 7.991   -5.442  10.314  1.00 50.36 ? 140 ARG A CA  1 
ATOM   1058 C  C   . ARG A 1 140 ? 7.102   -4.415  9.636   1.00 49.59 ? 140 ARG A C   1 
ATOM   1059 O  O   . ARG A 1 140 ? 6.506   -3.563  10.298  1.00 48.56 ? 140 ARG A O   1 
ATOM   1060 C  CB  . ARG A 1 140 ? 9.447   -5.005  10.121  1.00 51.41 ? 140 ARG A CB  1 
ATOM   1061 C  CG  . ARG A 1 140 ? 10.486  -5.888  10.782  1.00 51.64 ? 140 ARG A CG  1 
ATOM   1062 C  CD  . ARG A 1 140 ? 11.859  -5.553  10.236  1.00 51.66 ? 140 ARG A CD  1 
ATOM   1063 N  NE  . ARG A 1 140 ? 12.898  -6.433  10.756  1.00 51.99 ? 140 ARG A NE  1 
ATOM   1064 C  CZ  . ARG A 1 140 ? 13.487  -6.285  11.938  1.00 52.23 ? 140 ARG A CZ  1 
ATOM   1065 N  NH1 . ARG A 1 140 ? 13.145  -5.279  12.738  1.00 51.77 ? 140 ARG A NH1 1 
ATOM   1066 N  NH2 . ARG A 1 140 ? 14.419  -7.151  12.322  1.00 51.76 ? 140 ARG A NH2 1 
ATOM   1067 N  N   . HIS A 1 141 ? 7.019   -4.503  8.308   1.00 49.21 ? 141 HIS A N   1 
ATOM   1068 C  CA  . HIS A 1 141 ? 6.226   -3.553  7.536   1.00 49.03 ? 141 HIS A CA  1 
ATOM   1069 C  C   . HIS A 1 141 ? 4.724   -3.668  7.761   1.00 49.44 ? 141 HIS A C   1 
ATOM   1070 O  O   . HIS A 1 141 ? 3.967   -2.783  7.364   1.00 49.05 ? 141 HIS A O   1 
ATOM   1071 C  CB  . HIS A 1 141 ? 6.534   -3.692  6.037   1.00 48.51 ? 141 HIS A CB  1 
ATOM   1072 C  CG  . HIS A 1 141 ? 5.873   -4.863  5.371   1.00 47.95 ? 141 HIS A CG  1 
ATOM   1073 N  ND1 . HIS A 1 141 ? 6.278   -6.166  5.566   1.00 47.86 ? 141 HIS A ND1 1 
ATOM   1074 C  CD2 . HIS A 1 141 ? 4.856   -4.918  4.478   1.00 48.02 ? 141 HIS A CD2 1 
ATOM   1075 C  CE1 . HIS A 1 141 ? 5.542   -6.971  4.820   1.00 48.07 ? 141 HIS A CE1 1 
ATOM   1076 N  NE2 . HIS A 1 141 ? 4.672   -6.240  4.150   1.00 46.64 ? 141 HIS A NE2 1 
ATOM   1077 N  N   . LEU A 1 142 ? 4.290   -4.745  8.404   1.00 49.51 ? 142 LEU A N   1 
ATOM   1078 C  CA  . LEU A 1 142 ? 2.865   -4.945  8.644   1.00 50.83 ? 142 LEU A CA  1 
ATOM   1079 C  C   . LEU A 1 142 ? 2.429   -4.578  10.057  1.00 51.85 ? 142 LEU A C   1 
ATOM   1080 O  O   . LEU A 1 142 ? 1.243   -4.361  10.303  1.00 51.87 ? 142 LEU A O   1 
ATOM   1081 C  CB  . LEU A 1 142 ? 2.482   -6.399  8.348   1.00 49.88 ? 142 LEU A CB  1 
ATOM   1082 C  CG  . LEU A 1 142 ? 2.716   -6.862  6.905   1.00 49.55 ? 142 LEU A CG  1 
ATOM   1083 C  CD1 . LEU A 1 142 ? 2.495   -8.369  6.787   1.00 48.93 ? 142 LEU A CD1 1 
ATOM   1084 C  CD2 . LEU A 1 142 ? 1.781   -6.103  5.976   1.00 48.35 ? 142 LEU A CD2 1 
ATOM   1085 N  N   . ALA A 1 143 ? 3.384   -4.505  10.980  1.00 53.38 ? 143 ALA A N   1 
ATOM   1086 C  CA  . ALA A 1 143 ? 3.068   -4.169  12.365  1.00 54.56 ? 143 ALA A CA  1 
ATOM   1087 C  C   . ALA A 1 143 ? 2.249   -2.886  12.436  1.00 55.72 ? 143 ALA A C   1 
ATOM   1088 O  O   . ALA A 1 143 ? 2.348   -2.023  11.563  1.00 55.51 ? 143 ALA A O   1 
ATOM   1089 C  CB  . ALA A 1 143 ? 4.342   -4.022  13.170  1.00 54.69 ? 143 ALA A CB  1 
ATOM   1090 N  N   . PRO A 1 144 ? 1.417   -2.751  13.479  1.00 57.60 ? 144 PRO A N   1 
ATOM   1091 C  CA  . PRO A 1 144 ? 0.571   -1.565  13.664  1.00 59.14 ? 144 PRO A CA  1 
ATOM   1092 C  C   . PRO A 1 144 ? 1.390   -0.341  14.068  1.00 60.78 ? 144 PRO A C   1 
ATOM   1093 O  O   . PRO A 1 144 ? 2.484   -0.469  14.625  1.00 60.93 ? 144 PRO A O   1 
ATOM   1094 C  CB  . PRO A 1 144 ? -0.386  -1.983  14.783  1.00 58.82 ? 144 PRO A CB  1 
ATOM   1095 C  CG  . PRO A 1 144 ? -0.310  -3.505  14.786  1.00 58.55 ? 144 PRO A CG  1 
ATOM   1096 C  CD  . PRO A 1 144 ? 1.137   -3.754  14.520  1.00 57.60 ? 144 PRO A CD  1 
ATOM   1097 N  N   . HIS A 1 145 ? 0.856   0.842   13.784  1.00 62.45 ? 145 HIS A N   1 
ATOM   1098 C  CA  . HIS A 1 145 ? 1.524   2.081   14.153  1.00 64.19 ? 145 HIS A CA  1 
ATOM   1099 C  C   . HIS A 1 145 ? 1.517   2.090   15.681  1.00 64.75 ? 145 HIS A C   1 
ATOM   1100 O  O   . HIS A 1 145 ? 0.524   1.704   16.304  1.00 65.09 ? 145 HIS A O   1 
ATOM   1101 C  CB  . HIS A 1 145 ? 0.751   3.283   13.597  1.00 65.45 ? 145 HIS A CB  1 
ATOM   1102 C  CG  . HIS A 1 145 ? 1.414   4.603   13.845  1.00 66.79 ? 145 HIS A CG  1 
ATOM   1103 N  ND1 . HIS A 1 145 ? 1.496   5.173   15.098  1.00 67.52 ? 145 HIS A ND1 1 
ATOM   1104 C  CD2 . HIS A 1 145 ? 2.031   5.462   13.000  1.00 67.25 ? 145 HIS A CD2 1 
ATOM   1105 C  CE1 . HIS A 1 145 ? 2.133   6.327   15.013  1.00 67.88 ? 145 HIS A CE1 1 
ATOM   1106 N  NE2 . HIS A 1 145 ? 2.469   6.527   13.750  1.00 67.72 ? 145 HIS A NE2 1 
ATOM   1107 N  N   . PRO A 1 146 ? 2.628   2.508   16.304  1.00 65.19 ? 146 PRO A N   1 
ATOM   1108 C  CA  . PRO A 1 146 ? 2.715   2.546   17.769  1.00 65.21 ? 146 PRO A CA  1 
ATOM   1109 C  C   . PRO A 1 146 ? 1.499   3.169   18.453  1.00 65.44 ? 146 PRO A C   1 
ATOM   1110 O  O   . PRO A 1 146 ? 1.114   2.754   19.547  1.00 65.26 ? 146 PRO A O   1 
ATOM   1111 C  CB  . PRO A 1 146 ? 3.992   3.338   18.008  1.00 65.14 ? 146 PRO A CB  1 
ATOM   1112 C  CG  . PRO A 1 146 ? 4.853   2.902   16.857  1.00 65.34 ? 146 PRO A CG  1 
ATOM   1113 C  CD  . PRO A 1 146 ? 3.888   2.973   15.692  1.00 64.99 ? 146 PRO A CD  1 
ATOM   1114 N  N   . ASP A 1 147 ? 0.893   4.156   17.795  1.00 65.47 ? 147 ASP A N   1 
ATOM   1115 C  CA  . ASP A 1 147 ? -0.276  4.850   18.332  1.00 65.80 ? 147 ASP A CA  1 
ATOM   1116 C  C   . ASP A 1 147 ? -1.576  4.114   18.013  1.00 65.65 ? 147 ASP A C   1 
ATOM   1117 O  O   . ASP A 1 147 ? -2.660  4.566   18.393  1.00 65.83 ? 147 ASP A O   1 
ATOM   1118 C  CB  . ASP A 1 147 ? -0.362  6.269   17.751  1.00 66.59 ? 147 ASP A CB  1 
ATOM   1119 C  CG  . ASP A 1 147 ? 0.897   7.091   17.999  1.00 67.00 ? 147 ASP A CG  1 
ATOM   1120 O  OD1 . ASP A 1 147 ? 0.992   8.203   17.436  1.00 67.13 ? 147 ASP A OD1 1 
ATOM   1121 O  OD2 . ASP A 1 147 ? 1.784   6.637   18.752  1.00 67.49 ? 147 ASP A OD2 1 
ATOM   1122 N  N   . GLY A 1 148 ? -1.468  2.990   17.309  1.00 64.98 ? 148 GLY A N   1 
ATOM   1123 C  CA  . GLY A 1 148 ? -2.650  2.228   16.939  1.00 64.12 ? 148 GLY A CA  1 
ATOM   1124 C  C   . GLY A 1 148 ? -3.152  2.616   15.558  1.00 63.60 ? 148 GLY A C   1 
ATOM   1125 O  O   . GLY A 1 148 ? -3.370  3.797   15.284  1.00 64.02 ? 148 GLY A O   1 
ATOM   1126 N  N   . ARG A 1 149 ? -3.337  1.624   14.690  1.00 62.67 ? 149 ARG A N   1 
ATOM   1127 C  CA  . ARG A 1 149 ? -3.812  1.854   13.324  1.00 61.85 ? 149 ARG A CA  1 
ATOM   1128 C  C   . ARG A 1 149 ? -4.999  2.814   13.240  1.00 61.91 ? 149 ARG A C   1 
ATOM   1129 O  O   . ARG A 1 149 ? -5.050  3.682   12.366  1.00 61.29 ? 149 ARG A O   1 
ATOM   1130 C  CB  . ARG A 1 149 ? -4.229  0.530   12.663  1.00 60.80 ? 149 ARG A CB  1 
ATOM   1131 C  CG  . ARG A 1 149 ? -3.140  -0.530  12.514  1.00 59.41 ? 149 ARG A CG  1 
ATOM   1132 C  CD  . ARG A 1 149 ? -3.695  -1.774  11.801  1.00 57.32 ? 149 ARG A CD  1 
ATOM   1133 N  NE  . ARG A 1 149 ? -2.868  -2.960  12.034  1.00 55.58 ? 149 ARG A NE  1 
ATOM   1134 C  CZ  . ARG A 1 149 ? -1.738  -3.235  11.393  1.00 54.52 ? 149 ARG A CZ  1 
ATOM   1135 N  NH1 . ARG A 1 149 ? -1.281  -2.416  10.458  1.00 54.21 ? 149 ARG A NH1 1 
ATOM   1136 N  NH2 . ARG A 1 149 ? -1.050  -4.323  11.706  1.00 54.04 ? 149 ARG A NH2 1 
ATOM   1137 N  N   . GLY A 1 150 ? -5.963  2.634   14.138  1.00 62.06 ? 150 GLY A N   1 
ATOM   1138 C  CA  . GLY A 1 150 ? -7.146  3.474   14.132  1.00 62.32 ? 150 GLY A CA  1 
ATOM   1139 C  C   . GLY A 1 150 ? -6.855  4.951   14.298  1.00 62.92 ? 150 GLY A C   1 
ATOM   1140 O  O   . GLY A 1 150 ? -7.142  5.753   13.404  1.00 63.03 ? 150 GLY A O   1 
ATOM   1141 N  N   . LYS A 1 151 ? -6.296  5.309   15.451  1.00 62.95 ? 151 LYS A N   1 
ATOM   1142 C  CA  . LYS A 1 151 ? -5.960  6.698   15.748  1.00 63.25 ? 151 LYS A CA  1 
ATOM   1143 C  C   . LYS A 1 151 ? -5.103  7.289   14.637  1.00 62.90 ? 151 LYS A C   1 
ATOM   1144 O  O   . LYS A 1 151 ? -5.541  8.181   13.906  1.00 62.90 ? 151 LYS A O   1 
ATOM   1145 C  CB  . LYS A 1 151 ? -5.201  6.789   17.077  1.00 63.58 ? 151 LYS A CB  1 
ATOM   1146 C  CG  . LYS A 1 151 ? -6.055  6.554   18.315  1.00 64.76 ? 151 LYS A CG  1 
ATOM   1147 C  CD  . LYS A 1 151 ? -7.139  7.620   18.450  1.00 65.81 ? 151 LYS A CD  1 
ATOM   1148 C  CE  . LYS A 1 151 ? -7.877  7.506   19.779  1.00 66.14 ? 151 LYS A CE  1 
ATOM   1149 N  NZ  . LYS A 1 151 ? -8.977  8.510   19.892  1.00 66.32 ? 151 LYS A NZ  1 
ATOM   1150 N  N   . HIS A 1 152 ? -3.881  6.778   14.519  1.00 62.59 ? 152 HIS A N   1 
ATOM   1151 C  CA  . HIS A 1 152 ? -2.946  7.251   13.510  1.00 61.84 ? 152 HIS A CA  1 
ATOM   1152 C  C   . HIS A 1 152 ? -3.613  7.511   12.164  1.00 61.20 ? 152 HIS A C   1 
ATOM   1153 O  O   . HIS A 1 152 ? -3.303  8.496   11.492  1.00 61.03 ? 152 HIS A O   1 
ATOM   1154 C  CB  . HIS A 1 152 ? -1.808  6.245   13.325  1.00 62.11 ? 152 HIS A CB  1 
ATOM   1155 C  CG  . HIS A 1 152 ? -0.958  6.527   12.127  1.00 62.63 ? 152 HIS A CG  1 
ATOM   1156 N  ND1 . HIS A 1 152 ? -0.291  7.720   11.954  1.00 62.75 ? 152 HIS A ND1 1 
ATOM   1157 C  CD2 . HIS A 1 152 ? -0.713  5.795   11.015  1.00 62.61 ? 152 HIS A CD2 1 
ATOM   1158 C  CE1 . HIS A 1 152 ? 0.325   7.713   10.785  1.00 62.85 ? 152 HIS A CE1 1 
ATOM   1159 N  NE2 . HIS A 1 152 ? 0.085   6.556   10.196  1.00 62.61 ? 152 HIS A NE2 1 
ATOM   1160 N  N   . TRP A 1 153 ? -4.534  6.637   11.777  1.00 60.06 ? 153 TRP A N   1 
ATOM   1161 C  CA  . TRP A 1 153 ? -5.210  6.801   10.501  1.00 59.63 ? 153 TRP A CA  1 
ATOM   1162 C  C   . TRP A 1 153 ? -6.226  7.936   10.495  1.00 59.96 ? 153 TRP A C   1 
ATOM   1163 O  O   . TRP A 1 153 ? -6.217  8.763   9.585   1.00 59.95 ? 153 TRP A O   1 
ATOM   1164 C  CB  . TRP A 1 153 ? -5.885  5.488   10.077  1.00 58.50 ? 153 TRP A CB  1 
ATOM   1165 C  CG  . TRP A 1 153 ? -6.751  5.622   8.857   1.00 57.03 ? 153 TRP A CG  1 
ATOM   1166 C  CD1 . TRP A 1 153 ? -8.114  5.563   8.809   1.00 56.82 ? 153 TRP A CD1 1 
ATOM   1167 C  CD2 . TRP A 1 153 ? -6.316  5.883   7.516   1.00 56.39 ? 153 TRP A CD2 1 
ATOM   1168 N  NE1 . TRP A 1 153 ? -8.556  5.772   7.525   1.00 56.39 ? 153 TRP A NE1 1 
ATOM   1169 C  CE2 . TRP A 1 153 ? -7.474  5.971   6.710   1.00 56.09 ? 153 TRP A CE2 1 
ATOM   1170 C  CE3 . TRP A 1 153 ? -5.060  6.055   6.918   1.00 55.86 ? 153 TRP A CE3 1 
ATOM   1171 C  CZ2 . TRP A 1 153 ? -7.414  6.222   5.333   1.00 55.57 ? 153 TRP A CZ2 1 
ATOM   1172 C  CZ3 . TRP A 1 153 ? -5.001  6.306   5.549   1.00 55.09 ? 153 TRP A CZ3 1 
ATOM   1173 C  CH2 . TRP A 1 153 ? -6.172  6.387   4.774   1.00 55.18 ? 153 TRP A CH2 1 
ATOM   1174 N  N   . ARG A 1 154 ? -7.097  7.984   11.501  1.00 60.50 ? 154 ARG A N   1 
ATOM   1175 C  CA  . ARG A 1 154 ? -8.112  9.034   11.555  1.00 61.09 ? 154 ARG A CA  1 
ATOM   1176 C  C   . ARG A 1 154 ? -7.432  10.390  11.484  1.00 60.69 ? 154 ARG A C   1 
ATOM   1177 O  O   . ARG A 1 154 ? -7.936  11.317  10.849  1.00 60.67 ? 154 ARG A O   1 
ATOM   1178 C  CB  . ARG A 1 154 ? -8.946  8.938   12.840  1.00 62.24 ? 154 ARG A CB  1 
ATOM   1179 C  CG  . ARG A 1 154 ? -9.560  7.566   13.087  1.00 63.57 ? 154 ARG A CG  1 
ATOM   1180 C  CD  . ARG A 1 154 ? -10.692 7.619   14.107  1.00 64.48 ? 154 ARG A CD  1 
ATOM   1181 N  NE  . ARG A 1 154 ? -10.934 6.302   14.691  1.00 65.32 ? 154 ARG A NE  1 
ATOM   1182 C  CZ  . ARG A 1 154 ? -10.140 5.736   15.596  1.00 65.88 ? 154 ARG A CZ  1 
ATOM   1183 N  NH1 . ARG A 1 154 ? -9.062  6.378   16.024  1.00 65.88 ? 154 ARG A NH1 1 
ATOM   1184 N  NH2 . ARG A 1 154 ? -10.409 4.521   16.059  1.00 66.39 ? 154 ARG A NH2 1 
ATOM   1185 N  N   . ALA A 1 155 ? -6.279  10.495  12.140  1.00 60.23 ? 155 ALA A N   1 
ATOM   1186 C  CA  . ALA A 1 155 ? -5.507  11.727  12.148  1.00 59.80 ? 155 ALA A CA  1 
ATOM   1187 C  C   . ALA A 1 155 ? -5.074  12.012  10.716  1.00 59.68 ? 155 ALA A C   1 
ATOM   1188 O  O   . ALA A 1 155 ? -5.373  13.078  10.162  1.00 59.63 ? 155 ALA A O   1 
ATOM   1189 C  CB  . ALA A 1 155 ? -4.285  11.574  13.042  1.00 59.48 ? 155 ALA A CB  1 
ATOM   1190 N  N   . PHE A 1 156 ? -4.387  11.042  10.116  1.00 58.89 ? 156 PHE A N   1 
ATOM   1191 C  CA  . PHE A 1 156 ? -3.913  11.187  8.751   1.00 58.23 ? 156 PHE A CA  1 
ATOM   1192 C  C   . PHE A 1 156 ? -5.047  11.693  7.874   1.00 58.08 ? 156 PHE A C   1 
ATOM   1193 O  O   . PHE A 1 156 ? -4.842  12.536  7.001   1.00 57.61 ? 156 PHE A O   1 
ATOM   1194 C  CB  . PHE A 1 156 ? -3.409  9.848   8.206   1.00 58.16 ? 156 PHE A CB  1 
ATOM   1195 C  CG  . PHE A 1 156 ? -2.812  9.948   6.829   1.00 58.13 ? 156 PHE A CG  1 
ATOM   1196 C  CD1 . PHE A 1 156 ? -1.563  10.536  6.639   1.00 58.08 ? 156 PHE A CD1 1 
ATOM   1197 C  CD2 . PHE A 1 156 ? -3.523  9.511   5.714   1.00 58.06 ? 156 PHE A CD2 1 
ATOM   1198 C  CE1 . PHE A 1 156 ? -1.031  10.690  5.359   1.00 58.10 ? 156 PHE A CE1 1 
ATOM   1199 C  CE2 . PHE A 1 156 ? -3.000  9.661   4.429   1.00 58.05 ? 156 PHE A CE2 1 
ATOM   1200 C  CZ  . PHE A 1 156 ? -1.754  10.251  4.250   1.00 57.85 ? 156 PHE A CZ  1 
ATOM   1201 N  N   . VAL A 1 157 ? -6.245  11.172  8.121   1.00 58.25 ? 157 VAL A N   1 
ATOM   1202 C  CA  . VAL A 1 157 ? -7.430  11.554  7.362   1.00 58.80 ? 157 VAL A CA  1 
ATOM   1203 C  C   . VAL A 1 157 ? -7.724  13.043  7.470   1.00 59.25 ? 157 VAL A C   1 
ATOM   1204 O  O   . VAL A 1 157 ? -8.019  13.693  6.467   1.00 59.31 ? 157 VAL A O   1 
ATOM   1205 C  CB  . VAL A 1 157 ? -8.664  10.773  7.833   1.00 58.67 ? 157 VAL A CB  1 
ATOM   1206 C  CG1 . VAL A 1 157 ? -9.897  11.258  7.097   1.00 58.49 ? 157 VAL A CG1 1 
ATOM   1207 C  CG2 . VAL A 1 157 ? -8.453  9.294   7.590   1.00 59.12 ? 157 VAL A CG2 1 
ATOM   1208 N  N   . GLU A 1 158 ? -7.653  13.578  8.686   1.00 59.55 ? 158 GLU A N   1 
ATOM   1209 C  CA  . GLU A 1 158 ? -7.904  15.002  8.892   1.00 60.49 ? 158 GLU A CA  1 
ATOM   1210 C  C   . GLU A 1 158 ? -6.973  15.794  7.978   1.00 60.29 ? 158 GLU A C   1 
ATOM   1211 O  O   . GLU A 1 158 ? -7.401  16.725  7.298   1.00 60.01 ? 158 GLU A O   1 
ATOM   1212 C  CB  . GLU A 1 158 ? -7.657  15.392  10.355  1.00 61.11 ? 158 GLU A CB  1 
ATOM   1213 C  CG  . GLU A 1 158 ? -8.607  14.735  11.352  1.00 62.30 ? 158 GLU A CG  1 
ATOM   1214 C  CD  . GLU A 1 158 ? -10.066 15.123  11.129  1.00 62.60 ? 158 GLU A CD  1 
ATOM   1215 O  OE1 . GLU A 1 158 ? -10.611 14.836  10.040  1.00 62.74 ? 158 GLU A OE1 1 
ATOM   1216 O  OE2 . GLU A 1 158 ? -10.669 15.715  12.051  1.00 62.73 ? 158 GLU A OE2 1 
ATOM   1217 N  N   . HIS A 1 159 ? -5.701  15.406  7.965   1.00 60.52 ? 159 HIS A N   1 
ATOM   1218 C  CA  . HIS A 1 159 ? -4.696  16.054  7.125   1.00 60.56 ? 159 HIS A CA  1 
ATOM   1219 C  C   . HIS A 1 159 ? -5.104  16.022  5.653   1.00 60.31 ? 159 HIS A C   1 
ATOM   1220 O  O   . HIS A 1 159 ? -4.939  17.010  4.933   1.00 60.54 ? 159 HIS A O   1 
ATOM   1221 C  CB  . HIS A 1 159 ? -3.347  15.357  7.304   1.00 60.73 ? 159 HIS A CB  1 
ATOM   1222 C  CG  . HIS A 1 159 ? -2.748  15.552  8.659   1.00 61.42 ? 159 HIS A CG  1 
ATOM   1223 N  ND1 . HIS A 1 159 ? -1.889  14.638  9.232   1.00 61.58 ? 159 HIS A ND1 1 
ATOM   1224 C  CD2 . HIS A 1 159 ? -2.878  16.560  9.553   1.00 61.57 ? 159 HIS A CD2 1 
ATOM   1225 C  CE1 . HIS A 1 159 ? -1.518  15.074  10.424  1.00 61.54 ? 159 HIS A CE1 1 
ATOM   1226 N  NE2 . HIS A 1 159 ? -2.105  16.238  10.642  1.00 62.02 ? 159 HIS A NE2 1 
ATOM   1227 N  N   . LEU A 1 160 ? -5.631  14.884  5.208   1.00 59.81 ? 160 LEU A N   1 
ATOM   1228 C  CA  . LEU A 1 160 ? -6.068  14.732  3.824   1.00 59.68 ? 160 LEU A CA  1 
ATOM   1229 C  C   . LEU A 1 160 ? -7.207  15.697  3.526   1.00 59.61 ? 160 LEU A C   1 
ATOM   1230 O  O   . LEU A 1 160 ? -7.144  16.475  2.574   1.00 59.30 ? 160 LEU A O   1 
ATOM   1231 C  CB  . LEU A 1 160 ? -6.533  13.293  3.559   1.00 59.22 ? 160 LEU A CB  1 
ATOM   1232 C  CG  . LEU A 1 160 ? -5.459  12.225  3.330   1.00 59.04 ? 160 LEU A CG  1 
ATOM   1233 C  CD1 . LEU A 1 160 ? -6.068  10.846  3.498   1.00 58.92 ? 160 LEU A CD1 1 
ATOM   1234 C  CD2 . LEU A 1 160 ? -4.862  12.382  1.936   1.00 58.24 ? 160 LEU A CD2 1 
ATOM   1235 N  N   . ASN A 1 161 ? -8.254  15.633  4.342   1.00 59.86 ? 161 ASN A N   1 
ATOM   1236 C  CA  . ASN A 1 161 ? -9.406  16.513  4.180   1.00 60.34 ? 161 ASN A CA  1 
ATOM   1237 C  C   . ASN A 1 161 ? -8.950  17.961  4.358   1.00 61.04 ? 161 ASN A C   1 
ATOM   1238 O  O   . ASN A 1 161 ? -9.636  18.895  3.941   1.00 61.20 ? 161 ASN A O   1 
ATOM   1239 C  CB  . ASN A 1 161 ? -10.477 16.183  5.229   1.00 59.83 ? 161 ASN A CB  1 
ATOM   1240 C  CG  . ASN A 1 161 ? -11.141 14.833  4.996   1.00 59.42 ? 161 ASN A CG  1 
ATOM   1241 O  OD1 . ASN A 1 161 ? -11.627 14.202  5.938   1.00 59.23 ? 161 ASN A OD1 1 
ATOM   1242 N  ND2 . ASN A 1 161 ? -11.185 14.395  3.739   1.00 58.40 ? 161 ASN A ND2 1 
ATOM   1243 N  N   . ALA A 1 162 ? -7.783  18.134  4.974   1.00 61.53 ? 162 ALA A N   1 
ATOM   1244 C  CA  . ALA A 1 162 ? -7.228  19.460  5.233   1.00 62.44 ? 162 ALA A CA  1 
ATOM   1245 C  C   . ALA A 1 162 ? -6.592  20.118  4.008   1.00 62.93 ? 162 ALA A C   1 
ATOM   1246 O  O   . ALA A 1 162 ? -6.616  21.341  3.880   1.00 63.05 ? 162 ALA A O   1 
ATOM   1247 C  CB  . ALA A 1 162 ? -6.214  19.383  6.369   1.00 62.12 ? 162 ALA A CB  1 
ATOM   1248 N  N   . LEU A 1 163 ? -6.023  19.314  3.115   1.00 63.36 ? 163 LEU A N   1 
ATOM   1249 C  CA  . LEU A 1 163 ? -5.394  19.844  1.909   1.00 64.12 ? 163 LEU A CA  1 
ATOM   1250 C  C   . LEU A 1 163 ? -6.295  20.864  1.226   1.00 65.04 ? 163 LEU A C   1 
ATOM   1251 O  O   . LEU A 1 163 ? -5.814  21.766  0.541   1.00 64.90 ? 163 LEU A O   1 
ATOM   1252 C  CB  . LEU A 1 163 ? -5.090  18.713  0.926   1.00 63.68 ? 163 LEU A CB  1 
ATOM   1253 C  CG  . LEU A 1 163 ? -4.158  17.619  1.446   1.00 63.79 ? 163 LEU A CG  1 
ATOM   1254 C  CD1 . LEU A 1 163 ? -3.969  16.567  0.371   1.00 63.32 ? 163 LEU A CD1 1 
ATOM   1255 C  CD2 . LEU A 1 163 ? -2.825  18.227  1.853   1.00 63.37 ? 163 LEU A CD2 1 
ATOM   1256 N  N   . ASN A 1 164 ? -7.602  20.714  1.416   1.00 65.95 ? 164 ASN A N   1 
ATOM   1257 C  CA  . ASN A 1 164 ? -8.568  21.619  0.812   1.00 67.51 ? 164 ASN A CA  1 
ATOM   1258 C  C   . ASN A 1 164 ? -8.447  21.596  -0.707  1.00 68.04 ? 164 ASN A C   1 
ATOM   1259 O  O   . ASN A 1 164 ? -8.283  22.636  -1.346  1.00 68.37 ? 164 ASN A O   1 
ATOM   1260 C  CB  . ASN A 1 164 ? -8.352  23.047  1.326   1.00 68.28 ? 164 ASN A CB  1 
ATOM   1261 C  CG  . ASN A 1 164 ? -8.985  23.285  2.684   1.00 68.88 ? 164 ASN A CG  1 
ATOM   1262 O  OD1 . ASN A 1 164 ? -10.212 23.321  2.810   1.00 69.49 ? 164 ASN A OD1 1 
ATOM   1263 N  ND2 . ASN A 1 164 ? -8.154  23.446  3.707   1.00 69.21 ? 164 ASN A ND2 1 
ATOM   1264 N  N   . LEU A 1 165 ? -8.524  20.402  -1.282  1.00 68.28 ? 165 LEU A N   1 
ATOM   1265 C  CA  . LEU A 1 165 ? -8.420  20.251  -2.726  1.00 68.44 ? 165 LEU A CA  1 
ATOM   1266 C  C   . LEU A 1 165 ? -9.748  20.601  -3.382  1.00 68.54 ? 165 LEU A C   1 
ATOM   1267 O  O   . LEU A 1 165 ? -10.813 20.374  -2.808  1.00 68.12 ? 165 LEU A O   1 
ATOM   1268 C  CB  . LEU A 1 165 ? -8.039  18.812  -3.080  1.00 68.46 ? 165 LEU A CB  1 
ATOM   1269 C  CG  . LEU A 1 165 ? -6.806  18.232  -2.381  1.00 68.83 ? 165 LEU A CG  1 
ATOM   1270 C  CD1 . LEU A 1 165 ? -6.591  16.800  -2.849  1.00 68.82 ? 165 LEU A CD1 1 
ATOM   1271 C  CD2 . LEU A 1 165 ? -5.583  19.093  -2.674  1.00 68.39 ? 165 LEU A CD2 1 
ATOM   1272 N  N   . THR A 1 166 ? -9.679  21.165  -4.583  1.00 68.72 ? 166 THR A N   1 
ATOM   1273 C  CA  . THR A 1 166 ? -10.882 21.529  -5.322  1.00 69.17 ? 166 THR A CA  1 
ATOM   1274 C  C   . THR A 1 166 ? -11.414 20.271  -5.979  1.00 69.24 ? 166 THR A C   1 
ATOM   1275 O  O   . THR A 1 166 ? -10.663 19.322  -6.204  1.00 69.55 ? 166 THR A O   1 
ATOM   1276 C  CB  . THR A 1 166 ? -10.578 22.516  -6.444  1.00 68.99 ? 166 THR A CB  1 
ATOM   1277 O  OG1 . THR A 1 166 ? -9.774  21.864  -7.435  1.00 68.88 ? 166 THR A OG1 1 
ATOM   1278 C  CG2 . THR A 1 166 ? -9.833  23.721  -5.902  1.00 69.45 ? 166 THR A CG2 1 
ATOM   1279 N  N   . PRO A 1 167 ? -12.717 20.244  -6.302  1.00 69.27 ? 167 PRO A N   1 
ATOM   1280 C  CA  . PRO A 1 167 ? -13.278 19.054  -6.946  1.00 69.11 ? 167 PRO A CA  1 
ATOM   1281 C  C   . PRO A 1 167 ? -12.369 18.612  -8.093  1.00 68.85 ? 167 PRO A C   1 
ATOM   1282 O  O   . PRO A 1 167 ? -12.214 17.416  -8.352  1.00 68.68 ? 167 PRO A O   1 
ATOM   1283 C  CB  . PRO A 1 167 ? -14.637 19.543  -7.428  1.00 69.07 ? 167 PRO A CB  1 
ATOM   1284 C  CG  . PRO A 1 167 ? -15.031 20.496  -6.339  1.00 69.30 ? 167 PRO A CG  1 
ATOM   1285 C  CD  . PRO A 1 167 ? -13.751 21.275  -6.109  1.00 69.32 ? 167 PRO A CD  1 
ATOM   1286 N  N   . GLU A 1 168 ? -11.767 19.591  -8.768  1.00 68.42 ? 168 GLU A N   1 
ATOM   1287 C  CA  . GLU A 1 168 ? -10.863 19.316  -9.878  1.00 68.04 ? 168 GLU A CA  1 
ATOM   1288 C  C   . GLU A 1 168 ? -9.639  18.572  -9.353  1.00 67.13 ? 168 GLU A C   1 
ATOM   1289 O  O   . GLU A 1 168 ? -9.145  17.637  -9.987  1.00 67.07 ? 168 GLU A O   1 
ATOM   1290 C  CB  . GLU A 1 168 ? -10.410 20.621  -10.550 1.00 69.18 ? 168 GLU A CB  1 
ATOM   1291 C  CG  . GLU A 1 168 ? -11.501 21.423  -11.280 1.00 70.34 ? 168 GLU A CG  1 
ATOM   1292 C  CD  . GLU A 1 168 ? -12.428 22.189  -10.341 1.00 71.06 ? 168 GLU A CD  1 
ATOM   1293 O  OE1 . GLU A 1 168 ? -11.922 22.881  -9.433  1.00 71.68 ? 168 GLU A OE1 1 
ATOM   1294 O  OE2 . GLU A 1 168 ? -13.665 22.111  -10.524 1.00 71.58 ? 168 GLU A OE2 1 
ATOM   1295 N  N   . ALA A 1 169 ? -9.160  19.004  -8.190  1.00 65.87 ? 169 ALA A N   1 
ATOM   1296 C  CA  . ALA A 1 169 ? -7.994  18.412  -7.545  1.00 64.75 ? 169 ALA A CA  1 
ATOM   1297 C  C   . ALA A 1 169 ? -8.284  16.993  -7.074  1.00 63.90 ? 169 ALA A C   1 
ATOM   1298 O  O   . ALA A 1 169 ? -7.514  16.074  -7.344  1.00 63.82 ? 169 ALA A O   1 
ATOM   1299 C  CB  . ALA A 1 169 ? -7.565  19.270  -6.362  1.00 64.77 ? 169 ALA A CB  1 
ATOM   1300 N  N   . GLU A 1 170 ? -9.391  16.832  -6.354  1.00 62.93 ? 170 GLU A N   1 
ATOM   1301 C  CA  . GLU A 1 170 ? -9.798  15.529  -5.841  1.00 61.89 ? 170 GLU A CA  1 
ATOM   1302 C  C   . GLU A 1 170 ? -9.899  14.539  -6.986  1.00 60.70 ? 170 GLU A C   1 
ATOM   1303 O  O   . GLU A 1 170 ? -9.463  13.393  -6.870  1.00 60.02 ? 170 GLU A O   1 
ATOM   1304 C  CB  . GLU A 1 170 ? -11.163 15.625  -5.166  1.00 62.61 ? 170 GLU A CB  1 
ATOM   1305 C  CG  . GLU A 1 170 ? -11.210 16.493  -3.936  1.00 63.69 ? 170 GLU A CG  1 
ATOM   1306 C  CD  . GLU A 1 170 ? -12.623 16.638  -3.418  1.00 64.91 ? 170 GLU A CD  1 
ATOM   1307 O  OE1 . GLU A 1 170 ? -13.295 15.598  -3.256  1.00 65.12 ? 170 GLU A OE1 1 
ATOM   1308 O  OE2 . GLU A 1 170 ? -13.061 17.785  -3.175  1.00 65.80 ? 170 GLU A OE2 1 
ATOM   1309 N  N   . ALA A 1 171 ? -10.489 14.998  -8.088  1.00 59.27 ? 171 ALA A N   1 
ATOM   1310 C  CA  . ALA A 1 171 ? -10.671 14.175  -9.277  1.00 58.32 ? 171 ALA A CA  1 
ATOM   1311 C  C   . ALA A 1 171 ? -9.352  13.551  -9.709  1.00 57.43 ? 171 ALA A C   1 
ATOM   1312 O  O   . ALA A 1 171 ? -9.300  12.371  -10.058 1.00 57.82 ? 171 ALA A O   1 
ATOM   1313 C  CB  . ALA A 1 171 ? -11.252 15.015  -10.410 1.00 58.13 ? 171 ALA A CB  1 
ATOM   1314 N  N   . GLU A 1 172 ? -8.287  14.346  -9.681  1.00 56.01 ? 172 GLU A N   1 
ATOM   1315 C  CA  . GLU A 1 172 ? -6.965  13.864  -10.061 1.00 54.90 ? 172 GLU A CA  1 
ATOM   1316 C  C   . GLU A 1 172 ? -6.445  12.896  -9.006  1.00 53.29 ? 172 GLU A C   1 
ATOM   1317 O  O   . GLU A 1 172 ? -5.913  11.837  -9.330  1.00 52.62 ? 172 GLU A O   1 
ATOM   1318 C  CB  . GLU A 1 172 ? -5.979  15.023  -10.179 1.00 55.79 ? 172 GLU A CB  1 
ATOM   1319 C  CG  . GLU A 1 172 ? -6.374  16.115  -11.149 1.00 57.64 ? 172 GLU A CG  1 
ATOM   1320 C  CD  . GLU A 1 172 ? -5.389  17.270  -11.128 1.00 58.55 ? 172 GLU A CD  1 
ATOM   1321 O  OE1 . GLU A 1 172 ? -5.187  17.861  -10.043 1.00 59.26 ? 172 GLU A OE1 1 
ATOM   1322 O  OE2 . GLU A 1 172 ? -4.812  17.584  -12.190 1.00 59.18 ? 172 GLU A OE2 1 
ATOM   1323 N  N   . ALA A 1 173 ? -6.593  13.280  -7.744  1.00 51.50 ? 173 ALA A N   1 
ATOM   1324 C  CA  . ALA A 1 173 ? -6.134  12.461  -6.630  1.00 50.40 ? 173 ALA A CA  1 
ATOM   1325 C  C   . ALA A 1 173 ? -6.831  11.108  -6.614  1.00 49.66 ? 173 ALA A C   1 
ATOM   1326 O  O   . ALA A 1 173 ? -6.203  10.084  -6.340  1.00 49.56 ? 173 ALA A O   1 
ATOM   1327 C  CB  . ALA A 1 173 ? -6.373  13.189  -5.310  1.00 49.25 ? 173 ALA A CB  1 
ATOM   1328 N  N   . ILE A 1 174 ? -8.129  11.112  -6.899  1.00 48.70 ? 174 ILE A N   1 
ATOM   1329 C  CA  . ILE A 1 174 ? -8.902  9.880   -6.918  1.00 47.88 ? 174 ILE A CA  1 
ATOM   1330 C  C   . ILE A 1 174 ? -8.447  9.024   -8.092  1.00 47.70 ? 174 ILE A C   1 
ATOM   1331 O  O   . ILE A 1 174 ? -8.272  7.811   -7.953  1.00 47.68 ? 174 ILE A O   1 
ATOM   1332 C  CB  . ILE A 1 174 ? -10.421 10.158  -7.043  1.00 47.49 ? 174 ILE A CB  1 
ATOM   1333 C  CG1 . ILE A 1 174 ? -10.937 10.829  -5.766  1.00 46.93 ? 174 ILE A CG1 1 
ATOM   1334 C  CG2 . ILE A 1 174 ? -11.175 8.854   -7.288  1.00 47.08 ? 174 ILE A CG2 1 
ATOM   1335 C  CD1 . ILE A 1 174 ? -12.422 11.181  -5.820  1.00 46.35 ? 174 ILE A CD1 1 
ATOM   1336 N  N   . GLN A 1 175 ? -8.267  9.654   -9.251  1.00 46.83 ? 175 GLN A N   1 
ATOM   1337 C  CA  . GLN A 1 175 ? -7.807  8.922   -10.417 1.00 46.17 ? 175 GLN A CA  1 
ATOM   1338 C  C   . GLN A 1 175 ? -6.426  8.395   -10.078 1.00 45.26 ? 175 GLN A C   1 
ATOM   1339 O  O   . GLN A 1 175 ? -6.054  7.302   -10.483 1.00 44.99 ? 175 GLN A O   1 
ATOM   1340 C  CB  . GLN A 1 175 ? -7.726  9.827   -11.645 1.00 47.45 ? 175 GLN A CB  1 
ATOM   1341 C  CG  . GLN A 1 175 ? -7.236  9.113   -12.900 1.00 48.46 ? 175 GLN A CG  1 
ATOM   1342 C  CD  . GLN A 1 175 ? -7.999  7.819   -13.187 1.00 49.47 ? 175 GLN A CD  1 
ATOM   1343 O  OE1 . GLN A 1 175 ? -9.224  7.748   -13.028 1.00 49.89 ? 175 GLN A OE1 1 
ATOM   1344 N  NE2 . GLN A 1 175 ? -7.276  6.795   -13.626 1.00 49.66 ? 175 GLN A NE2 1 
ATOM   1345 N  N   . GLY A 1 176 ? -5.669  9.190   -9.328  1.00 44.43 ? 176 GLY A N   1 
ATOM   1346 C  CA  . GLY A 1 176 ? -4.341  8.775   -8.913  1.00 43.32 ? 176 GLY A CA  1 
ATOM   1347 C  C   . GLY A 1 176 ? -4.406  7.563   -7.990  1.00 42.59 ? 176 GLY A C   1 
ATOM   1348 O  O   . GLY A 1 176 ? -3.560  6.675   -8.076  1.00 41.98 ? 176 GLY A O   1 
ATOM   1349 N  N   . ALA A 1 177 ? -5.406  7.518   -7.112  1.00 41.84 ? 177 ALA A N   1 
ATOM   1350 C  CA  . ALA A 1 177 ? -5.554  6.393   -6.179  1.00 42.20 ? 177 ALA A CA  1 
ATOM   1351 C  C   . ALA A 1 177 ? -5.901  5.111   -6.933  1.00 41.92 ? 177 ALA A C   1 
ATOM   1352 O  O   . ALA A 1 177 ? -5.470  4.022   -6.559  1.00 42.86 ? 177 ALA A O   1 
ATOM   1353 C  CB  . ALA A 1 177 ? -6.636  6.698   -5.143  1.00 41.31 ? 177 ALA A CB  1 
ATOM   1354 N  N   . ARG A 1 178 ? -6.693  5.246   -7.987  1.00 41.79 ? 178 ARG A N   1 
ATOM   1355 C  CA  . ARG A 1 178 ? -7.076  4.107   -8.803  1.00 41.79 ? 178 ARG A CA  1 
ATOM   1356 C  C   . ARG A 1 178 ? -5.843  3.564   -9.501  1.00 40.91 ? 178 ARG A C   1 
ATOM   1357 O  O   . ARG A 1 178 ? -5.630  2.353   -9.555  1.00 40.64 ? 178 ARG A O   1 
ATOM   1358 C  CB  . ARG A 1 178 ? -8.095  4.530   -9.852  1.00 42.93 ? 178 ARG A CB  1 
ATOM   1359 C  CG  . ARG A 1 178 ? -9.380  5.019   -9.255  1.00 45.28 ? 178 ARG A CG  1 
ATOM   1360 C  CD  . ARG A 1 178 ? -10.364 5.429   -10.315 1.00 47.28 ? 178 ARG A CD  1 
ATOM   1361 N  NE  . ARG A 1 178 ? -11.660 5.664   -9.701  1.00 50.85 ? 178 ARG A NE  1 
ATOM   1362 C  CZ  . ARG A 1 178 ? -12.776 5.894   -10.376 1.00 52.19 ? 178 ARG A CZ  1 
ATOM   1363 N  NH1 . ARG A 1 178 ? -12.750 5.921   -11.704 1.00 53.37 ? 178 ARG A NH1 1 
ATOM   1364 N  NH2 . ARG A 1 178 ? -13.919 6.081   -9.722  1.00 52.63 ? 178 ARG A NH2 1 
ATOM   1365 N  N   . GLU A 1 179 ? -5.036  4.470   -10.042 1.00 39.48 ? 179 GLU A N   1 
ATOM   1366 C  CA  . GLU A 1 179 ? -3.819  4.081   -10.734 1.00 38.67 ? 179 GLU A CA  1 
ATOM   1367 C  C   . GLU A 1 179 ? -2.822  3.409   -9.797  1.00 37.01 ? 179 GLU A C   1 
ATOM   1368 O  O   . GLU A 1 179 ? -2.051  2.550   -10.217 1.00 37.72 ? 179 GLU A O   1 
ATOM   1369 C  CB  . GLU A 1 179 ? -3.187  5.300   -11.405 1.00 39.87 ? 179 GLU A CB  1 
ATOM   1370 C  CG  . GLU A 1 179 ? -3.789  5.590   -12.767 1.00 41.14 ? 179 GLU A CG  1 
ATOM   1371 C  CD  . GLU A 1 179 ? -3.327  6.915   -13.350 1.00 42.64 ? 179 GLU A CD  1 
ATOM   1372 O  OE1 . GLU A 1 179 ? -2.142  7.272   -13.154 1.00 43.90 ? 179 GLU A OE1 1 
ATOM   1373 O  OE2 . GLU A 1 179 ? -4.146  7.585   -14.012 1.00 41.12 ? 179 GLU A OE2 1 
ATOM   1374 N  N   . ALA A 1 180 ? -2.844  3.802   -8.529  1.00 34.44 ? 180 ALA A N   1 
ATOM   1375 C  CA  . ALA A 1 180 ? -1.956  3.212   -7.538  1.00 32.79 ? 180 ALA A CA  1 
ATOM   1376 C  C   . ALA A 1 180 ? -2.401  1.767   -7.348  1.00 31.31 ? 180 ALA A C   1 
ATOM   1377 O  O   . ALA A 1 180 ? -1.597  0.844   -7.384  1.00 30.20 ? 180 ALA A O   1 
ATOM   1378 C  CB  . ALA A 1 180 ? -2.062  3.964   -6.224  1.00 31.71 ? 180 ALA A CB  1 
ATOM   1379 N  N   . PHE A 1 181 ? -3.697  1.585   -7.150  1.00 30.68 ? 181 PHE A N   1 
ATOM   1380 C  CA  . PHE A 1 181 ? -4.244  0.253   -6.970  1.00 30.27 ? 181 PHE A CA  1 
ATOM   1381 C  C   . PHE A 1 181 ? -3.975  -0.605  -8.205  1.00 30.16 ? 181 PHE A C   1 
ATOM   1382 O  O   . PHE A 1 181 ? -3.711  -1.796  -8.090  1.00 29.98 ? 181 PHE A O   1 
ATOM   1383 C  CB  . PHE A 1 181 ? -5.747  0.333   -6.709  1.00 30.04 ? 181 PHE A CB  1 
ATOM   1384 C  CG  . PHE A 1 181 ? -6.106  0.526   -5.262  1.00 30.41 ? 181 PHE A CG  1 
ATOM   1385 C  CD1 . PHE A 1 181 ? -6.857  1.631   -4.854  1.00 29.81 ? 181 PHE A CD1 1 
ATOM   1386 C  CD2 . PHE A 1 181 ? -5.739  -0.423  -4.311  1.00 29.87 ? 181 PHE A CD2 1 
ATOM   1387 C  CE1 . PHE A 1 181 ? -7.244  1.786   -3.513  1.00 30.44 ? 181 PHE A CE1 1 
ATOM   1388 C  CE2 . PHE A 1 181 ? -6.121  -0.281  -2.970  1.00 30.65 ? 181 PHE A CE2 1 
ATOM   1389 C  CZ  . PHE A 1 181 ? -6.878  0.827   -2.570  1.00 30.43 ? 181 PHE A CZ  1 
ATOM   1390 N  N   . ALA A 1 182 ? -4.041  0.011   -9.387  1.00 30.69 ? 182 ALA A N   1 
ATOM   1391 C  CA  . ALA A 1 182 ? -3.804  -0.704  -10.637 1.00 30.90 ? 182 ALA A CA  1 
ATOM   1392 C  C   . ALA A 1 182 ? -2.355  -1.177  -10.728 1.00 30.99 ? 182 ALA A C   1 
ATOM   1393 O  O   . ALA A 1 182 ? -2.079  -2.316  -11.125 1.00 30.90 ? 182 ALA A O   1 
ATOM   1394 C  CB  . ALA A 1 182 ? -4.132  0.197   -11.813 1.00 31.88 ? 182 ALA A CB  1 
ATOM   1395 N  N   . PHE A 1 183 ? -1.427  -0.290  -10.371 1.00 30.05 ? 183 PHE A N   1 
ATOM   1396 C  CA  . PHE A 1 183 ? -0.010  -0.634  -10.412 1.00 29.67 ? 183 PHE A CA  1 
ATOM   1397 C  C   . PHE A 1 183 ? 0.234   -1.808  -9.477  1.00 28.98 ? 183 PHE A C   1 
ATOM   1398 O  O   . PHE A 1 183 ? 0.903   -2.774  -9.839  1.00 29.39 ? 183 PHE A O   1 
ATOM   1399 C  CB  . PHE A 1 183 ? 0.858   0.551   -9.974  1.00 29.69 ? 183 PHE A CB  1 
ATOM   1400 C  CG  . PHE A 1 183 ? 2.323   0.262   -9.991  1.00 30.15 ? 183 PHE A CG  1 
ATOM   1401 C  CD1 . PHE A 1 183 ? 2.943   -0.180  -11.158 1.00 30.83 ? 183 PHE A CD1 1 
ATOM   1402 C  CD2 . PHE A 1 183 ? 3.090   0.419   -8.846  1.00 30.93 ? 183 PHE A CD2 1 
ATOM   1403 C  CE1 . PHE A 1 183 ? 4.303   -0.463  -11.185 1.00 30.45 ? 183 PHE A CE1 1 
ATOM   1404 C  CE2 . PHE A 1 183 ? 4.458   0.139   -8.858  1.00 31.35 ? 183 PHE A CE2 1 
ATOM   1405 C  CZ  . PHE A 1 183 ? 5.065   -0.303  -10.029 1.00 30.84 ? 183 PHE A CZ  1 
ATOM   1406 N  N   . TYR A 1 184 ? -0.306  -1.718  -8.265  1.00 27.08 ? 184 TYR A N   1 
ATOM   1407 C  CA  . TYR A 1 184 ? -0.118  -2.792  -7.323  1.00 27.05 ? 184 TYR A CA  1 
ATOM   1408 C  C   . TYR A 1 184 ? -0.441  -4.145  -7.988  1.00 27.29 ? 184 TYR A C   1 
ATOM   1409 O  O   . TYR A 1 184 ? 0.350   -5.077  -7.905  1.00 25.87 ? 184 TYR A O   1 
ATOM   1410 C  CB  . TYR A 1 184 ? -0.987  -2.580  -6.080  1.00 26.43 ? 184 TYR A CB  1 
ATOM   1411 C  CG  . TYR A 1 184 ? -0.620  -3.517  -4.954  1.00 25.85 ? 184 TYR A CG  1 
ATOM   1412 C  CD1 . TYR A 1 184 ? 0.433   -3.228  -4.098  1.00 24.95 ? 184 TYR A CD1 1 
ATOM   1413 C  CD2 . TYR A 1 184 ? -1.312  -4.717  -4.768  1.00 25.55 ? 184 TYR A CD2 1 
ATOM   1414 C  CE1 . TYR A 1 184 ? 0.790   -4.108  -3.084  1.00 25.75 ? 184 TYR A CE1 1 
ATOM   1415 C  CE2 . TYR A 1 184 ? -0.961  -5.593  -3.767  1.00 24.31 ? 184 TYR A CE2 1 
ATOM   1416 C  CZ  . TYR A 1 184 ? 0.089   -5.288  -2.926  1.00 25.71 ? 184 TYR A CZ  1 
ATOM   1417 O  OH  . TYR A 1 184 ? 0.430   -6.159  -1.916  1.00 25.45 ? 184 TYR A OH  1 
ATOM   1418 N  N   . LYS A 1 185 ? -1.575  -4.237  -8.678  1.00 27.95 ? 185 LYS A N   1 
ATOM   1419 C  CA  . LYS A 1 185 ? -1.949  -5.495  -9.320  1.00 28.27 ? 185 LYS A CA  1 
ATOM   1420 C  C   . LYS A 1 185 ? -1.012  -5.880  -10.461 1.00 29.23 ? 185 LYS A C   1 
ATOM   1421 O  O   . LYS A 1 185 ? -0.784  -7.060  -10.713 1.00 27.15 ? 185 LYS A O   1 
ATOM   1422 C  CB  . LYS A 1 185 ? -3.405  -5.447  -9.810  1.00 28.94 ? 185 LYS A CB  1 
ATOM   1423 C  CG  . LYS A 1 185 ? -4.410  -5.406  -8.656  1.00 29.94 ? 185 LYS A CG  1 
ATOM   1424 C  CD  . LYS A 1 185 ? -5.820  -5.823  -9.070  1.00 29.86 ? 185 LYS A CD  1 
ATOM   1425 C  CE  . LYS A 1 185 ? -6.514  -4.732  -9.868  1.00 31.07 ? 185 LYS A CE  1 
ATOM   1426 N  NZ  . LYS A 1 185 ? -7.890  -5.126  -10.221 1.00 29.39 ? 185 LYS A NZ  1 
ATOM   1427 N  N   . VAL A 1 186 ? -0.472  -4.886  -11.154 1.00 30.26 ? 186 VAL A N   1 
ATOM   1428 C  CA  . VAL A 1 186 ? 0.462   -5.173  -12.227 1.00 30.92 ? 186 VAL A CA  1 
ATOM   1429 C  C   . VAL A 1 186 ? 1.695   -5.836  -11.615 1.00 32.04 ? 186 VAL A C   1 
ATOM   1430 O  O   . VAL A 1 186 ? 2.132   -6.892  -12.077 1.00 32.84 ? 186 VAL A O   1 
ATOM   1431 C  CB  . VAL A 1 186 ? 0.856   -3.891  -12.975 1.00 31.31 ? 186 VAL A CB  1 
ATOM   1432 C  CG1 . VAL A 1 186 ? 2.162   -4.100  -13.721 1.00 31.67 ? 186 VAL A CG1 1 
ATOM   1433 C  CG2 . VAL A 1 186 ? -0.260  -3.513  -13.957 1.00 29.47 ? 186 VAL A CG2 1 
ATOM   1434 N  N   . VAL A 1 187 ? 2.245   -5.237  -10.562 1.00 31.18 ? 187 VAL A N   1 
ATOM   1435 C  CA  . VAL A 1 187 ? 3.426   -5.808  -9.921  1.00 30.80 ? 187 VAL A CA  1 
ATOM   1436 C  C   . VAL A 1 187 ? 3.114   -7.199  -9.361  1.00 31.31 ? 187 VAL A C   1 
ATOM   1437 O  O   . VAL A 1 187 ? 3.884   -8.154  -9.547  1.00 31.23 ? 187 VAL A O   1 
ATOM   1438 C  CB  . VAL A 1 187 ? 3.941   -4.903  -8.780  1.00 30.45 ? 187 VAL A CB  1 
ATOM   1439 C  CG1 . VAL A 1 187 ? 5.102   -5.576  -8.050  1.00 30.56 ? 187 VAL A CG1 1 
ATOM   1440 C  CG2 . VAL A 1 187 ? 4.388   -3.583  -9.343  1.00 29.97 ? 187 VAL A CG2 1 
ATOM   1441 N  N   . LEU A 1 188 ? 1.983   -7.320  -8.676  1.00 30.52 ? 188 LEU A N   1 
ATOM   1442 C  CA  . LEU A 1 188 ? 1.595   -8.613  -8.118  1.00 29.51 ? 188 LEU A CA  1 
ATOM   1443 C  C   . LEU A 1 188 ? 1.589   -9.719  -9.182  1.00 29.80 ? 188 LEU A C   1 
ATOM   1444 O  O   . LEU A 1 188 ? 2.137   -10.807 -8.968  1.00 30.14 ? 188 LEU A O   1 
ATOM   1445 C  CB  . LEU A 1 188 ? 0.213   -8.519  -7.478  1.00 27.22 ? 188 LEU A CB  1 
ATOM   1446 C  CG  . LEU A 1 188 ? -0.274  -9.812  -6.793  1.00 25.64 ? 188 LEU A CG  1 
ATOM   1447 C  CD1 . LEU A 1 188 ? -1.379  -9.470  -5.809  1.00 22.90 ? 188 LEU A CD1 1 
ATOM   1448 C  CD2 . LEU A 1 188 ? -0.761  -10.824 -7.842  1.00 25.92 ? 188 LEU A CD2 1 
ATOM   1449 N  N   . ARG A 1 189 ? 0.952   -9.440  -10.312 1.00 29.67 ? 189 ARG A N   1 
ATOM   1450 C  CA  . ARG A 1 189 ? 0.856   -10.411 -11.397 1.00 32.16 ? 189 ARG A CA  1 
ATOM   1451 C  C   . ARG A 1 189 ? 2.230   -10.859 -11.867 1.00 33.92 ? 189 ARG A C   1 
ATOM   1452 O  O   . ARG A 1 189 ? 2.493   -12.053 -12.033 1.00 34.16 ? 189 ARG A O   1 
ATOM   1453 C  CB  . ARG A 1 189 ? 0.072   -9.818  -12.562 1.00 30.99 ? 189 ARG A CB  1 
ATOM   1454 C  CG  . ARG A 1 189 ? -1.411  -9.645  -12.269 1.00 29.94 ? 189 ARG A CG  1 
ATOM   1455 C  CD  . ARG A 1 189 ? -2.120  -8.947  -13.424 1.00 31.05 ? 189 ARG A CD  1 
ATOM   1456 N  NE  . ARG A 1 189 ? -3.502  -8.595  -13.106 1.00 28.87 ? 189 ARG A NE  1 
ATOM   1457 C  CZ  . ARG A 1 189 ? -3.981  -7.353  -13.129 1.00 30.86 ? 189 ARG A CZ  1 
ATOM   1458 N  NH1 . ARG A 1 189 ? -3.184  -6.335  -13.461 1.00 30.96 ? 189 ARG A NH1 1 
ATOM   1459 N  NH2 . ARG A 1 189 ? -5.248  -7.117  -12.798 1.00 28.61 ? 189 ARG A NH2 1 
ATOM   1460 N  N   . GLU A 1 190 ? 3.111   -9.891  -12.081 1.00 35.05 ? 190 GLU A N   1 
ATOM   1461 C  CA  . GLU A 1 190 ? 4.457   -10.202 -12.515 1.00 36.74 ? 190 GLU A CA  1 
ATOM   1462 C  C   . GLU A 1 190 ? 5.224   -10.954 -11.438 1.00 37.22 ? 190 GLU A C   1 
ATOM   1463 O  O   . GLU A 1 190 ? 5.940   -11.915 -11.726 1.00 37.73 ? 190 GLU A O   1 
ATOM   1464 C  CB  . GLU A 1 190 ? 5.202   -8.917  -12.882 1.00 37.03 ? 190 GLU A CB  1 
ATOM   1465 C  CG  . GLU A 1 190 ? 4.764   -8.298  -14.199 1.00 39.34 ? 190 GLU A CG  1 
ATOM   1466 C  CD  . GLU A 1 190 ? 5.652   -7.128  -14.605 1.00 40.50 ? 190 GLU A CD  1 
ATOM   1467 O  OE1 . GLU A 1 190 ? 6.817   -7.079  -14.138 1.00 40.99 ? 190 GLU A OE1 1 
ATOM   1468 O  OE2 . GLU A 1 190 ? 5.192   -6.272  -15.391 1.00 40.88 ? 190 GLU A OE2 1 
ATOM   1469 N  N   . THR A 1 191 ? 5.057   -10.537 -10.190 1.00 37.85 ? 191 THR A N   1 
ATOM   1470 C  CA  . THR A 1 191 ? 5.771   -11.162 -9.090  1.00 38.53 ? 191 THR A CA  1 
ATOM   1471 C  C   . THR A 1 191 ? 5.319   -12.588 -8.777  1.00 38.58 ? 191 THR A C   1 
ATOM   1472 O  O   . THR A 1 191 ? 6.105   -13.396 -8.278  1.00 38.45 ? 191 THR A O   1 
ATOM   1473 C  CB  . THR A 1 191 ? 5.662   -10.312 -7.808  1.00 39.74 ? 191 THR A CB  1 
ATOM   1474 O  OG1 . THR A 1 191 ? 6.164   -8.997  -8.076  1.00 42.03 ? 191 THR A OG1 1 
ATOM   1475 C  CG2 . THR A 1 191 ? 6.474   -10.938 -6.675  1.00 39.82 ? 191 THR A CG2 1 
ATOM   1476 N  N   . PHE A 1 192 ? 4.059   -12.898 -9.050  1.00 37.44 ? 192 PHE A N   1 
ATOM   1477 C  CA  . PHE A 1 192 ? 3.569   -14.243 -8.780  1.00 36.26 ? 192 PHE A CA  1 
ATOM   1478 C  C   . PHE A 1 192 ? 3.384   -15.025 -10.070 1.00 36.09 ? 192 PHE A C   1 
ATOM   1479 O  O   . PHE A 1 192 ? 2.758   -16.085 -10.087 1.00 36.46 ? 192 PHE A O   1 
ATOM   1480 C  CB  . PHE A 1 192 ? 2.267   -14.190 -7.982  1.00 35.74 ? 192 PHE A CB  1 
ATOM   1481 C  CG  . PHE A 1 192 ? 2.464   -13.860 -6.530  1.00 34.98 ? 192 PHE A CG  1 
ATOM   1482 C  CD1 . PHE A 1 192 ? 2.752   -12.562 -6.124  1.00 34.50 ? 192 PHE A CD1 1 
ATOM   1483 C  CD2 . PHE A 1 192 ? 2.374   -14.855 -5.568  1.00 35.36 ? 192 PHE A CD2 1 
ATOM   1484 C  CE1 . PHE A 1 192 ? 2.945   -12.261 -4.780  1.00 34.16 ? 192 PHE A CE1 1 
ATOM   1485 C  CE2 . PHE A 1 192 ? 2.566   -14.565 -4.214  1.00 35.00 ? 192 PHE A CE2 1 
ATOM   1486 C  CZ  . PHE A 1 192 ? 2.854   -13.263 -3.821  1.00 34.45 ? 192 PHE A CZ  1 
ATOM   1487 N  N   . GLY A 1 193 ? 3.929   -14.487 -11.155 1.00 36.29 ? 193 GLY A N   1 
ATOM   1488 C  CA  . GLY A 1 193 ? 3.845   -15.163 -12.436 1.00 35.40 ? 193 GLY A CA  1 
ATOM   1489 C  C   . GLY A 1 193 ? 2.478   -15.361 -13.067 1.00 35.40 ? 193 GLY A C   1 
ATOM   1490 O  O   . GLY A 1 193 ? 2.227   -16.409 -13.683 1.00 34.88 ? 193 GLY A O   1 
ATOM   1491 N  N   . LEU A 1 194 ? 1.604   -14.367 -12.946 1.00 34.08 ? 194 LEU A N   1 
ATOM   1492 C  CA  . LEU A 1 194 ? 0.267   -14.462 -13.534 1.00 33.81 ? 194 LEU A CA  1 
ATOM   1493 C  C   . LEU A 1 194 ? 0.219   -13.723 -14.853 1.00 34.44 ? 194 LEU A C   1 
ATOM   1494 O  O   . LEU A 1 194 ? 1.081   -12.897 -15.142 1.00 35.47 ? 194 LEU A O   1 
ATOM   1495 C  CB  . LEU A 1 194 ? -0.777  -13.851 -12.599 1.00 31.76 ? 194 LEU A CB  1 
ATOM   1496 C  CG  . LEU A 1 194 ? -0.778  -14.402 -11.170 1.00 30.57 ? 194 LEU A CG  1 
ATOM   1497 C  CD1 . LEU A 1 194 ? -1.816  -13.648 -10.353 1.00 30.40 ? 194 LEU A CD1 1 
ATOM   1498 C  CD2 . LEU A 1 194 ? -1.071  -15.907 -11.180 1.00 30.03 ? 194 LEU A CD2 1 
ATOM   1499 N  N   . ALA A 1 195 ? -0.795  -14.017 -15.656 1.00 35.51 ? 195 ALA A N   1 
ATOM   1500 C  CA  . ALA A 1 195 ? -0.945  -13.329 -16.930 1.00 36.24 ? 195 ALA A CA  1 
ATOM   1501 C  C   . ALA A 1 195 ? -1.310  -11.889 -16.607 1.00 37.28 ? 195 ALA A C   1 
ATOM   1502 O  O   . ALA A 1 195 ? -1.694  -11.582 -15.475 1.00 37.46 ? 195 ALA A O   1 
ATOM   1503 C  CB  . ALA A 1 195 ? -2.055  -13.966 -17.742 1.00 35.26 ? 195 ALA A CB  1 
ATOM   1504 N  N   . ALA A 1 196 ? -1.185  -11.012 -17.598 1.00 37.57 ? 196 ALA A N   1 
ATOM   1505 C  CA  . ALA A 1 196 ? -1.535  -9.612  -17.430 1.00 38.03 ? 196 ALA A CA  1 
ATOM   1506 C  C   . ALA A 1 196 ? -3.047  -9.582  -17.290 1.00 38.18 ? 196 ALA A C   1 
ATOM   1507 O  O   . ALA A 1 196 ? -3.739  -10.398 -17.885 1.00 39.28 ? 196 ALA A O   1 
ATOM   1508 C  CB  . ALA A 1 196 ? -1.107  -8.806  -18.660 1.00 38.28 ? 196 ALA A CB  1 
ATOM   1509 N  N   . ASP A 1 197 ? -3.562  -8.653  -16.503 1.00 37.59 ? 197 ASP A N   1 
ATOM   1510 C  CA  . ASP A 1 197 ? -5.004  -8.559  -16.310 1.00 37.79 ? 197 ASP A CA  1 
ATOM   1511 C  C   . ASP A 1 197 ? -5.653  -9.751  -15.585 1.00 35.68 ? 197 ASP A C   1 
ATOM   1512 O  O   . ASP A 1 197 ? -6.876  -9.915  -15.621 1.00 35.36 ? 197 ASP A O   1 
ATOM   1513 C  CB  . ASP A 1 197 ? -5.690  -8.340  -17.657 1.00 40.34 ? 197 ASP A CB  1 
ATOM   1514 C  CG  . ASP A 1 197 ? -5.208  -7.077  -18.349 1.00 42.54 ? 197 ASP A CG  1 
ATOM   1515 O  OD1 . ASP A 1 197 ? -5.172  -6.013  -17.683 1.00 43.83 ? 197 ASP A OD1 1 
ATOM   1516 O  OD2 . ASP A 1 197 ? -4.871  -7.151  -19.551 1.00 43.62 ? 197 ASP A OD2 1 
ATOM   1517 N  N   . ALA A 1 198 ? -4.839  -10.582 -14.940 1.00 33.21 ? 198 ALA A N   1 
ATOM   1518 C  CA  . ALA A 1 198 ? -5.363  -11.727 -14.191 1.00 31.17 ? 198 ALA A CA  1 
ATOM   1519 C  C   . ALA A 1 198 ? -6.022  -11.168 -12.936 1.00 30.17 ? 198 ALA A C   1 
ATOM   1520 O  O   . ALA A 1 198 ? -5.540  -10.188 -12.371 1.00 28.64 ? 198 ALA A O   1 
ATOM   1521 C  CB  . ALA A 1 198 ? -4.230  -12.683 -13.798 1.00 30.51 ? 198 ALA A CB  1 
ATOM   1522 N  N   . GLU A 1 199 ? -7.109  -11.803 -12.504 1.00 29.91 ? 199 GLU A N   1 
ATOM   1523 C  CA  . GLU A 1 199 ? -7.861  -11.387 -11.318 1.00 29.88 ? 199 GLU A CA  1 
ATOM   1524 C  C   . GLU A 1 199 ? -8.300  -12.597 -10.477 1.00 29.63 ? 199 GLU A C   1 
ATOM   1525 O  O   . GLU A 1 199 ? -8.261  -13.735 -10.929 1.00 28.79 ? 199 GLU A O   1 
ATOM   1526 C  CB  . GLU A 1 199 ? -9.113  -10.617 -11.751 1.00 31.68 ? 199 GLU A CB  1 
ATOM   1527 C  CG  . GLU A 1 199 ? -8.850  -9.375  -12.610 1.00 33.13 ? 199 GLU A CG  1 
ATOM   1528 C  CD  . GLU A 1 199 ? -8.560  -8.130  -11.785 1.00 34.45 ? 199 GLU A CD  1 
ATOM   1529 O  OE1 . GLU A 1 199 ? -8.242  -7.080  -12.385 1.00 34.71 ? 199 GLU A OE1 1 
ATOM   1530 O  OE2 . GLU A 1 199 ? -8.653  -8.196  -10.539 1.00 34.63 ? 199 GLU A OE2 1 
ATOM   1531 N  N   . ALA A 1 200 ? -8.735  -12.338 -9.252  1.00 28.18 ? 200 ALA A N   1 
ATOM   1532 C  CA  . ALA A 1 200 ? -9.214  -13.397 -8.374  1.00 27.83 ? 200 ALA A CA  1 
ATOM   1533 C  C   . ALA A 1 200 ? -10.419 -14.064 -9.048  1.00 27.20 ? 200 ALA A C   1 
ATOM   1534 O  O   . ALA A 1 200 ? -11.018 -13.488 -9.951  1.00 26.48 ? 200 ALA A O   1 
ATOM   1535 C  CB  . ALA A 1 200 ? -9.637  -12.804 -7.037  1.00 25.93 ? 200 ALA A CB  1 
ATOM   1536 N  N   . PRO A 1 201 ? -10.766 -15.296 -8.636  1.00 27.27 ? 201 PRO A N   1 
ATOM   1537 C  CA  . PRO A 1 201 ? -11.925 -15.958 -9.255  1.00 27.85 ? 201 PRO A CA  1 
ATOM   1538 C  C   . PRO A 1 201 ? -13.137 -15.029 -9.172  1.00 28.61 ? 201 PRO A C   1 
ATOM   1539 O  O   . PRO A 1 201 ? -13.399 -14.435 -8.121  1.00 26.79 ? 201 PRO A O   1 
ATOM   1540 C  CB  . PRO A 1 201 ? -12.109 -17.199 -8.390  1.00 27.34 ? 201 PRO A CB  1 
ATOM   1541 C  CG  . PRO A 1 201 ? -10.680 -17.552 -8.038  1.00 27.94 ? 201 PRO A CG  1 
ATOM   1542 C  CD  . PRO A 1 201 ? -10.055 -16.212 -7.723  1.00 27.21 ? 201 PRO A CD  1 
ATOM   1543 N  N   . GLU A 1 202 ? -13.883 -14.904 -10.258 1.00 29.52 ? 202 GLU A N   1 
ATOM   1544 C  CA  . GLU A 1 202 ? -15.039 -14.018 -10.226 1.00 32.31 ? 202 GLU A CA  1 
ATOM   1545 C  C   . GLU A 1 202 ? -16.081 -14.424 -9.186  1.00 32.42 ? 202 GLU A C   1 
ATOM   1546 O  O   . GLU A 1 202 ? -16.429 -15.596 -9.064  1.00 31.89 ? 202 GLU A O   1 
ATOM   1547 C  CB  . GLU A 1 202 ? -15.702 -13.933 -11.602 1.00 34.39 ? 202 GLU A CB  1 
ATOM   1548 C  CG  . GLU A 1 202 ? -16.810 -12.876 -11.646 1.00 37.83 ? 202 GLU A CG  1 
ATOM   1549 C  CD  . GLU A 1 202 ? -17.337 -12.606 -13.048 1.00 40.22 ? 202 GLU A CD  1 
ATOM   1550 O  OE1 . GLU A 1 202 ? -18.279 -11.786 -13.177 1.00 41.89 ? 202 GLU A OE1 1 
ATOM   1551 O  OE2 . GLU A 1 202 ? -16.809 -13.205 -14.013 1.00 40.76 ? 202 GLU A OE2 1 
ATOM   1552 N  N   . GLY A 1 203 ? -16.560 -13.446 -8.418  1.00 33.54 ? 203 GLY A N   1 
ATOM   1553 C  CA  . GLY A 1 203 ? -17.585 -13.727 -7.424  1.00 33.53 ? 203 GLY A CA  1 
ATOM   1554 C  C   . GLY A 1 203 ? -17.076 -13.840 -6.009  1.00 34.71 ? 203 GLY A C   1 
ATOM   1555 O  O   . GLY A 1 203 ? -17.855 -13.859 -5.058  1.00 34.57 ? 203 GLY A O   1 
ATOM   1556 N  N   . MET A 1 204 ? -15.759 -13.927 -5.867  1.00 35.06 ? 204 MET A N   1 
ATOM   1557 C  CA  . MET A 1 204 ? -15.137 -14.025 -4.558  1.00 35.99 ? 204 MET A CA  1 
ATOM   1558 C  C   . MET A 1 204 ? -15.353 -12.727 -3.776  1.00 36.93 ? 204 MET A C   1 
ATOM   1559 O  O   . MET A 1 204 ? -15.209 -11.636 -4.326  1.00 36.37 ? 204 MET A O   1 
ATOM   1560 C  CB  . MET A 1 204 ? -13.637 -14.286 -4.734  1.00 35.57 ? 204 MET A CB  1 
ATOM   1561 C  CG  . MET A 1 204 ? -12.836 -14.321 -3.449  1.00 35.59 ? 204 MET A CG  1 
ATOM   1562 S  SD  . MET A 1 204 ? -11.062 -14.512 -3.779  1.00 35.17 ? 204 MET A SD  1 
ATOM   1563 C  CE  . MET A 1 204 ? -10.989 -16.248 -4.065  1.00 32.96 ? 204 MET A CE  1 
ATOM   1564 N  N   . MET A 1 205 ? -15.714 -12.850 -2.500  1.00 39.11 ? 205 MET A N   1 
ATOM   1565 C  CA  . MET A 1 205 ? -15.925 -11.681 -1.634  1.00 40.67 ? 205 MET A CA  1 
ATOM   1566 C  C   . MET A 1 205 ? -14.735 -11.541 -0.680  1.00 40.87 ? 205 MET A C   1 
ATOM   1567 O  O   . MET A 1 205 ? -14.179 -12.538 -0.220  1.00 40.77 ? 205 MET A O   1 
ATOM   1568 C  CB  . MET A 1 205 ? -17.211 -11.831 -0.808  1.00 42.21 ? 205 MET A CB  1 
ATOM   1569 C  CG  . MET A 1 205 ? -18.514 -11.732 -1.586  1.00 44.11 ? 205 MET A CG  1 
ATOM   1570 S  SD  . MET A 1 205 ? -18.866 -10.074 -2.206  1.00 47.54 ? 205 MET A SD  1 
ATOM   1571 C  CE  . MET A 1 205 ? -18.413 -10.235 -3.894  1.00 46.63 ? 205 MET A CE  1 
ATOM   1572 N  N   . PRO A 1 206 ? -14.336 -10.298 -0.363  1.00 41.42 ? 206 PRO A N   1 
ATOM   1573 C  CA  . PRO A 1 206 ? -13.206 -10.035 0.538   1.00 42.49 ? 206 PRO A CA  1 
ATOM   1574 C  C   . PRO A 1 206 ? -13.347 -10.701 1.908   1.00 43.98 ? 206 PRO A C   1 
ATOM   1575 O  O   . PRO A 1 206 ? -14.376 -11.372 2.134   1.00 44.95 ? 206 PRO A O   1 
ATOM   1576 C  CB  . PRO A 1 206 ? -13.195 -8.512  0.641   1.00 42.04 ? 206 PRO A CB  1 
ATOM   1577 C  CG  . PRO A 1 206 ? -13.761 -8.077  -0.673  1.00 41.22 ? 206 PRO A CG  1 
ATOM   1578 C  CD  . PRO A 1 206 ? -14.916 -9.035  -0.853  1.00 40.86 ? 206 PRO A CD  1 
HETATM 1579 C  CHA . HEM B 2 .   ? -8.346  -0.511  4.425   1.00 39.11 ? 300 HEM A CHA 1 
HETATM 1580 C  CHB . HEM B 2 .   ? -8.154  -5.324  4.219   1.00 39.38 ? 300 HEM A CHB 1 
HETATM 1581 C  CHC . HEM B 2 .   ? -4.544  -5.003  1.024   1.00 36.89 ? 300 HEM A CHC 1 
HETATM 1582 C  CHD . HEM B 2 .   ? -5.286  -0.262  0.601   1.00 37.04 ? 300 HEM A CHD 1 
HETATM 1583 C  C1A . HEM B 2 .   ? -8.589  -1.860  4.679   1.00 39.46 ? 300 HEM A C1A 1 
HETATM 1584 C  C2A . HEM B 2 .   ? -9.414  -2.440  5.781   1.00 40.77 ? 300 HEM A C2A 1 
HETATM 1585 C  C3A . HEM B 2 .   ? -9.417  -3.775  5.619   1.00 40.60 ? 300 HEM A C3A 1 
HETATM 1586 C  C4A . HEM B 2 .   ? -8.571  -4.040  4.493   1.00 40.08 ? 300 HEM A C4A 1 
HETATM 1587 C  CMA . HEM B 2 .   ? -10.137 -4.819  6.474   1.00 41.17 ? 300 HEM A CMA 1 
HETATM 1588 C  CAA . HEM B 2 .   ? -10.110 -1.829  6.989   0.70 40.19 ? 300 HEM A CAA 1 
HETATM 1589 C  CBA . HEM B 2 .   ? -9.640  -0.556  7.639   0.70 40.98 ? 300 HEM A CBA 1 
HETATM 1590 C  CGA . HEM B 2 .   ? -10.601 -0.081  8.707   0.70 40.81 ? 300 HEM A CGA 1 
HETATM 1591 O  O1A . HEM B 2 .   ? -11.727 0.329   8.353   0.70 41.21 ? 300 HEM A O1A 1 
HETATM 1592 O  O2A . HEM B 2 .   ? -10.230 -0.120  9.896   0.70 40.74 ? 300 HEM A O2A 1 
HETATM 1593 C  C1B . HEM B 2 .   ? -7.187  -5.643  3.295   1.00 38.50 ? 300 HEM A C1B 1 
HETATM 1594 C  C2B . HEM B 2 .   ? -6.703  -7.025  3.099   1.00 38.44 ? 300 HEM A C2B 1 
HETATM 1595 C  C3B . HEM B 2 .   ? -5.677  -6.948  2.204   1.00 37.90 ? 300 HEM A C3B 1 
HETATM 1596 C  C4B . HEM B 2 .   ? -5.564  -5.514  1.827   1.00 38.23 ? 300 HEM A C4B 1 
HETATM 1597 C  CMB . HEM B 2 .   ? -7.238  -8.292  3.792   1.00 38.05 ? 300 HEM A CMB 1 
HETATM 1598 C  CAB . HEM B 2 .   ? -4.920  -8.022  1.730   1.00 38.75 ? 300 HEM A CAB 1 
HETATM 1599 C  CBB . HEM B 2 .   ? -5.536  -9.222  1.121   1.00 37.32 ? 300 HEM A CBB 1 
HETATM 1600 C  C1C . HEM B 2 .   ? -4.394  -3.688  0.689   1.00 36.85 ? 300 HEM A C1C 1 
HETATM 1601 C  C2C . HEM B 2 .   ? -3.377  -3.222  -0.244  1.00 36.26 ? 300 HEM A C2C 1 
HETATM 1602 C  C3C . HEM B 2 .   ? -3.675  -1.909  -0.501  1.00 36.40 ? 300 HEM A C3C 1 
HETATM 1603 C  C4C . HEM B 2 .   ? -4.832  -1.570  0.347   1.00 36.74 ? 300 HEM A C4C 1 
HETATM 1604 C  CMC . HEM B 2 .   ? -2.226  -4.056  -0.788  1.00 34.76 ? 300 HEM A CMC 1 
HETATM 1605 C  CAC . HEM B 2 .   ? -3.087  -1.053  -1.404  1.00 36.18 ? 300 HEM A CAC 1 
HETATM 1606 C  CBC . HEM B 2 .   ? -1.920  -1.263  -2.245  1.00 35.94 ? 300 HEM A CBC 1 
HETATM 1607 C  C1D . HEM B 2 .   ? -6.220  0.089   1.583   1.00 37.61 ? 300 HEM A C1D 1 
HETATM 1608 C  C2D . HEM B 2 .   ? -6.679  1.443   1.818   1.00 38.61 ? 300 HEM A C2D 1 
HETATM 1609 C  C3D . HEM B 2 .   ? -7.443  1.383   2.957   1.00 38.96 ? 300 HEM A C3D 1 
HETATM 1610 C  C4D . HEM B 2 .   ? -7.546  -0.010  3.369   1.00 38.64 ? 300 HEM A C4D 1 
HETATM 1611 C  CMD . HEM B 2 .   ? -6.335  2.672   0.999   1.00 35.87 ? 300 HEM A CMD 1 
HETATM 1612 C  CAD . HEM B 2 .   ? -8.059  2.601   3.608   1.00 40.05 ? 300 HEM A CAD 1 
HETATM 1613 C  CBD . HEM B 2 .   ? -9.564  2.591   3.389   1.00 41.01 ? 300 HEM A CBD 1 
HETATM 1614 C  CGD . HEM B 2 .   ? -10.246 3.769   4.041   1.00 41.78 ? 300 HEM A CGD 1 
HETATM 1615 O  O1D . HEM B 2 .   ? -10.356 4.830   3.379   1.00 41.14 ? 300 HEM A O1D 1 
HETATM 1616 O  O2D . HEM B 2 .   ? -10.652 3.627   5.216   1.00 41.51 ? 300 HEM A O2D 1 
HETATM 1617 N  NA  . HEM B 2 .   ? -8.077  -2.878  3.904   1.00 38.95 ? 300 HEM A NA  1 
HETATM 1618 N  NB  . HEM B 2 .   ? -6.521  -4.730  2.487   1.00 37.49 ? 300 HEM A NB  1 
HETATM 1619 N  NC  . HEM B 2 .   ? -5.277  -2.675  1.056   1.00 36.81 ? 300 HEM A NC  1 
HETATM 1620 N  ND  . HEM B 2 .   ? -6.838  -0.800  2.472   1.00 37.90 ? 300 HEM A ND  1 
HETATM 1621 FE FE  . HEM B 2 .   ? -6.855  -2.778  2.307   1.00 38.22 ? 300 HEM A FE  1 
HETATM 1622 O  O   . HOH C 3 .   ? -9.096  -9.673  -8.306  1.00 21.09 ? 301 HOH A O   1 
HETATM 1623 O  O   . HOH C 3 .   ? -1.073  -6.577  -15.580 1.00 30.79 ? 302 HOH A O   1 
HETATM 1624 O  O   . HOH C 3 .   ? 0.782   -18.155 -6.043  1.00 29.46 ? 303 HOH A O   1 
HETATM 1625 O  O   . HOH C 3 .   ? -9.704  2.504   -0.938  1.00 28.92 ? 304 HOH A O   1 
HETATM 1626 O  O   . HOH C 3 .   ? -15.619 1.723   -5.793  1.00 41.42 ? 305 HOH A O   1 
HETATM 1627 O  O   . HOH C 3 .   ? -2.648  4.530   8.162   1.00 36.32 ? 306 HOH A O   1 
HETATM 1628 O  O   . HOH C 3 .   ? -1.770  -17.611 2.023   1.00 32.25 ? 307 HOH A O   1 
HETATM 1629 O  O   . HOH C 3 .   ? -14.178 -5.673  -6.734  1.00 34.70 ? 308 HOH A O   1 
HETATM 1630 O  O   . HOH C 3 .   ? 15.786  -16.333 1.715   1.00 41.43 ? 309 HOH A O   1 
HETATM 1631 O  O   . HOH C 3 .   ? 2.116   -21.799 10.028  1.00 42.14 ? 310 HOH A O   1 
HETATM 1632 O  O   . HOH C 3 .   ? -3.611  -3.340  -12.897 1.00 33.84 ? 311 HOH A O   1 
HETATM 1633 O  O   . HOH C 3 .   ? -1.138  2.565   -12.566 1.00 38.89 ? 312 HOH A O   1 
HETATM 1634 O  O   . HOH C 3 .   ? 13.762  -4.225  -1.147  1.00 37.98 ? 313 HOH A O   1 
HETATM 1635 O  O   . HOH C 3 .   ? 2.977   3.299   3.483   1.00 35.94 ? 314 HOH A O   1 
HETATM 1636 O  O   . HOH C 3 .   ? 4.518   6.784   -7.853  1.00 30.18 ? 315 HOH A O   1 
HETATM 1637 O  O   . HOH C 3 .   ? 7.716   4.294   0.963   1.00 34.14 ? 316 HOH A O   1 
HETATM 1638 O  O   . HOH C 3 .   ? 5.704   3.438   2.506   1.00 33.44 ? 317 HOH A O   1 
HETATM 1639 O  O   . HOH C 3 .   ? 1.074   -2.253  0.604   1.00 42.64 ? 318 HOH A O   1 
HETATM 1640 O  O   . HOH C 3 .   ? 12.040  -1.657  -6.783  1.00 44.15 ? 319 HOH A O   1 
HETATM 1641 O  O   . HOH C 3 .   ? -11.807 -13.582 -12.677 1.00 37.43 ? 320 HOH A O   1 
HETATM 1642 O  O   . HOH C 3 .   ? 13.771  0.114   -8.016  1.00 44.15 ? 321 HOH A O   1 
HETATM 1643 O  O   . HOH C 3 .   ? 15.723  -1.324  5.851   1.00 37.10 ? 322 HOH A O   1 
HETATM 1644 O  O   . HOH C 3 .   ? 13.701  0.340   -11.648 1.00 52.78 ? 323 HOH A O   1 
HETATM 1645 O  O   . HOH C 3 .   ? 10.069  1.570   7.192   1.00 44.77 ? 324 HOH A O   1 
HETATM 1646 O  O   . HOH C 3 .   ? -12.056 -9.677  -7.381  1.00 39.58 ? 325 HOH A O   1 
HETATM 1647 O  O   . HOH C 3 .   ? 5.256   8.095   -13.080 1.00 39.51 ? 326 HOH A O   1 
HETATM 1648 O  O   . HOH C 3 .   ? -9.712  -3.371  -11.224 1.00 38.82 ? 327 HOH A O   1 
HETATM 1649 O  O   . HOH C 3 .   ? -2.921  -3.816  3.680   1.00 42.72 ? 328 HOH A O   1 
HETATM 1650 O  O   . HOH C 3 .   ? -0.561  -17.867 7.449   1.00 40.52 ? 329 HOH A O   1 
HETATM 1651 O  O   . HOH C 3 .   ? -11.618 -5.799  2.021   1.00 44.61 ? 330 HOH A O   1 
HETATM 1652 O  O   . HOH C 3 .   ? 16.403  0.013   3.562   1.00 42.34 ? 331 HOH A O   1 
HETATM 1653 O  O   . HOH C 3 .   ? -11.230 7.004   4.396   1.00 47.10 ? 332 HOH A O   1 
HETATM 1654 O  O   . HOH C 3 .   ? -7.782  1.128   -10.977 1.00 41.27 ? 333 HOH A O   1 
HETATM 1655 O  O   . HOH C 3 .   ? -9.185  -11.450 3.088   1.00 39.38 ? 334 HOH A O   1 
HETATM 1656 O  O   . HOH C 3 .   ? -10.419 -11.987 -0.297  1.00 42.66 ? 335 HOH A O   1 
HETATM 1657 O  O   . HOH C 3 .   ? 10.715  3.501   4.757   1.00 42.20 ? 336 HOH A O   1 
HETATM 1658 O  O   . HOH C 3 .   ? 8.953   -13.479 -7.944  1.00 40.10 ? 337 HOH A O   1 
HETATM 1659 O  O   . HOH C 3 .   ? -3.663  -11.022 -20.293 1.00 41.04 ? 338 HOH A O   1 
HETATM 1660 O  O   . HOH C 3 .   ? -8.664  -7.180  -15.069 1.00 47.09 ? 339 HOH A O   1 
HETATM 1661 O  O   . HOH C 3 .   ? 2.715   -18.541 -11.839 1.00 48.22 ? 340 HOH A O   1 
HETATM 1662 O  O   . HOH C 3 .   ? 9.706   6.670   -5.213  1.00 43.82 ? 341 HOH A O   1 
HETATM 1663 O  O   . HOH C 3 .   ? -6.232  -11.286 -18.317 1.00 48.18 ? 342 HOH A O   1 
HETATM 1664 O  O   . HOH C 3 .   ? -8.664  17.806  0.757   1.00 38.98 ? 343 HOH A O   1 
HETATM 1665 O  O   . HOH C 3 .   ? -3.299  -20.101 -5.084  1.00 45.15 ? 344 HOH A O   1 
HETATM 1666 O  O   . HOH C 3 .   ? -16.799 6.480   1.932   1.00 36.00 ? 345 HOH A O   1 
HETATM 1667 O  O   . HOH C 3 .   ? -13.172 1.168   -6.985  1.00 45.51 ? 346 HOH A O   1 
HETATM 1668 O  O   . HOH C 3 .   ? -16.376 -10.222 -5.706  1.00 49.33 ? 347 HOH A O   1 
HETATM 1669 O  O   . HOH C 3 .   ? -13.516 -5.335  -10.265 1.00 42.62 ? 348 HOH A O   1 
HETATM 1670 O  O   . HOH C 3 .   ? -10.171 -9.803  5.376   1.00 36.52 ? 349 HOH A O   1 
HETATM 1671 O  O   . HOH C 3 .   ? -12.975 -11.895 5.577   1.00 44.66 ? 350 HOH A O   1 
HETATM 1672 O  O   . HOH C 3 .   ? -12.758 -7.222  4.175   1.00 50.05 ? 351 HOH A O   1 
HETATM 1673 O  O   . HOH C 3 .   ? 10.388  -11.830 -8.789  1.00 47.88 ? 352 HOH A O   1 
HETATM 1674 O  O   . HOH C 3 .   ? 15.992  -0.329  8.229   1.00 44.41 ? 353 HOH A O   1 
HETATM 1675 O  O   . HOH C 3 .   ? 13.420  -2.272  9.849   1.00 49.03 ? 354 HOH A O   1 
HETATM 1676 O  O   . HOH C 3 .   ? -12.287 -1.291  5.763   1.00 43.79 ? 355 HOH A O   1 
HETATM 1677 O  O   . HOH C 3 .   ? 3.491   0.513   9.998   1.00 50.85 ? 356 HOH A O   1 
HETATM 1678 O  O   . HOH C 3 .   ? -7.271  -2.293  10.698  1.00 43.56 ? 357 HOH A O   1 
HETATM 1679 O  O   . HOH C 3 .   ? -7.187  -5.918  7.793   1.00 50.36 ? 358 HOH A O   1 
HETATM 1680 O  O   . HOH C 3 .   ? -3.317  -18.102 6.784   1.00 33.26 ? 359 HOH A O   1 
HETATM 1681 O  O   . HOH C 3 .   ? -0.100  8.811   14.399  1.00 44.02 ? 360 HOH A O   1 
HETATM 1682 O  O   . HOH C 3 .   ? -13.366 12.089  6.114   1.00 45.55 ? 361 HOH A O   1 
HETATM 1683 O  O   . HOH C 3 .   ? -0.312  -0.101  -13.651 1.00 37.08 ? 362 HOH A O   1 
# 
loop_
_pdbx_poly_seq_scheme.asym_id 
_pdbx_poly_seq_scheme.entity_id 
_pdbx_poly_seq_scheme.seq_id 
_pdbx_poly_seq_scheme.mon_id 
_pdbx_poly_seq_scheme.ndb_seq_num 
_pdbx_poly_seq_scheme.pdb_seq_num 
_pdbx_poly_seq_scheme.auth_seq_num 
_pdbx_poly_seq_scheme.pdb_mon_id 
_pdbx_poly_seq_scheme.auth_mon_id 
_pdbx_poly_seq_scheme.pdb_strand_id 
_pdbx_poly_seq_scheme.pdb_ins_code 
_pdbx_poly_seq_scheme.hetero 
A 1 1   MET 1   1   ?   ?   ?   A . n 
A 1 2   SER 2   2   ?   ?   ?   A . n 
A 1 3   GLU 3   3   ?   ?   ?   A . n 
A 1 4   THR 4   4   ?   ?   ?   A . n 
A 1 5   GLU 5   5   ?   ?   ?   A . n 
A 1 6   ASN 6   6   ?   ?   ?   A . n 
A 1 7   GLN 7   7   ?   ?   ?   A . n 
A 1 8   ALA 8   8   8   ALA ALA A . n 
A 1 9   LEU 9   9   9   LEU LEU A . n 
A 1 10  THR 10  10  10  THR THR A . n 
A 1 11  PHE 11  11  11  PHE PHE A . n 
A 1 12  ALA 12  12  12  ALA ALA A . n 
A 1 13  LYS 13  13  13  LYS LYS A . n 
A 1 14  ARG 14  14  14  ARG ARG A . n 
A 1 15  LEU 15  15  15  LEU LEU A . n 
A 1 16  LYS 16  16  16  LYS LYS A . n 
A 1 17  ALA 17  17  17  ALA ALA A . n 
A 1 18  ASP 18  18  18  ASP ASP A . n 
A 1 19  THR 19  19  19  THR THR A . n 
A 1 20  THR 20  20  20  THR THR A . n 
A 1 21  ALA 21  21  21  ALA ALA A . n 
A 1 22  VAL 22  22  22  VAL VAL A . n 
A 1 23  HIS 23  23  23  HIS HIS A . n 
A 1 24  ASP 24  24  24  ASP ASP A . n 
A 1 25  SER 25  25  25  SER SER A . n 
A 1 26  VAL 26  26  26  VAL VAL A . n 
A 1 27  ASP 27  27  27  ASP ASP A . n 
A 1 28  ASN 28  28  28  ASN ASN A . n 
A 1 29  LEU 29  29  29  LEU LEU A . n 
A 1 30  VAL 30  30  30  VAL VAL A . n 
A 1 31  MET 31  31  31  MET MET A . n 
A 1 32  SER 32  32  32  SER SER A . n 
A 1 33  VAL 33  33  33  VAL VAL A . n 
A 1 34  GLN 34  34  34  GLN GLN A . n 
A 1 35  PRO 35  35  35  PRO PRO A . n 
A 1 36  PHE 36  36  36  PHE PHE A . n 
A 1 37  VAL 37  37  37  VAL VAL A . n 
A 1 38  SER 38  38  38  SER SER A . n 
A 1 39  LYS 39  39  39  LYS LYS A . n 
A 1 40  GLU 40  40  40  GLU GLU A . n 
A 1 41  ASN 41  41  41  ASN ASN A . n 
A 1 42  TYR 42  42  42  TYR TYR A . n 
A 1 43  ILE 43  43  43  ILE ILE A . n 
A 1 44  LYS 44  44  44  LYS LYS A . n 
A 1 45  PHE 45  45  45  PHE PHE A . n 
A 1 46  LEU 46  46  46  LEU LEU A . n 
A 1 47  LYS 47  47  47  LYS LYS A . n 
A 1 48  LEU 48  48  48  LEU LEU A . n 
A 1 49  GLN 49  49  49  GLN GLN A . n 
A 1 50  SER 50  50  50  SER SER A . n 
A 1 51  VAL 51  51  51  VAL VAL A . n 
A 1 52  PHE 52  52  52  PHE PHE A . n 
A 1 53  HIS 53  53  53  HIS HIS A . n 
A 1 54  LYS 54  54  54  LYS LYS A . n 
A 1 55  ALA 55  55  55  ALA ALA A . n 
A 1 56  VAL 56  56  56  VAL VAL A . n 
A 1 57  ASP 57  57  57  ASP ASP A . n 
A 1 58  HIS 58  58  58  HIS HIS A . n 
A 1 59  ILE 59  59  59  ILE ILE A . n 
A 1 60  TYR 60  60  60  TYR TYR A . n 
A 1 61  LYS 61  61  61  LYS LYS A . n 
A 1 62  ASP 62  62  62  ASP ASP A . n 
A 1 63  ALA 63  63  63  ALA ALA A . n 
A 1 64  GLU 64  64  64  GLU GLU A . n 
A 1 65  LEU 65  65  65  LEU LEU A . n 
A 1 66  ASN 66  66  66  ASN ASN A . n 
A 1 67  LYS 67  67  67  LYS LYS A . n 
A 1 68  ALA 68  68  68  ALA ALA A . n 
A 1 69  ILE 69  69  69  ILE ILE A . n 
A 1 70  PRO 70  70  70  PRO PRO A . n 
A 1 71  GLU 71  71  71  GLU GLU A . n 
A 1 72  LEU 72  72  72  LEU LEU A . n 
A 1 73  GLU 73  73  73  GLU GLU A . n 
A 1 74  TYR 74  74  74  TYR TYR A . n 
A 1 75  MET 75  75  75  MET MET A . n 
A 1 76  ALA 76  76  76  ALA ALA A . n 
A 1 77  ARG 77  77  77  ARG ARG A . n 
A 1 78  TYR 78  78  78  TYR TYR A . n 
A 1 79  ASP 79  79  79  ASP ASP A . n 
A 1 80  ALA 80  80  80  ALA ALA A . n 
A 1 81  VAL 81  81  81  VAL VAL A . n 
A 1 82  THR 82  82  82  THR THR A . n 
A 1 83  GLN 83  83  83  GLN GLN A . n 
A 1 84  ASP 84  84  84  ASP ASP A . n 
A 1 85  LEU 85  85  85  LEU LEU A . n 
A 1 86  LYS 86  86  86  LYS LYS A . n 
A 1 87  ASP 87  87  87  ASP ASP A . n 
A 1 88  LEU 88  88  88  LEU LEU A . n 
A 1 89  GLY 89  89  89  GLY GLY A . n 
A 1 90  GLU 90  90  90  GLU GLU A . n 
A 1 91  GLU 91  91  91  GLU GLU A . n 
A 1 92  PRO 92  92  92  PRO PRO A . n 
A 1 93  TYR 93  93  93  TYR TYR A . n 
A 1 94  LYS 94  94  94  LYS LYS A . n 
A 1 95  PHE 95  95  95  PHE PHE A . n 
A 1 96  ASP 96  96  96  ASP ASP A . n 
A 1 97  LYS 97  97  97  LYS LYS A . n 
A 1 98  GLU 98  98  98  GLU GLU A . n 
A 1 99  LEU 99  99  99  LEU LEU A . n 
A 1 100 PRO 100 100 100 PRO PRO A . n 
A 1 101 TYR 101 101 101 TYR TYR A . n 
A 1 102 GLU 102 102 102 GLU GLU A . n 
A 1 103 ALA 103 103 103 ALA ALA A . n 
A 1 104 GLY 104 104 104 GLY GLY A . n 
A 1 105 ASN 105 105 105 ASN ASN A . n 
A 1 106 LYS 106 106 106 LYS LYS A . n 
A 1 107 ALA 107 107 107 ALA ALA A . n 
A 1 108 ILE 108 108 108 ILE ILE A . n 
A 1 109 GLY 109 109 109 GLY GLY A . n 
A 1 110 TRP 110 110 110 TRP TRP A . n 
A 1 111 LEU 111 111 111 LEU LEU A . n 
A 1 112 TYR 112 112 112 TYR TYR A . n 
A 1 113 CYS 113 113 113 CYS CYS A . n 
A 1 114 ALA 114 114 114 ALA ALA A . n 
A 1 115 GLU 115 115 115 GLU GLU A . n 
A 1 116 GLY 116 116 116 GLY GLY A . n 
A 1 117 SER 117 117 117 SER SER A . n 
A 1 118 ASN 118 118 118 ASN ASN A . n 
A 1 119 LEU 119 119 119 LEU LEU A . n 
A 1 120 GLY 120 120 120 GLY GLY A . n 
A 1 121 ALA 121 121 121 ALA ALA A . n 
A 1 122 ALA 122 122 122 ALA ALA A . n 
A 1 123 PHE 123 123 123 PHE PHE A . n 
A 1 124 LEU 124 124 124 LEU LEU A . n 
A 1 125 PHE 125 125 125 PHE PHE A . n 
A 1 126 LYS 126 126 126 LYS LYS A . n 
A 1 127 HIS 127 127 127 HIS HIS A . n 
A 1 128 ALA 128 128 128 ALA ALA A . n 
A 1 129 GLN 129 129 129 GLN GLN A . n 
A 1 130 LYS 130 130 130 LYS LYS A . n 
A 1 131 LEU 131 131 131 LEU LEU A . n 
A 1 132 ASP 132 132 132 ASP ASP A . n 
A 1 133 TYR 133 133 133 TYR TYR A . n 
A 1 134 ASN 134 134 134 ASN ASN A . n 
A 1 135 GLY 135 135 135 GLY GLY A . n 
A 1 136 GLU 136 136 136 GLU GLU A . n 
A 1 137 HIS 137 137 137 HIS HIS A . n 
A 1 138 GLY 138 138 138 GLY GLY A . n 
A 1 139 ALA 139 139 139 ALA ALA A . n 
A 1 140 ARG 140 140 140 ARG ARG A . n 
A 1 141 HIS 141 141 141 HIS HIS A . n 
A 1 142 LEU 142 142 142 LEU LEU A . n 
A 1 143 ALA 143 143 143 ALA ALA A . n 
A 1 144 PRO 144 144 144 PRO PRO A . n 
A 1 145 HIS 145 145 145 HIS HIS A . n 
A 1 146 PRO 146 146 146 PRO PRO A . n 
A 1 147 ASP 147 147 147 ASP ASP A . n 
A 1 148 GLY 148 148 148 GLY GLY A . n 
A 1 149 ARG 149 149 149 ARG ARG A . n 
A 1 150 GLY 150 150 150 GLY GLY A . n 
A 1 151 LYS 151 151 151 LYS LYS A . n 
A 1 152 HIS 152 152 152 HIS HIS A . n 
A 1 153 TRP 153 153 153 TRP TRP A . n 
A 1 154 ARG 154 154 154 ARG ARG A . n 
A 1 155 ALA 155 155 155 ALA ALA A . n 
A 1 156 PHE 156 156 156 PHE PHE A . n 
A 1 157 VAL 157 157 157 VAL VAL A . n 
A 1 158 GLU 158 158 158 GLU GLU A . n 
A 1 159 HIS 159 159 159 HIS HIS A . n 
A 1 160 LEU 160 160 160 LEU LEU A . n 
A 1 161 ASN 161 161 161 ASN ASN A . n 
A 1 162 ALA 162 162 162 ALA ALA A . n 
A 1 163 LEU 163 163 163 LEU LEU A . n 
A 1 164 ASN 164 164 164 ASN ASN A . n 
A 1 165 LEU 165 165 165 LEU LEU A . n 
A 1 166 THR 166 166 166 THR THR A . n 
A 1 167 PRO 167 167 167 PRO PRO A . n 
A 1 168 GLU 168 168 168 GLU GLU A . n 
A 1 169 ALA 169 169 169 ALA ALA A . n 
A 1 170 GLU 170 170 170 GLU GLU A . n 
A 1 171 ALA 171 171 171 ALA ALA A . n 
A 1 172 GLU 172 172 172 GLU GLU A . n 
A 1 173 ALA 173 173 173 ALA ALA A . n 
A 1 174 ILE 174 174 174 ILE ILE A . n 
A 1 175 GLN 175 175 175 GLN GLN A . n 
A 1 176 GLY 176 176 176 GLY GLY A . n 
A 1 177 ALA 177 177 177 ALA ALA A . n 
A 1 178 ARG 178 178 178 ARG ARG A . n 
A 1 179 GLU 179 179 179 GLU GLU A . n 
A 1 180 ALA 180 180 180 ALA ALA A . n 
A 1 181 PHE 181 181 181 PHE PHE A . n 
A 1 182 ALA 182 182 182 ALA ALA A . n 
A 1 183 PHE 183 183 183 PHE PHE A . n 
A 1 184 TYR 184 184 184 TYR TYR A . n 
A 1 185 LYS 185 185 185 LYS LYS A . n 
A 1 186 VAL 186 186 186 VAL VAL A . n 
A 1 187 VAL 187 187 187 VAL VAL A . n 
A 1 188 LEU 188 188 188 LEU LEU A . n 
A 1 189 ARG 189 189 189 ARG ARG A . n 
A 1 190 GLU 190 190 190 GLU GLU A . n 
A 1 191 THR 191 191 191 THR THR A . n 
A 1 192 PHE 192 192 192 PHE PHE A . n 
A 1 193 GLY 193 193 193 GLY GLY A . n 
A 1 194 LEU 194 194 194 LEU LEU A . n 
A 1 195 ALA 195 195 195 ALA ALA A . n 
A 1 196 ALA 196 196 196 ALA ALA A . n 
A 1 197 ASP 197 197 197 ASP ASP A . n 
A 1 198 ALA 198 198 198 ALA ALA A . n 
A 1 199 GLU 199 199 199 GLU GLU A . n 
A 1 200 ALA 200 200 200 ALA ALA A . n 
A 1 201 PRO 201 201 201 PRO PRO A . n 
A 1 202 GLU 202 202 202 GLU GLU A . n 
A 1 203 GLY 203 203 203 GLY GLY A . n 
A 1 204 MET 204 204 204 MET MET A . n 
A 1 205 MET 205 205 205 MET MET A . n 
A 1 206 PRO 206 206 206 PRO PRO A . n 
A 1 207 HIS 207 207 ?   ?   ?   A . n 
A 1 208 ARG 208 208 ?   ?   ?   A . n 
A 1 209 HIS 209 209 ?   ?   ?   A . n 
# 
loop_
_pdbx_nonpoly_scheme.asym_id 
_pdbx_nonpoly_scheme.entity_id 
_pdbx_nonpoly_scheme.mon_id 
_pdbx_nonpoly_scheme.ndb_seq_num 
_pdbx_nonpoly_scheme.pdb_seq_num 
_pdbx_nonpoly_scheme.auth_seq_num 
_pdbx_nonpoly_scheme.pdb_mon_id 
_pdbx_nonpoly_scheme.auth_mon_id 
_pdbx_nonpoly_scheme.pdb_strand_id 
_pdbx_nonpoly_scheme.pdb_ins_code 
B 2 HEM 1  300 300 HEM HEM A . 
C 3 HOH 1  301 1   HOH HOH A . 
C 3 HOH 2  302 2   HOH HOH A . 
C 3 HOH 3  303 3   HOH HOH A . 
C 3 HOH 4  304 4   HOH HOH A . 
C 3 HOH 5  305 5   HOH HOH A . 
C 3 HOH 6  306 6   HOH HOH A . 
C 3 HOH 7  307 7   HOH HOH A . 
C 3 HOH 8  308 8   HOH HOH A . 
C 3 HOH 9  309 9   HOH HOH A . 
C 3 HOH 10 310 10  HOH HOH A . 
C 3 HOH 11 311 11  HOH HOH A . 
C 3 HOH 12 312 12  HOH HOH A . 
C 3 HOH 13 313 13  HOH HOH A . 
C 3 HOH 14 314 14  HOH HOH A . 
C 3 HOH 15 315 15  HOH HOH A . 
C 3 HOH 16 316 16  HOH HOH A . 
C 3 HOH 17 317 17  HOH HOH A . 
C 3 HOH 18 318 18  HOH HOH A . 
C 3 HOH 19 319 19  HOH HOH A . 
C 3 HOH 20 320 20  HOH HOH A . 
C 3 HOH 21 321 21  HOH HOH A . 
C 3 HOH 22 322 22  HOH HOH A . 
C 3 HOH 23 323 23  HOH HOH A . 
C 3 HOH 24 324 24  HOH HOH A . 
C 3 HOH 25 325 25  HOH HOH A . 
C 3 HOH 26 326 26  HOH HOH A . 
C 3 HOH 27 327 27  HOH HOH A . 
C 3 HOH 28 328 28  HOH HOH A . 
C 3 HOH 29 329 29  HOH HOH A . 
C 3 HOH 30 330 30  HOH HOH A . 
C 3 HOH 31 331 31  HOH HOH A . 
C 3 HOH 32 332 32  HOH HOH A . 
C 3 HOH 33 333 33  HOH HOH A . 
C 3 HOH 34 334 34  HOH HOH A . 
C 3 HOH 35 335 35  HOH HOH A . 
C 3 HOH 36 336 36  HOH HOH A . 
C 3 HOH 37 337 37  HOH HOH A . 
C 3 HOH 38 338 38  HOH HOH A . 
C 3 HOH 39 339 39  HOH HOH A . 
C 3 HOH 40 340 40  HOH HOH A . 
C 3 HOH 41 341 41  HOH HOH A . 
C 3 HOH 42 342 42  HOH HOH A . 
C 3 HOH 43 343 43  HOH HOH A . 
C 3 HOH 44 344 44  HOH HOH A . 
C 3 HOH 45 345 45  HOH HOH A . 
C 3 HOH 46 346 46  HOH HOH A . 
C 3 HOH 47 347 47  HOH HOH A . 
C 3 HOH 48 348 48  HOH HOH A . 
C 3 HOH 49 349 49  HOH HOH A . 
C 3 HOH 50 350 50  HOH HOH A . 
C 3 HOH 51 351 51  HOH HOH A . 
C 3 HOH 52 352 52  HOH HOH A . 
C 3 HOH 53 353 53  HOH HOH A . 
C 3 HOH 54 354 54  HOH HOH A . 
C 3 HOH 55 355 55  HOH HOH A . 
C 3 HOH 56 356 56  HOH HOH A . 
C 3 HOH 57 357 57  HOH HOH A . 
C 3 HOH 58 358 58  HOH HOH A . 
C 3 HOH 59 359 59  HOH HOH A . 
C 3 HOH 60 360 60  HOH HOH A . 
C 3 HOH 61 361 61  HOH HOH A . 
C 3 HOH 62 362 62  HOH HOH A . 
# 
_pdbx_struct_assembly.id                   1 
_pdbx_struct_assembly.details              author_defined_assembly 
_pdbx_struct_assembly.method_details       ? 
_pdbx_struct_assembly.oligomeric_details   monomeric 
_pdbx_struct_assembly.oligomeric_count     1 
# 
_pdbx_struct_assembly_gen.assembly_id       1 
_pdbx_struct_assembly_gen.oper_expression   1 
_pdbx_struct_assembly_gen.asym_id_list      A,B,C 
# 
_pdbx_struct_oper_list.id                   1 
_pdbx_struct_oper_list.type                 'identity operation' 
_pdbx_struct_oper_list.name                 1_555 
_pdbx_struct_oper_list.symmetry_operation   x,y,z 
_pdbx_struct_oper_list.matrix[1][1]         1.0000000000 
_pdbx_struct_oper_list.matrix[1][2]         0.0000000000 
_pdbx_struct_oper_list.matrix[1][3]         0.0000000000 
_pdbx_struct_oper_list.vector[1]            0.0000000000 
_pdbx_struct_oper_list.matrix[2][1]         0.0000000000 
_pdbx_struct_oper_list.matrix[2][2]         1.0000000000 
_pdbx_struct_oper_list.matrix[2][3]         0.0000000000 
_pdbx_struct_oper_list.vector[2]            0.0000000000 
_pdbx_struct_oper_list.matrix[3][1]         0.0000000000 
_pdbx_struct_oper_list.matrix[3][2]         0.0000000000 
_pdbx_struct_oper_list.matrix[3][3]         1.0000000000 
_pdbx_struct_oper_list.vector[3]            0.0000000000 
# 
loop_
_pdbx_struct_conn_angle.id 
_pdbx_struct_conn_angle.ptnr1_label_atom_id 
_pdbx_struct_conn_angle.ptnr1_label_alt_id 
_pdbx_struct_conn_angle.ptnr1_label_asym_id 
_pdbx_struct_conn_angle.ptnr1_label_comp_id 
_pdbx_struct_conn_angle.ptnr1_label_seq_id 
_pdbx_struct_conn_angle.ptnr1_auth_atom_id 
_pdbx_struct_conn_angle.ptnr1_auth_asym_id 
_pdbx_struct_conn_angle.ptnr1_auth_comp_id 
_pdbx_struct_conn_angle.ptnr1_auth_seq_id 
_pdbx_struct_conn_angle.ptnr1_PDB_ins_code 
_pdbx_struct_conn_angle.ptnr1_symmetry 
_pdbx_struct_conn_angle.ptnr2_label_atom_id 
_pdbx_struct_conn_angle.ptnr2_label_alt_id 
_pdbx_struct_conn_angle.ptnr2_label_asym_id 
_pdbx_struct_conn_angle.ptnr2_label_comp_id 
_pdbx_struct_conn_angle.ptnr2_label_seq_id 
_pdbx_struct_conn_angle.ptnr2_auth_atom_id 
_pdbx_struct_conn_angle.ptnr2_auth_asym_id 
_pdbx_struct_conn_angle.ptnr2_auth_comp_id 
_pdbx_struct_conn_angle.ptnr2_auth_seq_id 
_pdbx_struct_conn_angle.ptnr2_PDB_ins_code 
_pdbx_struct_conn_angle.ptnr2_symmetry 
_pdbx_struct_conn_angle.ptnr3_label_atom_id 
_pdbx_struct_conn_angle.ptnr3_label_alt_id 
_pdbx_struct_conn_angle.ptnr3_label_asym_id 
_pdbx_struct_conn_angle.ptnr3_label_comp_id 
_pdbx_struct_conn_angle.ptnr3_label_seq_id 
_pdbx_struct_conn_angle.ptnr3_auth_atom_id 
_pdbx_struct_conn_angle.ptnr3_auth_asym_id 
_pdbx_struct_conn_angle.ptnr3_auth_comp_id 
_pdbx_struct_conn_angle.ptnr3_auth_seq_id 
_pdbx_struct_conn_angle.ptnr3_PDB_ins_code 
_pdbx_struct_conn_angle.ptnr3_symmetry 
_pdbx_struct_conn_angle.value 
_pdbx_struct_conn_angle.value_esd 
1  NE2 ? A HIS 23 ? A HIS 23  ? 1_555 FE ? B HEM . ? A HEM 300 ? 1_555 NA ? B HEM . ? A HEM 300 ? 1_555 97.2  ? 
2  NE2 ? A HIS 23 ? A HIS 23  ? 1_555 FE ? B HEM . ? A HEM 300 ? 1_555 NB ? B HEM . ? A HEM 300 ? 1_555 107.5 ? 
3  NA  ? B HEM .  ? A HEM 300 ? 1_555 FE ? B HEM . ? A HEM 300 ? 1_555 NB ? B HEM . ? A HEM 300 ? 1_555 88.9  ? 
4  NE2 ? A HIS 23 ? A HIS 23  ? 1_555 FE ? B HEM . ? A HEM 300 ? 1_555 NC ? B HEM . ? A HEM 300 ? 1_555 96.9  ? 
5  NA  ? B HEM .  ? A HEM 300 ? 1_555 FE ? B HEM . ? A HEM 300 ? 1_555 NC ? B HEM . ? A HEM 300 ? 1_555 165.8 ? 
6  NB  ? B HEM .  ? A HEM 300 ? 1_555 FE ? B HEM . ? A HEM 300 ? 1_555 NC ? B HEM . ? A HEM 300 ? 1_555 88.6  ? 
7  NE2 ? A HIS 23 ? A HIS 23  ? 1_555 FE ? B HEM . ? A HEM 300 ? 1_555 ND ? B HEM . ? A HEM 300 ? 1_555 86.8  ? 
8  NA  ? B HEM .  ? A HEM 300 ? 1_555 FE ? B HEM . ? A HEM 300 ? 1_555 ND ? B HEM . ? A HEM 300 ? 1_555 89.3  ? 
9  NB  ? B HEM .  ? A HEM 300 ? 1_555 FE ? B HEM . ? A HEM 300 ? 1_555 ND ? B HEM . ? A HEM 300 ? 1_555 165.7 ? 
10 NC  ? B HEM .  ? A HEM 300 ? 1_555 FE ? B HEM . ? A HEM 300 ? 1_555 ND ? B HEM . ? A HEM 300 ? 1_555 89.6  ? 
# 
loop_
_pdbx_audit_revision_history.ordinal 
_pdbx_audit_revision_history.data_content_type 
_pdbx_audit_revision_history.major_revision 
_pdbx_audit_revision_history.minor_revision 
_pdbx_audit_revision_history.revision_date 
1 'Structure model' 1 0 2003-12-09 
2 'Structure model' 1 1 2008-04-29 
3 'Structure model' 1 2 2011-07-13 
4 'Structure model' 1 3 2023-08-16 
# 
_pdbx_audit_revision_details.ordinal             1 
_pdbx_audit_revision_details.revision_ordinal    1 
_pdbx_audit_revision_details.data_content_type   'Structure model' 
_pdbx_audit_revision_details.provider            repository 
_pdbx_audit_revision_details.type                'Initial release' 
_pdbx_audit_revision_details.description         ? 
_pdbx_audit_revision_details.details             ? 
# 
loop_
_pdbx_audit_revision_group.ordinal 
_pdbx_audit_revision_group.revision_ordinal 
_pdbx_audit_revision_group.data_content_type 
_pdbx_audit_revision_group.group 
1 2 'Structure model' 'Version format compliance' 
2 3 'Structure model' 'Version format compliance' 
3 4 'Structure model' 'Data collection'           
4 4 'Structure model' 'Database references'       
5 4 'Structure model' 'Derived calculations'      
6 4 'Structure model' 'Refinement description'    
# 
loop_
_pdbx_audit_revision_category.ordinal 
_pdbx_audit_revision_category.revision_ordinal 
_pdbx_audit_revision_category.data_content_type 
_pdbx_audit_revision_category.category 
1 4 'Structure model' chem_comp_atom                
2 4 'Structure model' chem_comp_bond                
3 4 'Structure model' database_2                    
4 4 'Structure model' pdbx_initial_refinement_model 
5 4 'Structure model' struct_site                   
# 
loop_
_pdbx_audit_revision_item.ordinal 
_pdbx_audit_revision_item.revision_ordinal 
_pdbx_audit_revision_item.data_content_type 
_pdbx_audit_revision_item.item 
1 4 'Structure model' '_database_2.pdbx_DOI'                
2 4 'Structure model' '_database_2.pdbx_database_accession' 
3 4 'Structure model' '_struct_site.pdbx_auth_asym_id'      
4 4 'Structure model' '_struct_site.pdbx_auth_comp_id'      
5 4 'Structure model' '_struct_site.pdbx_auth_seq_id'       
# 
loop_
_software.name 
_software.classification 
_software.version 
_software.citation_id 
_software.pdbx_ordinal 
HKL-2000  'data collection' . ? 1 
SCALEPACK 'data scaling'    . ? 2 
CNS       refinement        . ? 3 
HKL-2000  'data reduction'  . ? 4 
CNS       phasing           . ? 5 
# 
loop_
_pdbx_validate_torsion.id 
_pdbx_validate_torsion.PDB_model_num 
_pdbx_validate_torsion.auth_comp_id 
_pdbx_validate_torsion.auth_asym_id 
_pdbx_validate_torsion.auth_seq_id 
_pdbx_validate_torsion.PDB_ins_code 
_pdbx_validate_torsion.label_alt_id 
_pdbx_validate_torsion.phi 
_pdbx_validate_torsion.psi 
1 1 GLU A 71  ? ? 58.07   15.45   
2 1 LYS A 97  ? ? -68.89  -164.96 
3 1 HIS A 137 ? ? -163.48 114.15  
# 
loop_
_pdbx_unobs_or_zero_occ_residues.id 
_pdbx_unobs_or_zero_occ_residues.PDB_model_num 
_pdbx_unobs_or_zero_occ_residues.polymer_flag 
_pdbx_unobs_or_zero_occ_residues.occupancy_flag 
_pdbx_unobs_or_zero_occ_residues.auth_asym_id 
_pdbx_unobs_or_zero_occ_residues.auth_comp_id 
_pdbx_unobs_or_zero_occ_residues.auth_seq_id 
_pdbx_unobs_or_zero_occ_residues.PDB_ins_code 
_pdbx_unobs_or_zero_occ_residues.label_asym_id 
_pdbx_unobs_or_zero_occ_residues.label_comp_id 
_pdbx_unobs_or_zero_occ_residues.label_seq_id 
1  1 Y 1 A MET 1   ? A MET 1   
2  1 Y 1 A SER 2   ? A SER 2   
3  1 Y 1 A GLU 3   ? A GLU 3   
4  1 Y 1 A THR 4   ? A THR 4   
5  1 Y 1 A GLU 5   ? A GLU 5   
6  1 Y 1 A ASN 6   ? A ASN 6   
7  1 Y 1 A GLN 7   ? A GLN 7   
8  1 Y 1 A HIS 207 ? A HIS 207 
9  1 Y 1 A ARG 208 ? A ARG 208 
10 1 Y 1 A HIS 209 ? A HIS 209 
# 
loop_
_chem_comp_atom.comp_id 
_chem_comp_atom.atom_id 
_chem_comp_atom.type_symbol 
_chem_comp_atom.pdbx_aromatic_flag 
_chem_comp_atom.pdbx_stereo_config 
_chem_comp_atom.pdbx_ordinal 
ALA N    N  N N 1   
ALA CA   C  N S 2   
ALA C    C  N N 3   
ALA O    O  N N 4   
ALA CB   C  N N 5   
ALA OXT  O  N N 6   
ALA H    H  N N 7   
ALA H2   H  N N 8   
ALA HA   H  N N 9   
ALA HB1  H  N N 10  
ALA HB2  H  N N 11  
ALA HB3  H  N N 12  
ALA HXT  H  N N 13  
ARG N    N  N N 14  
ARG CA   C  N S 15  
ARG C    C  N N 16  
ARG O    O  N N 17  
ARG CB   C  N N 18  
ARG CG   C  N N 19  
ARG CD   C  N N 20  
ARG NE   N  N N 21  
ARG CZ   C  N N 22  
ARG NH1  N  N N 23  
ARG NH2  N  N N 24  
ARG OXT  O  N N 25  
ARG H    H  N N 26  
ARG H2   H  N N 27  
ARG HA   H  N N 28  
ARG HB2  H  N N 29  
ARG HB3  H  N N 30  
ARG HG2  H  N N 31  
ARG HG3  H  N N 32  
ARG HD2  H  N N 33  
ARG HD3  H  N N 34  
ARG HE   H  N N 35  
ARG HH11 H  N N 36  
ARG HH12 H  N N 37  
ARG HH21 H  N N 38  
ARG HH22 H  N N 39  
ARG HXT  H  N N 40  
ASN N    N  N N 41  
ASN CA   C  N S 42  
ASN C    C  N N 43  
ASN O    O  N N 44  
ASN CB   C  N N 45  
ASN CG   C  N N 46  
ASN OD1  O  N N 47  
ASN ND2  N  N N 48  
ASN OXT  O  N N 49  
ASN H    H  N N 50  
ASN H2   H  N N 51  
ASN HA   H  N N 52  
ASN HB2  H  N N 53  
ASN HB3  H  N N 54  
ASN HD21 H  N N 55  
ASN HD22 H  N N 56  
ASN HXT  H  N N 57  
ASP N    N  N N 58  
ASP CA   C  N S 59  
ASP C    C  N N 60  
ASP O    O  N N 61  
ASP CB   C  N N 62  
ASP CG   C  N N 63  
ASP OD1  O  N N 64  
ASP OD2  O  N N 65  
ASP OXT  O  N N 66  
ASP H    H  N N 67  
ASP H2   H  N N 68  
ASP HA   H  N N 69  
ASP HB2  H  N N 70  
ASP HB3  H  N N 71  
ASP HD2  H  N N 72  
ASP HXT  H  N N 73  
CYS N    N  N N 74  
CYS CA   C  N R 75  
CYS C    C  N N 76  
CYS O    O  N N 77  
CYS CB   C  N N 78  
CYS SG   S  N N 79  
CYS OXT  O  N N 80  
CYS H    H  N N 81  
CYS H2   H  N N 82  
CYS HA   H  N N 83  
CYS HB2  H  N N 84  
CYS HB3  H  N N 85  
CYS HG   H  N N 86  
CYS HXT  H  N N 87  
GLN N    N  N N 88  
GLN CA   C  N S 89  
GLN C    C  N N 90  
GLN O    O  N N 91  
GLN CB   C  N N 92  
GLN CG   C  N N 93  
GLN CD   C  N N 94  
GLN OE1  O  N N 95  
GLN NE2  N  N N 96  
GLN OXT  O  N N 97  
GLN H    H  N N 98  
GLN H2   H  N N 99  
GLN HA   H  N N 100 
GLN HB2  H  N N 101 
GLN HB3  H  N N 102 
GLN HG2  H  N N 103 
GLN HG3  H  N N 104 
GLN HE21 H  N N 105 
GLN HE22 H  N N 106 
GLN HXT  H  N N 107 
GLU N    N  N N 108 
GLU CA   C  N S 109 
GLU C    C  N N 110 
GLU O    O  N N 111 
GLU CB   C  N N 112 
GLU CG   C  N N 113 
GLU CD   C  N N 114 
GLU OE1  O  N N 115 
GLU OE2  O  N N 116 
GLU OXT  O  N N 117 
GLU H    H  N N 118 
GLU H2   H  N N 119 
GLU HA   H  N N 120 
GLU HB2  H  N N 121 
GLU HB3  H  N N 122 
GLU HG2  H  N N 123 
GLU HG3  H  N N 124 
GLU HE2  H  N N 125 
GLU HXT  H  N N 126 
GLY N    N  N N 127 
GLY CA   C  N N 128 
GLY C    C  N N 129 
GLY O    O  N N 130 
GLY OXT  O  N N 131 
GLY H    H  N N 132 
GLY H2   H  N N 133 
GLY HA2  H  N N 134 
GLY HA3  H  N N 135 
GLY HXT  H  N N 136 
HEM CHA  C  N N 137 
HEM CHB  C  N N 138 
HEM CHC  C  N N 139 
HEM CHD  C  N N 140 
HEM C1A  C  Y N 141 
HEM C2A  C  Y N 142 
HEM C3A  C  Y N 143 
HEM C4A  C  Y N 144 
HEM CMA  C  N N 145 
HEM CAA  C  N N 146 
HEM CBA  C  N N 147 
HEM CGA  C  N N 148 
HEM O1A  O  N N 149 
HEM O2A  O  N N 150 
HEM C1B  C  N N 151 
HEM C2B  C  N N 152 
HEM C3B  C  N N 153 
HEM C4B  C  N N 154 
HEM CMB  C  N N 155 
HEM CAB  C  N N 156 
HEM CBB  C  N N 157 
HEM C1C  C  Y N 158 
HEM C2C  C  Y N 159 
HEM C3C  C  Y N 160 
HEM C4C  C  Y N 161 
HEM CMC  C  N N 162 
HEM CAC  C  N N 163 
HEM CBC  C  N N 164 
HEM C1D  C  N N 165 
HEM C2D  C  N N 166 
HEM C3D  C  N N 167 
HEM C4D  C  N N 168 
HEM CMD  C  N N 169 
HEM CAD  C  N N 170 
HEM CBD  C  N N 171 
HEM CGD  C  N N 172 
HEM O1D  O  N N 173 
HEM O2D  O  N N 174 
HEM NA   N  Y N 175 
HEM NB   N  N N 176 
HEM NC   N  Y N 177 
HEM ND   N  N N 178 
HEM FE   FE N N 179 
HEM HHB  H  N N 180 
HEM HHC  H  N N 181 
HEM HHD  H  N N 182 
HEM HMA  H  N N 183 
HEM HMAA H  N N 184 
HEM HMAB H  N N 185 
HEM HAA  H  N N 186 
HEM HAAA H  N N 187 
HEM HBA  H  N N 188 
HEM HBAA H  N N 189 
HEM HMB  H  N N 190 
HEM HMBA H  N N 191 
HEM HMBB H  N N 192 
HEM HAB  H  N N 193 
HEM HBB  H  N N 194 
HEM HBBA H  N N 195 
HEM HMC  H  N N 196 
HEM HMCA H  N N 197 
HEM HMCB H  N N 198 
HEM HAC  H  N N 199 
HEM HBC  H  N N 200 
HEM HBCA H  N N 201 
HEM HMD  H  N N 202 
HEM HMDA H  N N 203 
HEM HMDB H  N N 204 
HEM HAD  H  N N 205 
HEM HADA H  N N 206 
HEM HBD  H  N N 207 
HEM HBDA H  N N 208 
HEM H2A  H  N N 209 
HEM H2D  H  N N 210 
HEM HHA  H  N N 211 
HIS N    N  N N 212 
HIS CA   C  N S 213 
HIS C    C  N N 214 
HIS O    O  N N 215 
HIS CB   C  N N 216 
HIS CG   C  Y N 217 
HIS ND1  N  Y N 218 
HIS CD2  C  Y N 219 
HIS CE1  C  Y N 220 
HIS NE2  N  Y N 221 
HIS OXT  O  N N 222 
HIS H    H  N N 223 
HIS H2   H  N N 224 
HIS HA   H  N N 225 
HIS HB2  H  N N 226 
HIS HB3  H  N N 227 
HIS HD1  H  N N 228 
HIS HD2  H  N N 229 
HIS HE1  H  N N 230 
HIS HE2  H  N N 231 
HIS HXT  H  N N 232 
HOH O    O  N N 233 
HOH H1   H  N N 234 
HOH H2   H  N N 235 
ILE N    N  N N 236 
ILE CA   C  N S 237 
ILE C    C  N N 238 
ILE O    O  N N 239 
ILE CB   C  N S 240 
ILE CG1  C  N N 241 
ILE CG2  C  N N 242 
ILE CD1  C  N N 243 
ILE OXT  O  N N 244 
ILE H    H  N N 245 
ILE H2   H  N N 246 
ILE HA   H  N N 247 
ILE HB   H  N N 248 
ILE HG12 H  N N 249 
ILE HG13 H  N N 250 
ILE HG21 H  N N 251 
ILE HG22 H  N N 252 
ILE HG23 H  N N 253 
ILE HD11 H  N N 254 
ILE HD12 H  N N 255 
ILE HD13 H  N N 256 
ILE HXT  H  N N 257 
LEU N    N  N N 258 
LEU CA   C  N S 259 
LEU C    C  N N 260 
LEU O    O  N N 261 
LEU CB   C  N N 262 
LEU CG   C  N N 263 
LEU CD1  C  N N 264 
LEU CD2  C  N N 265 
LEU OXT  O  N N 266 
LEU H    H  N N 267 
LEU H2   H  N N 268 
LEU HA   H  N N 269 
LEU HB2  H  N N 270 
LEU HB3  H  N N 271 
LEU HG   H  N N 272 
LEU HD11 H  N N 273 
LEU HD12 H  N N 274 
LEU HD13 H  N N 275 
LEU HD21 H  N N 276 
LEU HD22 H  N N 277 
LEU HD23 H  N N 278 
LEU HXT  H  N N 279 
LYS N    N  N N 280 
LYS CA   C  N S 281 
LYS C    C  N N 282 
LYS O    O  N N 283 
LYS CB   C  N N 284 
LYS CG   C  N N 285 
LYS CD   C  N N 286 
LYS CE   C  N N 287 
LYS NZ   N  N N 288 
LYS OXT  O  N N 289 
LYS H    H  N N 290 
LYS H2   H  N N 291 
LYS HA   H  N N 292 
LYS HB2  H  N N 293 
LYS HB3  H  N N 294 
LYS HG2  H  N N 295 
LYS HG3  H  N N 296 
LYS HD2  H  N N 297 
LYS HD3  H  N N 298 
LYS HE2  H  N N 299 
LYS HE3  H  N N 300 
LYS HZ1  H  N N 301 
LYS HZ2  H  N N 302 
LYS HZ3  H  N N 303 
LYS HXT  H  N N 304 
MET N    N  N N 305 
MET CA   C  N S 306 
MET C    C  N N 307 
MET O    O  N N 308 
MET CB   C  N N 309 
MET CG   C  N N 310 
MET SD   S  N N 311 
MET CE   C  N N 312 
MET OXT  O  N N 313 
MET H    H  N N 314 
MET H2   H  N N 315 
MET HA   H  N N 316 
MET HB2  H  N N 317 
MET HB3  H  N N 318 
MET HG2  H  N N 319 
MET HG3  H  N N 320 
MET HE1  H  N N 321 
MET HE2  H  N N 322 
MET HE3  H  N N 323 
MET HXT  H  N N 324 
PHE N    N  N N 325 
PHE CA   C  N S 326 
PHE C    C  N N 327 
PHE O    O  N N 328 
PHE CB   C  N N 329 
PHE CG   C  Y N 330 
PHE CD1  C  Y N 331 
PHE CD2  C  Y N 332 
PHE CE1  C  Y N 333 
PHE CE2  C  Y N 334 
PHE CZ   C  Y N 335 
PHE OXT  O  N N 336 
PHE H    H  N N 337 
PHE H2   H  N N 338 
PHE HA   H  N N 339 
PHE HB2  H  N N 340 
PHE HB3  H  N N 341 
PHE HD1  H  N N 342 
PHE HD2  H  N N 343 
PHE HE1  H  N N 344 
PHE HE2  H  N N 345 
PHE HZ   H  N N 346 
PHE HXT  H  N N 347 
PRO N    N  N N 348 
PRO CA   C  N S 349 
PRO C    C  N N 350 
PRO O    O  N N 351 
PRO CB   C  N N 352 
PRO CG   C  N N 353 
PRO CD   C  N N 354 
PRO OXT  O  N N 355 
PRO H    H  N N 356 
PRO HA   H  N N 357 
PRO HB2  H  N N 358 
PRO HB3  H  N N 359 
PRO HG2  H  N N 360 
PRO HG3  H  N N 361 
PRO HD2  H  N N 362 
PRO HD3  H  N N 363 
PRO HXT  H  N N 364 
SER N    N  N N 365 
SER CA   C  N S 366 
SER C    C  N N 367 
SER O    O  N N 368 
SER CB   C  N N 369 
SER OG   O  N N 370 
SER OXT  O  N N 371 
SER H    H  N N 372 
SER H2   H  N N 373 
SER HA   H  N N 374 
SER HB2  H  N N 375 
SER HB3  H  N N 376 
SER HG   H  N N 377 
SER HXT  H  N N 378 
THR N    N  N N 379 
THR CA   C  N S 380 
THR C    C  N N 381 
THR O    O  N N 382 
THR CB   C  N R 383 
THR OG1  O  N N 384 
THR CG2  C  N N 385 
THR OXT  O  N N 386 
THR H    H  N N 387 
THR H2   H  N N 388 
THR HA   H  N N 389 
THR HB   H  N N 390 
THR HG1  H  N N 391 
THR HG21 H  N N 392 
THR HG22 H  N N 393 
THR HG23 H  N N 394 
THR HXT  H  N N 395 
TRP N    N  N N 396 
TRP CA   C  N S 397 
TRP C    C  N N 398 
TRP O    O  N N 399 
TRP CB   C  N N 400 
TRP CG   C  Y N 401 
TRP CD1  C  Y N 402 
TRP CD2  C  Y N 403 
TRP NE1  N  Y N 404 
TRP CE2  C  Y N 405 
TRP CE3  C  Y N 406 
TRP CZ2  C  Y N 407 
TRP CZ3  C  Y N 408 
TRP CH2  C  Y N 409 
TRP OXT  O  N N 410 
TRP H    H  N N 411 
TRP H2   H  N N 412 
TRP HA   H  N N 413 
TRP HB2  H  N N 414 
TRP HB3  H  N N 415 
TRP HD1  H  N N 416 
TRP HE1  H  N N 417 
TRP HE3  H  N N 418 
TRP HZ2  H  N N 419 
TRP HZ3  H  N N 420 
TRP HH2  H  N N 421 
TRP HXT  H  N N 422 
TYR N    N  N N 423 
TYR CA   C  N S 424 
TYR C    C  N N 425 
TYR O    O  N N 426 
TYR CB   C  N N 427 
TYR CG   C  Y N 428 
TYR CD1  C  Y N 429 
TYR CD2  C  Y N 430 
TYR CE1  C  Y N 431 
TYR CE2  C  Y N 432 
TYR CZ   C  Y N 433 
TYR OH   O  N N 434 
TYR OXT  O  N N 435 
TYR H    H  N N 436 
TYR H2   H  N N 437 
TYR HA   H  N N 438 
TYR HB2  H  N N 439 
TYR HB3  H  N N 440 
TYR HD1  H  N N 441 
TYR HD2  H  N N 442 
TYR HE1  H  N N 443 
TYR HE2  H  N N 444 
TYR HH   H  N N 445 
TYR HXT  H  N N 446 
VAL N    N  N N 447 
VAL CA   C  N S 448 
VAL C    C  N N 449 
VAL O    O  N N 450 
VAL CB   C  N N 451 
VAL CG1  C  N N 452 
VAL CG2  C  N N 453 
VAL OXT  O  N N 454 
VAL H    H  N N 455 
VAL H2   H  N N 456 
VAL HA   H  N N 457 
VAL HB   H  N N 458 
VAL HG11 H  N N 459 
VAL HG12 H  N N 460 
VAL HG13 H  N N 461 
VAL HG21 H  N N 462 
VAL HG22 H  N N 463 
VAL HG23 H  N N 464 
VAL HXT  H  N N 465 
# 
loop_
_chem_comp_bond.comp_id 
_chem_comp_bond.atom_id_1 
_chem_comp_bond.atom_id_2 
_chem_comp_bond.value_order 
_chem_comp_bond.pdbx_aromatic_flag 
_chem_comp_bond.pdbx_stereo_config 
_chem_comp_bond.pdbx_ordinal 
ALA N   CA   sing N N 1   
ALA N   H    sing N N 2   
ALA N   H2   sing N N 3   
ALA CA  C    sing N N 4   
ALA CA  CB   sing N N 5   
ALA CA  HA   sing N N 6   
ALA C   O    doub N N 7   
ALA C   OXT  sing N N 8   
ALA CB  HB1  sing N N 9   
ALA CB  HB2  sing N N 10  
ALA CB  HB3  sing N N 11  
ALA OXT HXT  sing N N 12  
ARG N   CA   sing N N 13  
ARG N   H    sing N N 14  
ARG N   H2   sing N N 15  
ARG CA  C    sing N N 16  
ARG CA  CB   sing N N 17  
ARG CA  HA   sing N N 18  
ARG C   O    doub N N 19  
ARG C   OXT  sing N N 20  
ARG CB  CG   sing N N 21  
ARG CB  HB2  sing N N 22  
ARG CB  HB3  sing N N 23  
ARG CG  CD   sing N N 24  
ARG CG  HG2  sing N N 25  
ARG CG  HG3  sing N N 26  
ARG CD  NE   sing N N 27  
ARG CD  HD2  sing N N 28  
ARG CD  HD3  sing N N 29  
ARG NE  CZ   sing N N 30  
ARG NE  HE   sing N N 31  
ARG CZ  NH1  sing N N 32  
ARG CZ  NH2  doub N N 33  
ARG NH1 HH11 sing N N 34  
ARG NH1 HH12 sing N N 35  
ARG NH2 HH21 sing N N 36  
ARG NH2 HH22 sing N N 37  
ARG OXT HXT  sing N N 38  
ASN N   CA   sing N N 39  
ASN N   H    sing N N 40  
ASN N   H2   sing N N 41  
ASN CA  C    sing N N 42  
ASN CA  CB   sing N N 43  
ASN CA  HA   sing N N 44  
ASN C   O    doub N N 45  
ASN C   OXT  sing N N 46  
ASN CB  CG   sing N N 47  
ASN CB  HB2  sing N N 48  
ASN CB  HB3  sing N N 49  
ASN CG  OD1  doub N N 50  
ASN CG  ND2  sing N N 51  
ASN ND2 HD21 sing N N 52  
ASN ND2 HD22 sing N N 53  
ASN OXT HXT  sing N N 54  
ASP N   CA   sing N N 55  
ASP N   H    sing N N 56  
ASP N   H2   sing N N 57  
ASP CA  C    sing N N 58  
ASP CA  CB   sing N N 59  
ASP CA  HA   sing N N 60  
ASP C   O    doub N N 61  
ASP C   OXT  sing N N 62  
ASP CB  CG   sing N N 63  
ASP CB  HB2  sing N N 64  
ASP CB  HB3  sing N N 65  
ASP CG  OD1  doub N N 66  
ASP CG  OD2  sing N N 67  
ASP OD2 HD2  sing N N 68  
ASP OXT HXT  sing N N 69  
CYS N   CA   sing N N 70  
CYS N   H    sing N N 71  
CYS N   H2   sing N N 72  
CYS CA  C    sing N N 73  
CYS CA  CB   sing N N 74  
CYS CA  HA   sing N N 75  
CYS C   O    doub N N 76  
CYS C   OXT  sing N N 77  
CYS CB  SG   sing N N 78  
CYS CB  HB2  sing N N 79  
CYS CB  HB3  sing N N 80  
CYS SG  HG   sing N N 81  
CYS OXT HXT  sing N N 82  
GLN N   CA   sing N N 83  
GLN N   H    sing N N 84  
GLN N   H2   sing N N 85  
GLN CA  C    sing N N 86  
GLN CA  CB   sing N N 87  
GLN CA  HA   sing N N 88  
GLN C   O    doub N N 89  
GLN C   OXT  sing N N 90  
GLN CB  CG   sing N N 91  
GLN CB  HB2  sing N N 92  
GLN CB  HB3  sing N N 93  
GLN CG  CD   sing N N 94  
GLN CG  HG2  sing N N 95  
GLN CG  HG3  sing N N 96  
GLN CD  OE1  doub N N 97  
GLN CD  NE2  sing N N 98  
GLN NE2 HE21 sing N N 99  
GLN NE2 HE22 sing N N 100 
GLN OXT HXT  sing N N 101 
GLU N   CA   sing N N 102 
GLU N   H    sing N N 103 
GLU N   H2   sing N N 104 
GLU CA  C    sing N N 105 
GLU CA  CB   sing N N 106 
GLU CA  HA   sing N N 107 
GLU C   O    doub N N 108 
GLU C   OXT  sing N N 109 
GLU CB  CG   sing N N 110 
GLU CB  HB2  sing N N 111 
GLU CB  HB3  sing N N 112 
GLU CG  CD   sing N N 113 
GLU CG  HG2  sing N N 114 
GLU CG  HG3  sing N N 115 
GLU CD  OE1  doub N N 116 
GLU CD  OE2  sing N N 117 
GLU OE2 HE2  sing N N 118 
GLU OXT HXT  sing N N 119 
GLY N   CA   sing N N 120 
GLY N   H    sing N N 121 
GLY N   H2   sing N N 122 
GLY CA  C    sing N N 123 
GLY CA  HA2  sing N N 124 
GLY CA  HA3  sing N N 125 
GLY C   O    doub N N 126 
GLY C   OXT  sing N N 127 
GLY OXT HXT  sing N N 128 
HEM CHA C1A  sing N N 129 
HEM CHA C4D  doub N N 130 
HEM CHA HHA  sing N N 131 
HEM CHB C4A  sing N N 132 
HEM CHB C1B  doub N N 133 
HEM CHB HHB  sing N N 134 
HEM CHC C4B  sing N N 135 
HEM CHC C1C  doub N N 136 
HEM CHC HHC  sing N N 137 
HEM CHD C4C  doub N N 138 
HEM CHD C1D  sing N N 139 
HEM CHD HHD  sing N N 140 
HEM C1A C2A  doub Y N 141 
HEM C1A NA   sing Y N 142 
HEM C2A C3A  sing Y N 143 
HEM C2A CAA  sing N N 144 
HEM C3A C4A  doub Y N 145 
HEM C3A CMA  sing N N 146 
HEM C4A NA   sing Y N 147 
HEM CMA HMA  sing N N 148 
HEM CMA HMAA sing N N 149 
HEM CMA HMAB sing N N 150 
HEM CAA CBA  sing N N 151 
HEM CAA HAA  sing N N 152 
HEM CAA HAAA sing N N 153 
HEM CBA CGA  sing N N 154 
HEM CBA HBA  sing N N 155 
HEM CBA HBAA sing N N 156 
HEM CGA O1A  doub N N 157 
HEM CGA O2A  sing N N 158 
HEM C1B C2B  sing N N 159 
HEM C1B NB   sing N N 160 
HEM C2B C3B  doub N N 161 
HEM C2B CMB  sing N N 162 
HEM C3B C4B  sing N N 163 
HEM C3B CAB  sing N N 164 
HEM C4B NB   doub N N 165 
HEM CMB HMB  sing N N 166 
HEM CMB HMBA sing N N 167 
HEM CMB HMBB sing N N 168 
HEM CAB CBB  doub N N 169 
HEM CAB HAB  sing N N 170 
HEM CBB HBB  sing N N 171 
HEM CBB HBBA sing N N 172 
HEM C1C C2C  sing Y N 173 
HEM C1C NC   sing Y N 174 
HEM C2C C3C  doub Y N 175 
HEM C2C CMC  sing N N 176 
HEM C3C C4C  sing Y N 177 
HEM C3C CAC  sing N N 178 
HEM C4C NC   sing Y N 179 
HEM CMC HMC  sing N N 180 
HEM CMC HMCA sing N N 181 
HEM CMC HMCB sing N N 182 
HEM CAC CBC  doub N N 183 
HEM CAC HAC  sing N N 184 
HEM CBC HBC  sing N N 185 
HEM CBC HBCA sing N N 186 
HEM C1D C2D  sing N N 187 
HEM C1D ND   doub N N 188 
HEM C2D C3D  doub N N 189 
HEM C2D CMD  sing N N 190 
HEM C3D C4D  sing N N 191 
HEM C3D CAD  sing N N 192 
HEM C4D ND   sing N N 193 
HEM CMD HMD  sing N N 194 
HEM CMD HMDA sing N N 195 
HEM CMD HMDB sing N N 196 
HEM CAD CBD  sing N N 197 
HEM CAD HAD  sing N N 198 
HEM CAD HADA sing N N 199 
HEM CBD CGD  sing N N 200 
HEM CBD HBD  sing N N 201 
HEM CBD HBDA sing N N 202 
HEM CGD O1D  doub N N 203 
HEM CGD O2D  sing N N 204 
HEM O2A H2A  sing N N 205 
HEM O2D H2D  sing N N 206 
HEM FE  NA   sing N N 207 
HEM FE  NB   sing N N 208 
HEM FE  NC   sing N N 209 
HEM FE  ND   sing N N 210 
HIS N   CA   sing N N 211 
HIS N   H    sing N N 212 
HIS N   H2   sing N N 213 
HIS CA  C    sing N N 214 
HIS CA  CB   sing N N 215 
HIS CA  HA   sing N N 216 
HIS C   O    doub N N 217 
HIS C   OXT  sing N N 218 
HIS CB  CG   sing N N 219 
HIS CB  HB2  sing N N 220 
HIS CB  HB3  sing N N 221 
HIS CG  ND1  sing Y N 222 
HIS CG  CD2  doub Y N 223 
HIS ND1 CE1  doub Y N 224 
HIS ND1 HD1  sing N N 225 
HIS CD2 NE2  sing Y N 226 
HIS CD2 HD2  sing N N 227 
HIS CE1 NE2  sing Y N 228 
HIS CE1 HE1  sing N N 229 
HIS NE2 HE2  sing N N 230 
HIS OXT HXT  sing N N 231 
HOH O   H1   sing N N 232 
HOH O   H2   sing N N 233 
ILE N   CA   sing N N 234 
ILE N   H    sing N N 235 
ILE N   H2   sing N N 236 
ILE CA  C    sing N N 237 
ILE CA  CB   sing N N 238 
ILE CA  HA   sing N N 239 
ILE C   O    doub N N 240 
ILE C   OXT  sing N N 241 
ILE CB  CG1  sing N N 242 
ILE CB  CG2  sing N N 243 
ILE CB  HB   sing N N 244 
ILE CG1 CD1  sing N N 245 
ILE CG1 HG12 sing N N 246 
ILE CG1 HG13 sing N N 247 
ILE CG2 HG21 sing N N 248 
ILE CG2 HG22 sing N N 249 
ILE CG2 HG23 sing N N 250 
ILE CD1 HD11 sing N N 251 
ILE CD1 HD12 sing N N 252 
ILE CD1 HD13 sing N N 253 
ILE OXT HXT  sing N N 254 
LEU N   CA   sing N N 255 
LEU N   H    sing N N 256 
LEU N   H2   sing N N 257 
LEU CA  C    sing N N 258 
LEU CA  CB   sing N N 259 
LEU CA  HA   sing N N 260 
LEU C   O    doub N N 261 
LEU C   OXT  sing N N 262 
LEU CB  CG   sing N N 263 
LEU CB  HB2  sing N N 264 
LEU CB  HB3  sing N N 265 
LEU CG  CD1  sing N N 266 
LEU CG  CD2  sing N N 267 
LEU CG  HG   sing N N 268 
LEU CD1 HD11 sing N N 269 
LEU CD1 HD12 sing N N 270 
LEU CD1 HD13 sing N N 271 
LEU CD2 HD21 sing N N 272 
LEU CD2 HD22 sing N N 273 
LEU CD2 HD23 sing N N 274 
LEU OXT HXT  sing N N 275 
LYS N   CA   sing N N 276 
LYS N   H    sing N N 277 
LYS N   H2   sing N N 278 
LYS CA  C    sing N N 279 
LYS CA  CB   sing N N 280 
LYS CA  HA   sing N N 281 
LYS C   O    doub N N 282 
LYS C   OXT  sing N N 283 
LYS CB  CG   sing N N 284 
LYS CB  HB2  sing N N 285 
LYS CB  HB3  sing N N 286 
LYS CG  CD   sing N N 287 
LYS CG  HG2  sing N N 288 
LYS CG  HG3  sing N N 289 
LYS CD  CE   sing N N 290 
LYS CD  HD2  sing N N 291 
LYS CD  HD3  sing N N 292 
LYS CE  NZ   sing N N 293 
LYS CE  HE2  sing N N 294 
LYS CE  HE3  sing N N 295 
LYS NZ  HZ1  sing N N 296 
LYS NZ  HZ2  sing N N 297 
LYS NZ  HZ3  sing N N 298 
LYS OXT HXT  sing N N 299 
MET N   CA   sing N N 300 
MET N   H    sing N N 301 
MET N   H2   sing N N 302 
MET CA  C    sing N N 303 
MET CA  CB   sing N N 304 
MET CA  HA   sing N N 305 
MET C   O    doub N N 306 
MET C   OXT  sing N N 307 
MET CB  CG   sing N N 308 
MET CB  HB2  sing N N 309 
MET CB  HB3  sing N N 310 
MET CG  SD   sing N N 311 
MET CG  HG2  sing N N 312 
MET CG  HG3  sing N N 313 
MET SD  CE   sing N N 314 
MET CE  HE1  sing N N 315 
MET CE  HE2  sing N N 316 
MET CE  HE3  sing N N 317 
MET OXT HXT  sing N N 318 
PHE N   CA   sing N N 319 
PHE N   H    sing N N 320 
PHE N   H2   sing N N 321 
PHE CA  C    sing N N 322 
PHE CA  CB   sing N N 323 
PHE CA  HA   sing N N 324 
PHE C   O    doub N N 325 
PHE C   OXT  sing N N 326 
PHE CB  CG   sing N N 327 
PHE CB  HB2  sing N N 328 
PHE CB  HB3  sing N N 329 
PHE CG  CD1  doub Y N 330 
PHE CG  CD2  sing Y N 331 
PHE CD1 CE1  sing Y N 332 
PHE CD1 HD1  sing N N 333 
PHE CD2 CE2  doub Y N 334 
PHE CD2 HD2  sing N N 335 
PHE CE1 CZ   doub Y N 336 
PHE CE1 HE1  sing N N 337 
PHE CE2 CZ   sing Y N 338 
PHE CE2 HE2  sing N N 339 
PHE CZ  HZ   sing N N 340 
PHE OXT HXT  sing N N 341 
PRO N   CA   sing N N 342 
PRO N   CD   sing N N 343 
PRO N   H    sing N N 344 
PRO CA  C    sing N N 345 
PRO CA  CB   sing N N 346 
PRO CA  HA   sing N N 347 
PRO C   O    doub N N 348 
PRO C   OXT  sing N N 349 
PRO CB  CG   sing N N 350 
PRO CB  HB2  sing N N 351 
PRO CB  HB3  sing N N 352 
PRO CG  CD   sing N N 353 
PRO CG  HG2  sing N N 354 
PRO CG  HG3  sing N N 355 
PRO CD  HD2  sing N N 356 
PRO CD  HD3  sing N N 357 
PRO OXT HXT  sing N N 358 
SER N   CA   sing N N 359 
SER N   H    sing N N 360 
SER N   H2   sing N N 361 
SER CA  C    sing N N 362 
SER CA  CB   sing N N 363 
SER CA  HA   sing N N 364 
SER C   O    doub N N 365 
SER C   OXT  sing N N 366 
SER CB  OG   sing N N 367 
SER CB  HB2  sing N N 368 
SER CB  HB3  sing N N 369 
SER OG  HG   sing N N 370 
SER OXT HXT  sing N N 371 
THR N   CA   sing N N 372 
THR N   H    sing N N 373 
THR N   H2   sing N N 374 
THR CA  C    sing N N 375 
THR CA  CB   sing N N 376 
THR CA  HA   sing N N 377 
THR C   O    doub N N 378 
THR C   OXT  sing N N 379 
THR CB  OG1  sing N N 380 
THR CB  CG2  sing N N 381 
THR CB  HB   sing N N 382 
THR OG1 HG1  sing N N 383 
THR CG2 HG21 sing N N 384 
THR CG2 HG22 sing N N 385 
THR CG2 HG23 sing N N 386 
THR OXT HXT  sing N N 387 
TRP N   CA   sing N N 388 
TRP N   H    sing N N 389 
TRP N   H2   sing N N 390 
TRP CA  C    sing N N 391 
TRP CA  CB   sing N N 392 
TRP CA  HA   sing N N 393 
TRP C   O    doub N N 394 
TRP C   OXT  sing N N 395 
TRP CB  CG   sing N N 396 
TRP CB  HB2  sing N N 397 
TRP CB  HB3  sing N N 398 
TRP CG  CD1  doub Y N 399 
TRP CG  CD2  sing Y N 400 
TRP CD1 NE1  sing Y N 401 
TRP CD1 HD1  sing N N 402 
TRP CD2 CE2  doub Y N 403 
TRP CD2 CE3  sing Y N 404 
TRP NE1 CE2  sing Y N 405 
TRP NE1 HE1  sing N N 406 
TRP CE2 CZ2  sing Y N 407 
TRP CE3 CZ3  doub Y N 408 
TRP CE3 HE3  sing N N 409 
TRP CZ2 CH2  doub Y N 410 
TRP CZ2 HZ2  sing N N 411 
TRP CZ3 CH2  sing Y N 412 
TRP CZ3 HZ3  sing N N 413 
TRP CH2 HH2  sing N N 414 
TRP OXT HXT  sing N N 415 
TYR N   CA   sing N N 416 
TYR N   H    sing N N 417 
TYR N   H2   sing N N 418 
TYR CA  C    sing N N 419 
TYR CA  CB   sing N N 420 
TYR CA  HA   sing N N 421 
TYR C   O    doub N N 422 
TYR C   OXT  sing N N 423 
TYR CB  CG   sing N N 424 
TYR CB  HB2  sing N N 425 
TYR CB  HB3  sing N N 426 
TYR CG  CD1  doub Y N 427 
TYR CG  CD2  sing Y N 428 
TYR CD1 CE1  sing Y N 429 
TYR CD1 HD1  sing N N 430 
TYR CD2 CE2  doub Y N 431 
TYR CD2 HD2  sing N N 432 
TYR CE1 CZ   doub Y N 433 
TYR CE1 HE1  sing N N 434 
TYR CE2 CZ   sing Y N 435 
TYR CE2 HE2  sing N N 436 
TYR CZ  OH   sing N N 437 
TYR OH  HH   sing N N 438 
TYR OXT HXT  sing N N 439 
VAL N   CA   sing N N 440 
VAL N   H    sing N N 441 
VAL N   H2   sing N N 442 
VAL CA  C    sing N N 443 
VAL CA  CB   sing N N 444 
VAL CA  HA   sing N N 445 
VAL C   O    doub N N 446 
VAL C   OXT  sing N N 447 
VAL CB  CG1  sing N N 448 
VAL CB  CG2  sing N N 449 
VAL CB  HB   sing N N 450 
VAL CG1 HG11 sing N N 451 
VAL CG1 HG12 sing N N 452 
VAL CG1 HG13 sing N N 453 
VAL CG2 HG21 sing N N 454 
VAL CG2 HG22 sing N N 455 
VAL CG2 HG23 sing N N 456 
VAL OXT HXT  sing N N 457 
# 
loop_
_pdbx_entity_nonpoly.entity_id 
_pdbx_entity_nonpoly.name 
_pdbx_entity_nonpoly.comp_id 
2 'PROTOPORPHYRIN IX CONTAINING FE' HEM 
3 water                             HOH 
# 
_pdbx_initial_refinement_model.id               1 
_pdbx_initial_refinement_model.entity_id_list   ? 
_pdbx_initial_refinement_model.type             'experimental model' 
_pdbx_initial_refinement_model.source_name      PDB 
_pdbx_initial_refinement_model.accession_code   1J77 
_pdbx_initial_refinement_model.details          ? 
# 
